data_5I94
#
_entry.id   5I94
#
_cell.length_a   49.440
_cell.length_b   137.790
_cell.length_c   175.755
_cell.angle_alpha   90.00
_cell.angle_beta   94.68
_cell.angle_gamma   90.00
#
_symmetry.space_group_name_H-M   'P 1 21 1'
#
loop_
_entity.id
_entity.type
_entity.pdbx_description
1 polymer 'Glutaminase kidney isoform, mitochondrial'
2 non-polymer 2-phenyl-N-{5-[4-({5-[(phenylacetyl)amino]-1,3,4-thiadiazol-2-yl}oxy)piperidin-1-yl]-1,3,4-thiadiazol-2-yl}acetamide
#
_entity_poly.entity_id   1
_entity_poly.type   'polypeptide(L)'
_entity_poly.pdbx_seq_one_letter_code
;MRGSHHHHHHGSLSSSPSEILQELGKGSTHPQPGVSPPAAPAAPGPKDGPGETDAFGNSEGKELVASGENKIKQGLLPSL
EDLLFYTIAEGQEKIPVHKFITALKSTGLRTSDPRLKECMDMLRLTLQTTSDGVMLDKDLFKKCVQSNIVLLTQAFRRKF
VIPDFMSFTSHIDELYESAKKQSGGKVADYIPQLAKFSPDLWGVSVCTADGQRHSTGDTKVPFCLQSCVKPLKYAIAVND
LGTEYVHRYVGKEPSGLRFNKLFLNEDDKPHNPMVNAGAIVVTSLIKQGVNNAEKFDYVMQFLNKMAGNEYVGFSNATFQ
SERESGDRNFAIGYYLKEKKCFPEGTDMVGILDFYFQLCSIEVTCESASVMAATLANGGFCPITGERVLSPEAVRNTLSL
MHSCGMYDFSGQFAFHVGLPAKSGVAGGILLVVPNVMGMMCWSPPLDKMGNSVKGIHFCHDLVSLCNFHNYDNLRHFAKK
LDPRREGGDQRHSFGPLDYESLQQELALKETVWKKVSPESNEDISTTVVYRMESLGEKS
;
_entity_poly.pdbx_strand_id   A,B,C,D
#
# COMPACT_ATOMS: atom_id res chain seq x y z
N PRO A 78 -54.19 3.37 -49.71
CA PRO A 78 -53.64 2.03 -49.45
C PRO A 78 -53.52 1.73 -47.96
N SER A 79 -52.72 0.71 -47.61
CA SER A 79 -52.52 0.25 -46.22
C SER A 79 -51.08 -0.27 -45.99
N LEU A 80 -50.59 -0.19 -44.75
CA LEU A 80 -49.22 -0.60 -44.39
C LEU A 80 -48.80 -1.96 -44.97
N GLU A 81 -49.79 -2.78 -45.29
CA GLU A 81 -49.59 -4.20 -45.50
C GLU A 81 -49.40 -4.54 -46.96
N ASP A 82 -50.39 -4.19 -47.78
CA ASP A 82 -50.24 -4.41 -49.21
C ASP A 82 -49.18 -3.48 -49.78
N LEU A 83 -48.98 -2.33 -49.14
CA LEU A 83 -47.87 -1.45 -49.52
C LEU A 83 -46.53 -2.18 -49.46
N LEU A 84 -46.33 -2.90 -48.36
CA LEU A 84 -45.16 -3.74 -48.19
C LEU A 84 -45.18 -4.89 -49.22
N PHE A 85 -46.38 -5.26 -49.67
CA PHE A 85 -46.48 -6.35 -50.63
C PHE A 85 -45.78 -6.01 -51.95
N TYR A 86 -45.97 -4.78 -52.43
CA TYR A 86 -45.36 -4.34 -53.70
C TYR A 86 -43.83 -4.25 -53.60
N THR A 87 -43.32 -3.93 -52.40
CA THR A 87 -41.87 -3.81 -52.16
C THR A 87 -41.16 -5.16 -52.38
N ILE A 88 -41.71 -6.24 -51.85
CA ILE A 88 -41.13 -7.57 -52.02
C ILE A 88 -41.49 -8.16 -53.39
N ALA A 89 -42.59 -7.65 -53.96
CA ALA A 89 -43.11 -8.16 -55.22
C ALA A 89 -42.12 -8.01 -56.37
N GLU A 90 -41.74 -6.75 -56.63
CA GLU A 90 -40.75 -6.35 -57.65
C GLU A 90 -41.22 -6.57 -59.09
N GLY A 91 -42.30 -5.89 -59.46
CA GLY A 91 -42.91 -6.09 -60.76
C GLY A 91 -43.79 -7.34 -60.85
N GLN A 92 -43.35 -8.42 -60.20
CA GLN A 92 -43.97 -9.74 -60.31
C GLN A 92 -45.39 -9.79 -59.75
N GLU A 93 -46.06 -10.92 -59.94
CA GLU A 93 -47.51 -11.00 -59.68
C GLU A 93 -47.77 -11.61 -58.32
N LYS A 94 -46.92 -12.57 -57.99
CA LYS A 94 -47.20 -13.62 -57.02
C LYS A 94 -45.96 -13.96 -56.20
N ILE A 95 -45.75 -13.31 -55.06
CA ILE A 95 -44.53 -13.49 -54.24
C ILE A 95 -44.33 -14.91 -53.72
N PRO A 96 -43.27 -15.60 -54.20
CA PRO A 96 -43.04 -16.97 -53.72
C PRO A 96 -42.76 -16.97 -52.22
N VAL A 97 -42.97 -18.09 -51.57
CA VAL A 97 -42.79 -18.14 -50.13
C VAL A 97 -41.30 -18.07 -49.79
N HIS A 98 -40.49 -18.95 -50.40
CA HIS A 98 -39.05 -18.92 -50.19
C HIS A 98 -38.44 -17.52 -50.47
N LYS A 99 -39.06 -16.76 -51.38
CA LYS A 99 -38.59 -15.41 -51.72
C LYS A 99 -38.85 -14.49 -50.54
N PHE A 100 -39.91 -14.77 -49.79
CA PHE A 100 -40.21 -13.97 -48.62
C PHE A 100 -39.27 -14.30 -47.48
N ILE A 101 -39.15 -15.59 -47.17
CA ILE A 101 -38.19 -16.06 -46.19
C ILE A 101 -36.76 -15.58 -46.46
N THR A 102 -36.29 -15.76 -47.69
CA THR A 102 -34.95 -15.31 -48.08
C THR A 102 -34.78 -13.82 -47.79
N ALA A 103 -35.69 -13.00 -48.32
CA ALA A 103 -35.65 -11.57 -48.09
C ALA A 103 -35.76 -11.22 -46.60
N LEU A 104 -36.39 -12.09 -45.83
CA LEU A 104 -36.58 -11.85 -44.40
C LEU A 104 -35.27 -12.03 -43.67
N LYS A 105 -34.64 -13.18 -43.91
CA LYS A 105 -33.37 -13.52 -43.30
C LYS A 105 -32.31 -12.45 -43.56
N SER A 106 -32.34 -11.87 -44.75
CA SER A 106 -31.35 -10.89 -45.16
C SER A 106 -31.46 -9.56 -44.42
N THR A 107 -32.50 -9.42 -43.61
CA THR A 107 -32.65 -8.22 -42.78
C THR A 107 -32.03 -8.41 -41.41
N GLY A 108 -31.65 -9.66 -41.11
CA GLY A 108 -31.14 -9.98 -39.80
C GLY A 108 -32.00 -10.95 -39.01
N LEU A 109 -33.33 -10.87 -39.17
CA LEU A 109 -34.26 -11.66 -38.38
C LEU A 109 -34.13 -13.13 -38.70
N ARG A 110 -34.31 -13.94 -37.66
CA ARG A 110 -34.34 -15.40 -37.76
C ARG A 110 -35.76 -15.84 -37.99
N THR A 111 -35.95 -16.90 -38.76
CA THR A 111 -37.30 -17.41 -39.01
C THR A 111 -38.06 -17.76 -37.71
N SER A 112 -37.32 -18.01 -36.64
CA SER A 112 -37.89 -18.44 -35.36
C SER A 112 -38.07 -17.34 -34.31
N ASP A 113 -37.93 -16.09 -34.74
CA ASP A 113 -38.16 -14.95 -33.83
C ASP A 113 -39.57 -15.00 -33.21
N PRO A 114 -39.62 -14.96 -31.87
CA PRO A 114 -40.88 -14.93 -31.11
C PRO A 114 -41.88 -13.87 -31.59
N ARG A 115 -41.40 -12.67 -31.90
CA ARG A 115 -42.29 -11.58 -32.33
C ARG A 115 -42.94 -11.86 -33.68
N LEU A 116 -42.38 -12.81 -34.43
CA LEU A 116 -42.92 -13.19 -35.72
C LEU A 116 -43.72 -14.45 -35.64
N LYS A 117 -44.18 -14.81 -34.44
CA LYS A 117 -44.86 -16.08 -34.24
C LYS A 117 -46.14 -16.15 -35.09
N GLU A 118 -47.04 -15.19 -34.86
CA GLU A 118 -48.32 -15.18 -35.54
C GLU A 118 -48.21 -15.07 -37.04
N CYS A 119 -47.10 -14.48 -37.51
CA CYS A 119 -46.81 -14.45 -38.92
C CYS A 119 -46.38 -15.82 -39.41
N MET A 120 -45.40 -16.40 -38.73
CA MET A 120 -44.84 -17.67 -39.15
C MET A 120 -45.86 -18.77 -39.00
N ASP A 121 -46.74 -18.64 -38.01
CA ASP A 121 -47.78 -19.64 -37.79
C ASP A 121 -48.77 -19.60 -38.96
N MET A 122 -49.39 -18.45 -39.18
CA MET A 122 -50.25 -18.20 -40.34
C MET A 122 -49.61 -18.72 -41.64
N LEU A 123 -48.29 -18.61 -41.74
CA LEU A 123 -47.55 -19.13 -42.89
C LEU A 123 -47.54 -20.65 -42.95
N ARG A 124 -47.21 -21.30 -41.84
CA ARG A 124 -47.15 -22.76 -41.79
C ARG A 124 -48.56 -23.36 -41.88
N LEU A 125 -49.56 -22.54 -41.55
CA LEU A 125 -50.96 -22.87 -41.69
C LEU A 125 -51.34 -22.84 -43.19
N THR A 126 -51.03 -21.74 -43.87
CA THR A 126 -51.20 -21.61 -45.34
C THR A 126 -50.43 -22.69 -46.10
N LEU A 127 -49.28 -23.09 -45.57
CA LEU A 127 -48.45 -24.14 -46.17
C LEU A 127 -49.10 -25.53 -46.09
N GLN A 128 -50.44 -25.57 -46.06
CA GLN A 128 -51.19 -26.82 -45.94
C GLN A 128 -52.59 -26.76 -46.61
N THR A 129 -53.05 -25.58 -47.05
CA THR A 129 -54.37 -25.47 -47.70
C THR A 129 -54.34 -26.07 -49.12
N THR A 130 -53.10 -26.19 -49.61
CA THR A 130 -52.72 -26.89 -50.84
C THR A 130 -51.18 -26.86 -50.82
N SER A 131 -50.58 -28.00 -50.47
CA SER A 131 -49.14 -28.11 -50.21
C SER A 131 -48.28 -28.13 -51.51
N ASP A 132 -48.57 -27.16 -52.38
CA ASP A 132 -47.93 -27.02 -53.68
C ASP A 132 -47.94 -25.52 -54.00
N GLY A 133 -46.77 -24.89 -53.84
CA GLY A 133 -46.62 -23.49 -54.15
C GLY A 133 -45.42 -22.90 -53.44
N VAL A 134 -45.67 -21.86 -52.64
CA VAL A 134 -46.99 -21.26 -52.53
C VAL A 134 -46.93 -19.78 -52.88
N MET A 135 -47.90 -19.29 -53.64
CA MET A 135 -47.80 -17.94 -54.17
C MET A 135 -48.81 -16.98 -53.52
N LEU A 136 -48.31 -16.14 -52.62
CA LEU A 136 -49.14 -15.16 -51.91
C LEU A 136 -49.59 -14.04 -52.83
N ASP A 137 -50.90 -13.84 -52.93
CA ASP A 137 -51.36 -12.64 -53.60
C ASP A 137 -51.39 -11.51 -52.58
N LYS A 138 -51.79 -10.31 -53.03
CA LYS A 138 -51.97 -9.15 -52.17
C LYS A 138 -52.77 -9.50 -50.89
N ASP A 139 -53.68 -10.46 -51.03
CA ASP A 139 -54.61 -10.82 -49.96
C ASP A 139 -54.06 -11.85 -48.98
N LEU A 140 -53.43 -12.89 -49.51
CA LEU A 140 -52.85 -13.96 -48.70
C LEU A 140 -51.61 -13.47 -47.94
N PHE A 141 -50.80 -12.66 -48.61
CA PHE A 141 -49.68 -11.99 -47.99
C PHE A 141 -50.14 -11.19 -46.77
N LYS A 142 -51.13 -10.32 -46.98
CA LYS A 142 -51.65 -9.48 -45.88
C LYS A 142 -52.19 -10.34 -44.74
N LYS A 143 -52.81 -11.46 -45.08
CA LYS A 143 -53.39 -12.36 -44.08
C LYS A 143 -52.32 -12.96 -43.19
N CYS A 144 -51.15 -13.15 -43.76
CA CYS A 144 -50.04 -13.75 -43.04
C CYS A 144 -49.17 -12.71 -42.34
N VAL A 145 -49.34 -11.43 -42.68
CA VAL A 145 -48.47 -10.43 -42.12
C VAL A 145 -49.19 -9.31 -41.39
N GLN A 146 -50.53 -9.40 -41.29
CA GLN A 146 -51.31 -8.48 -40.46
C GLN A 146 -50.71 -8.28 -39.09
N SER A 147 -50.62 -9.41 -38.40
CA SER A 147 -50.31 -9.48 -36.98
C SER A 147 -49.01 -8.78 -36.59
N ASN A 148 -48.03 -8.79 -37.50
CA ASN A 148 -46.69 -8.29 -37.23
C ASN A 148 -46.25 -7.25 -38.24
N ILE A 149 -47.21 -6.60 -38.89
CA ILE A 149 -46.90 -5.77 -40.03
C ILE A 149 -45.92 -4.66 -39.64
N VAL A 150 -46.11 -4.09 -38.45
CA VAL A 150 -45.23 -3.02 -37.99
C VAL A 150 -43.75 -3.42 -37.95
N LEU A 151 -43.45 -4.64 -37.48
CA LEU A 151 -42.06 -5.10 -37.42
C LEU A 151 -41.56 -5.41 -38.80
N LEU A 152 -42.35 -6.17 -39.54
CA LEU A 152 -42.03 -6.50 -40.93
C LEU A 152 -41.79 -5.25 -41.78
N THR A 153 -42.48 -4.16 -41.47
CA THR A 153 -42.33 -2.93 -42.25
C THR A 153 -41.02 -2.26 -41.89
N GLN A 154 -40.77 -2.12 -40.59
CA GLN A 154 -39.48 -1.62 -40.12
C GLN A 154 -38.32 -2.44 -40.67
N ALA A 155 -38.48 -3.75 -40.73
CA ALA A 155 -37.40 -4.60 -41.18
C ALA A 155 -37.06 -4.37 -42.64
N PHE A 156 -38.10 -4.24 -43.46
CA PHE A 156 -37.88 -4.20 -44.89
C PHE A 156 -37.58 -2.78 -45.36
N ARG A 157 -38.15 -1.78 -44.68
CA ARG A 157 -37.88 -0.37 -44.95
C ARG A 157 -36.53 0.11 -44.39
N ARG A 158 -35.67 -0.85 -44.03
CA ARG A 158 -34.34 -0.58 -43.47
C ARG A 158 -34.37 0.44 -42.33
N LYS A 159 -35.12 0.11 -41.28
CA LYS A 159 -35.37 1.00 -40.16
C LYS A 159 -34.61 0.50 -38.93
N PHE A 160 -34.03 -0.70 -39.04
CA PHE A 160 -33.32 -1.29 -37.91
C PHE A 160 -32.03 -0.55 -37.63
N VAL A 161 -31.49 -0.78 -36.44
CA VAL A 161 -30.36 -0.01 -35.97
C VAL A 161 -29.17 -0.15 -36.90
N ILE A 162 -29.07 -1.31 -37.55
CA ILE A 162 -28.06 -1.58 -38.57
C ILE A 162 -28.78 -1.94 -39.86
N PRO A 163 -28.96 -0.95 -40.76
CA PRO A 163 -29.78 -1.10 -41.97
C PRO A 163 -29.23 -2.11 -42.95
N ASP A 164 -27.95 -2.04 -43.30
CA ASP A 164 -27.43 -3.09 -44.16
C ASP A 164 -26.72 -4.15 -43.33
N PHE A 165 -27.53 -5.02 -42.75
CA PHE A 165 -27.04 -6.10 -41.92
C PHE A 165 -26.16 -7.08 -42.71
N MET A 166 -26.59 -7.46 -43.90
CA MET A 166 -25.81 -8.34 -44.77
C MET A 166 -24.36 -7.88 -44.91
N SER A 167 -24.18 -6.59 -45.16
CA SER A 167 -22.84 -6.05 -45.26
C SER A 167 -22.14 -6.20 -43.94
N PHE A 168 -22.81 -5.78 -42.89
CA PHE A 168 -22.25 -5.77 -41.54
C PHE A 168 -21.72 -7.14 -41.12
N THR A 169 -22.45 -8.20 -41.45
CA THR A 169 -22.02 -9.54 -41.02
C THR A 169 -20.87 -10.07 -41.86
N SER A 170 -20.61 -9.45 -43.00
CA SER A 170 -19.39 -9.73 -43.72
C SER A 170 -18.18 -9.21 -42.97
N HIS A 171 -18.33 -8.07 -42.30
CA HIS A 171 -17.21 -7.54 -41.51
C HIS A 171 -17.01 -8.37 -40.25
N ILE A 172 -18.12 -8.76 -39.62
CA ILE A 172 -18.06 -9.59 -38.44
C ILE A 172 -17.33 -10.87 -38.78
N ASP A 173 -17.65 -11.43 -39.94
CA ASP A 173 -17.03 -12.69 -40.36
C ASP A 173 -15.53 -12.50 -40.59
N GLU A 174 -15.10 -11.39 -41.19
CA GLU A 174 -13.69 -11.12 -41.39
C GLU A 174 -12.95 -10.99 -40.07
N LEU A 175 -13.51 -10.17 -39.19
CA LEU A 175 -12.99 -9.98 -37.83
C LEU A 175 -12.79 -11.32 -37.10
N TYR A 176 -13.72 -12.23 -37.33
CA TYR A 176 -13.66 -13.57 -36.79
C TYR A 176 -12.47 -14.36 -37.34
N GLU A 177 -12.24 -14.31 -38.65
CA GLU A 177 -11.14 -15.08 -39.23
C GLU A 177 -9.79 -14.48 -38.84
N SER A 178 -9.78 -13.16 -38.62
CA SER A 178 -8.60 -12.44 -38.17
C SER A 178 -8.16 -12.88 -36.77
N ALA A 179 -9.13 -13.08 -35.89
CA ALA A 179 -8.85 -13.49 -34.52
C ALA A 179 -8.64 -14.99 -34.45
N LYS A 180 -9.18 -15.71 -35.41
CA LYS A 180 -9.03 -17.16 -35.47
C LYS A 180 -7.56 -17.54 -35.55
N LYS A 181 -6.74 -16.65 -36.13
CA LYS A 181 -5.32 -16.93 -36.35
C LYS A 181 -4.42 -16.68 -35.13
N GLN A 182 -5.03 -16.32 -34.00
CA GLN A 182 -4.30 -16.05 -32.77
C GLN A 182 -4.41 -17.24 -31.78
N SER A 183 -3.46 -18.16 -31.89
CA SER A 183 -3.51 -19.42 -31.16
C SER A 183 -2.93 -19.39 -29.75
N GLY A 184 -2.41 -18.25 -29.32
CA GLY A 184 -1.82 -18.12 -28.00
C GLY A 184 -2.78 -18.34 -26.82
N GLY A 185 -2.23 -18.24 -25.60
CA GLY A 185 -3.02 -18.38 -24.40
C GLY A 185 -3.10 -19.80 -23.88
N LYS A 186 -3.65 -19.98 -22.68
CA LYS A 186 -3.74 -21.30 -22.07
C LYS A 186 -5.12 -21.57 -21.49
N VAL A 187 -5.75 -22.66 -21.92
CA VAL A 187 -7.04 -23.07 -21.40
C VAL A 187 -6.95 -23.22 -19.89
N ALA A 188 -7.95 -22.71 -19.17
CA ALA A 188 -8.00 -22.85 -17.71
C ALA A 188 -7.92 -24.31 -17.36
N ASP A 189 -7.30 -24.66 -16.24
CA ASP A 189 -7.16 -26.07 -15.92
C ASP A 189 -7.27 -26.39 -14.44
N TYR A 190 -7.45 -25.37 -13.60
CA TYR A 190 -7.59 -25.61 -12.17
C TYR A 190 -8.81 -26.50 -11.88
N ILE A 191 -9.66 -26.66 -12.89
CA ILE A 191 -10.84 -27.53 -12.85
C ILE A 191 -10.77 -28.53 -14.02
N PRO A 192 -11.07 -29.82 -13.74
CA PRO A 192 -11.03 -30.83 -14.79
C PRO A 192 -12.00 -30.52 -15.92
N GLN A 193 -13.18 -30.01 -15.55
CA GLN A 193 -14.24 -29.62 -16.50
C GLN A 193 -13.80 -28.62 -17.57
N LEU A 194 -12.60 -28.06 -17.43
CA LEU A 194 -12.20 -26.99 -18.33
C LEU A 194 -11.06 -27.33 -19.26
N ALA A 195 -10.13 -28.18 -18.86
CA ALA A 195 -9.06 -28.52 -19.81
C ALA A 195 -9.58 -29.58 -20.78
N LYS A 196 -10.83 -29.96 -20.59
CA LYS A 196 -11.57 -30.79 -21.54
C LYS A 196 -11.91 -30.02 -22.80
N PHE A 197 -11.88 -28.69 -22.73
CA PHE A 197 -12.28 -27.87 -23.88
C PHE A 197 -11.12 -27.66 -24.87
N SER A 198 -11.36 -27.98 -26.13
CA SER A 198 -10.31 -27.85 -27.13
C SER A 198 -9.97 -26.38 -27.29
N PRO A 199 -8.67 -26.06 -27.38
CA PRO A 199 -8.27 -24.66 -27.46
C PRO A 199 -8.68 -23.99 -28.76
N ASP A 200 -9.36 -24.73 -29.64
CA ASP A 200 -9.73 -24.19 -30.96
C ASP A 200 -11.18 -23.81 -31.06
N LEU A 201 -11.97 -24.11 -30.03
CA LEU A 201 -13.33 -23.61 -29.99
C LEU A 201 -13.32 -22.06 -30.00
N TRP A 202 -14.14 -21.51 -30.89
CA TRP A 202 -14.16 -20.09 -31.15
C TRP A 202 -15.49 -19.76 -31.83
N GLY A 203 -16.33 -19.03 -31.12
CA GLY A 203 -17.62 -18.60 -31.62
C GLY A 203 -17.89 -17.13 -31.33
N VAL A 204 -18.58 -16.48 -32.27
CA VAL A 204 -19.03 -15.11 -32.07
C VAL A 204 -20.50 -15.02 -32.39
N SER A 205 -21.29 -14.41 -31.50
CA SER A 205 -22.72 -14.21 -31.71
C SER A 205 -23.08 -12.76 -31.54
N VAL A 206 -23.85 -12.25 -32.49
CA VAL A 206 -24.30 -10.88 -32.43
C VAL A 206 -25.81 -10.85 -32.30
N CYS A 207 -26.32 -9.99 -31.40
CA CYS A 207 -27.77 -9.70 -31.41
C CYS A 207 -28.00 -8.21 -31.22
N THR A 208 -28.69 -7.59 -32.18
CA THR A 208 -28.80 -6.13 -32.19
C THR A 208 -29.99 -5.76 -31.36
N ALA A 209 -30.10 -4.48 -30.98
CA ALA A 209 -31.24 -4.02 -30.23
C ALA A 209 -32.55 -4.16 -31.01
N ASP A 210 -32.49 -4.54 -32.29
CA ASP A 210 -33.73 -4.73 -33.06
C ASP A 210 -34.03 -6.18 -33.38
N GLY A 211 -33.21 -7.09 -32.88
CA GLY A 211 -33.46 -8.53 -33.02
C GLY A 211 -32.67 -9.21 -34.11
N GLN A 212 -31.77 -8.49 -34.75
CA GLN A 212 -30.98 -9.03 -35.85
C GLN A 212 -29.89 -9.98 -35.37
N ARG A 213 -29.81 -11.17 -35.95
CA ARG A 213 -28.89 -12.17 -35.45
C ARG A 213 -27.83 -12.55 -36.47
N HIS A 214 -26.62 -12.79 -35.98
CA HIS A 214 -25.59 -13.46 -36.75
C HIS A 214 -24.62 -14.24 -35.85
N SER A 215 -24.28 -15.44 -36.30
CA SER A 215 -23.29 -16.22 -35.61
C SER A 215 -22.33 -16.73 -36.63
N THR A 216 -21.06 -16.74 -36.24
CA THR A 216 -20.07 -17.45 -36.99
C THR A 216 -19.23 -18.20 -35.94
N GLY A 217 -19.03 -19.49 -36.14
CA GLY A 217 -18.24 -20.28 -35.21
C GLY A 217 -19.04 -21.27 -34.37
N ASP A 218 -18.39 -21.78 -33.32
CA ASP A 218 -19.02 -22.71 -32.39
C ASP A 218 -19.92 -22.00 -31.40
N THR A 219 -21.05 -21.53 -31.91
CA THR A 219 -21.90 -20.65 -31.16
C THR A 219 -23.04 -21.36 -30.45
N LYS A 220 -23.13 -22.67 -30.63
CA LYS A 220 -24.18 -23.49 -30.01
C LYS A 220 -23.63 -24.48 -29.00
N VAL A 221 -22.32 -24.45 -28.80
CA VAL A 221 -21.68 -25.25 -27.75
C VAL A 221 -21.88 -24.57 -26.39
N PRO A 222 -22.43 -25.30 -25.41
CA PRO A 222 -22.61 -24.70 -24.08
C PRO A 222 -21.32 -24.61 -23.27
N PHE A 223 -21.12 -23.47 -22.60
CA PHE A 223 -20.01 -23.31 -21.67
C PHE A 223 -20.50 -22.58 -20.43
N CYS A 224 -19.74 -22.64 -19.34
CA CYS A 224 -20.18 -21.95 -18.12
C CYS A 224 -19.87 -20.44 -18.16
N LEU A 225 -20.79 -19.66 -17.59
CA LEU A 225 -20.64 -18.21 -17.52
C LEU A 225 -19.46 -17.82 -16.66
N GLN A 226 -19.33 -18.49 -15.51
CA GLN A 226 -18.34 -18.09 -14.52
C GLN A 226 -18.51 -16.58 -14.22
N SER A 227 -17.42 -15.84 -14.14
CA SER A 227 -17.46 -14.44 -13.73
C SER A 227 -18.36 -13.63 -14.68
N CYS A 228 -18.69 -14.18 -15.84
CA CYS A 228 -19.62 -13.50 -16.73
C CYS A 228 -21.01 -13.34 -16.11
N VAL A 229 -21.33 -14.16 -15.11
CA VAL A 229 -22.62 -14.07 -14.45
C VAL A 229 -22.70 -12.84 -13.52
N LYS A 230 -21.54 -12.35 -13.06
CA LYS A 230 -21.51 -11.30 -12.06
C LYS A 230 -22.31 -10.05 -12.46
N PRO A 231 -22.19 -9.58 -13.71
CA PRO A 231 -23.01 -8.40 -14.02
C PRO A 231 -24.51 -8.69 -14.07
N LEU A 232 -24.87 -9.91 -14.45
CA LEU A 232 -26.26 -10.34 -14.51
C LEU A 232 -26.93 -10.41 -13.12
N LYS A 233 -26.21 -10.85 -12.10
CA LYS A 233 -26.85 -10.89 -10.79
C LYS A 233 -26.75 -9.54 -10.07
N TYR A 234 -25.86 -8.67 -10.52
CA TYR A 234 -25.88 -7.30 -10.02
C TYR A 234 -27.12 -6.61 -10.54
N ALA A 235 -27.35 -6.79 -11.84
CA ALA A 235 -28.54 -6.31 -12.51
C ALA A 235 -29.78 -6.72 -11.73
N ILE A 236 -29.95 -8.03 -11.56
CA ILE A 236 -31.13 -8.59 -10.89
C ILE A 236 -31.35 -7.94 -9.53
N ALA A 237 -30.28 -7.88 -8.74
CA ALA A 237 -30.33 -7.32 -7.40
C ALA A 237 -30.80 -5.88 -7.39
N VAL A 238 -30.06 -5.03 -8.09
CA VAL A 238 -30.49 -3.65 -8.28
C VAL A 238 -31.93 -3.56 -8.81
N ASN A 239 -32.33 -4.39 -9.77
CA ASN A 239 -33.73 -4.43 -10.22
C ASN A 239 -34.72 -4.75 -9.08
N ASP A 240 -34.32 -5.61 -8.15
CA ASP A 240 -35.21 -5.99 -7.07
C ASP A 240 -35.11 -5.08 -5.85
N LEU A 241 -33.96 -4.44 -5.65
CA LEU A 241 -33.71 -3.78 -4.37
C LEU A 241 -33.35 -2.30 -4.54
N GLY A 242 -32.98 -1.91 -5.74
CA GLY A 242 -32.65 -0.53 -6.01
C GLY A 242 -31.21 -0.22 -5.68
N THR A 243 -30.70 0.86 -6.26
CA THR A 243 -29.29 1.21 -6.10
C THR A 243 -28.85 1.35 -4.67
N GLU A 244 -29.56 2.15 -3.92
CA GLU A 244 -29.10 2.59 -2.61
C GLU A 244 -28.97 1.42 -1.63
N TYR A 245 -29.93 0.50 -1.63
CA TYR A 245 -29.80 -0.70 -0.80
C TYR A 245 -28.63 -1.58 -1.21
N VAL A 246 -28.48 -1.84 -2.52
CA VAL A 246 -27.41 -2.72 -2.98
C VAL A 246 -26.05 -2.14 -2.61
N HIS A 247 -25.88 -0.84 -2.82
CA HIS A 247 -24.59 -0.23 -2.57
C HIS A 247 -24.36 0.21 -1.13
N ARG A 248 -25.16 -0.30 -0.19
CA ARG A 248 -24.78 -0.31 1.22
C ARG A 248 -23.75 -1.38 1.44
N TYR A 249 -23.89 -2.46 0.68
CA TYR A 249 -23.12 -3.65 0.94
C TYR A 249 -21.87 -3.77 0.04
N VAL A 250 -21.90 -3.12 -1.13
CA VAL A 250 -20.81 -3.25 -2.09
C VAL A 250 -20.48 -1.91 -2.77
N GLY A 251 -19.19 -1.64 -3.00
CA GLY A 251 -18.74 -0.36 -3.53
C GLY A 251 -19.11 -0.16 -4.98
N LYS A 252 -18.65 0.93 -5.58
CA LYS A 252 -18.94 1.10 -7.00
C LYS A 252 -17.81 1.66 -7.84
N GLU A 253 -16.57 1.54 -7.36
CA GLU A 253 -15.40 2.00 -8.13
C GLU A 253 -14.48 0.83 -8.40
N PRO A 254 -13.54 0.98 -9.37
CA PRO A 254 -12.46 -0.01 -9.48
C PRO A 254 -11.43 0.20 -8.37
N SER A 255 -10.60 -0.79 -8.09
CA SER A 255 -9.89 -0.79 -6.81
C SER A 255 -8.50 -0.15 -6.83
N GLY A 256 -7.62 -0.63 -7.69
CA GLY A 256 -6.24 -0.19 -7.63
C GLY A 256 -5.29 -1.00 -8.49
N LEU A 257 -3.99 -0.75 -8.34
CA LEU A 257 -2.98 -1.27 -9.28
C LEU A 257 -3.03 -2.79 -9.48
N ARG A 258 -2.32 -3.59 -8.68
CA ARG A 258 -2.39 -5.05 -8.84
C ARG A 258 -3.67 -5.61 -8.22
N PHE A 259 -4.56 -4.69 -7.81
CA PHE A 259 -5.62 -4.96 -6.86
C PHE A 259 -6.67 -5.96 -7.36
N ASN A 260 -6.60 -7.11 -6.70
CA ASN A 260 -7.24 -8.39 -6.99
C ASN A 260 -7.03 -9.03 -5.63
N LYS A 261 -6.39 -8.18 -4.84
CA LYS A 261 -5.74 -8.43 -3.56
C LYS A 261 -6.58 -8.01 -2.35
N LEU A 262 -6.68 -6.72 -2.05
CA LEU A 262 -7.48 -6.28 -0.90
C LEU A 262 -8.95 -6.66 -1.08
N PHE A 263 -9.55 -7.30 -0.08
CA PHE A 263 -10.94 -7.75 -0.24
C PHE A 263 -11.94 -6.65 0.09
N LEU A 264 -11.48 -5.54 0.64
CA LEU A 264 -12.38 -4.46 1.03
C LEU A 264 -11.78 -3.11 0.74
N ASN A 265 -12.64 -2.15 0.39
CA ASN A 265 -12.24 -0.75 0.31
C ASN A 265 -12.12 -0.17 1.70
N GLU A 266 -12.15 1.15 1.81
CA GLU A 266 -11.92 1.76 3.11
C GLU A 266 -13.16 1.82 3.99
N ASP A 267 -14.33 1.70 3.39
CA ASP A 267 -15.55 1.67 4.17
C ASP A 267 -15.95 0.25 4.56
N ASP A 268 -15.07 -0.70 4.27
CA ASP A 268 -15.28 -2.12 4.59
C ASP A 268 -16.38 -2.78 3.77
N LYS A 269 -16.63 -2.26 2.56
CA LYS A 269 -17.44 -2.94 1.54
C LYS A 269 -16.50 -3.47 0.47
N PRO A 270 -16.89 -4.53 -0.22
CA PRO A 270 -16.08 -4.91 -1.38
C PRO A 270 -16.05 -3.77 -2.40
N HIS A 271 -14.99 -3.69 -3.21
CA HIS A 271 -14.72 -2.52 -4.04
C HIS A 271 -15.80 -2.25 -5.08
N ASN A 272 -16.31 -3.32 -5.66
CA ASN A 272 -17.34 -3.22 -6.69
C ASN A 272 -17.93 -4.61 -6.91
N PRO A 273 -19.07 -4.70 -7.60
CA PRO A 273 -19.74 -5.98 -7.80
C PRO A 273 -19.09 -6.88 -8.87
N MET A 274 -17.94 -6.47 -9.40
CA MET A 274 -17.29 -7.23 -10.45
C MET A 274 -16.09 -8.00 -9.95
N VAL A 275 -15.75 -7.82 -8.68
CA VAL A 275 -14.71 -8.64 -8.06
C VAL A 275 -15.30 -9.69 -7.10
N ASN A 276 -14.51 -10.72 -6.75
CA ASN A 276 -15.10 -11.90 -6.12
C ASN A 276 -15.73 -11.59 -4.77
N ALA A 277 -15.08 -10.73 -3.99
CA ALA A 277 -15.67 -10.27 -2.73
C ALA A 277 -17.05 -9.61 -2.96
N GLY A 278 -17.15 -8.72 -3.95
CA GLY A 278 -18.42 -8.07 -4.30
C GLY A 278 -19.53 -8.98 -4.81
N ALA A 279 -19.20 -9.82 -5.80
CA ALA A 279 -20.11 -10.86 -6.28
C ALA A 279 -20.72 -11.66 -5.14
N ILE A 280 -19.86 -12.07 -4.20
CA ILE A 280 -20.28 -12.92 -3.09
C ILE A 280 -21.27 -12.18 -2.19
N VAL A 281 -20.98 -10.91 -1.92
CA VAL A 281 -21.93 -10.11 -1.17
C VAL A 281 -23.24 -9.99 -1.95
N VAL A 282 -23.12 -9.74 -3.25
CA VAL A 282 -24.28 -9.49 -4.09
C VAL A 282 -25.19 -10.71 -4.16
N THR A 283 -24.56 -11.88 -4.23
CA THR A 283 -25.30 -13.13 -4.19
C THR A 283 -26.14 -13.20 -2.92
N SER A 284 -25.64 -12.60 -1.84
CA SER A 284 -26.30 -12.70 -0.57
C SER A 284 -27.46 -11.71 -0.41
N LEU A 285 -27.59 -10.76 -1.33
CA LEU A 285 -28.70 -9.84 -1.28
C LEU A 285 -29.94 -10.40 -2.01
N ILE A 286 -29.71 -11.39 -2.87
CA ILE A 286 -30.75 -11.85 -3.80
C ILE A 286 -31.76 -12.83 -3.22
N LYS A 287 -33.02 -12.39 -3.22
CA LYS A 287 -34.15 -13.24 -2.81
C LYS A 287 -33.93 -13.82 -1.43
N GLN A 288 -33.76 -12.93 -0.47
CA GLN A 288 -33.48 -13.35 0.90
C GLN A 288 -34.68 -14.03 1.53
N GLY A 289 -34.42 -14.96 2.44
CA GLY A 289 -35.52 -15.60 3.16
C GLY A 289 -36.24 -16.73 2.44
N VAL A 290 -35.75 -17.15 1.29
CA VAL A 290 -36.13 -18.45 0.73
C VAL A 290 -34.88 -19.29 0.66
N ASN A 291 -35.02 -20.59 0.42
CA ASN A 291 -33.83 -21.46 0.45
C ASN A 291 -33.12 -21.47 -0.89
N ASN A 292 -31.96 -22.13 -0.95
CA ASN A 292 -31.09 -21.99 -2.10
C ASN A 292 -31.70 -22.59 -3.34
N ALA A 293 -32.61 -23.53 -3.18
CA ALA A 293 -33.25 -24.15 -4.34
C ALA A 293 -34.20 -23.18 -5.04
N GLU A 294 -35.05 -22.52 -4.26
CA GLU A 294 -35.92 -21.47 -4.77
C GLU A 294 -35.12 -20.32 -5.38
N LYS A 295 -34.12 -19.84 -4.64
CA LYS A 295 -33.28 -18.72 -5.06
C LYS A 295 -32.72 -18.98 -6.44
N PHE A 296 -32.27 -20.20 -6.66
CA PHE A 296 -31.65 -20.56 -7.92
C PHE A 296 -32.67 -20.58 -9.05
N ASP A 297 -33.83 -21.20 -8.81
CA ASP A 297 -34.94 -21.17 -9.76
C ASP A 297 -35.25 -19.73 -10.20
N TYR A 298 -35.31 -18.82 -9.23
CA TYR A 298 -35.55 -17.41 -9.50
C TYR A 298 -34.53 -16.77 -10.47
N VAL A 299 -33.24 -16.98 -10.22
CA VAL A 299 -32.22 -16.42 -11.12
C VAL A 299 -32.31 -17.07 -12.51
N MET A 300 -32.50 -18.38 -12.55
CA MET A 300 -32.74 -19.07 -13.80
C MET A 300 -33.90 -18.43 -14.58
N GLN A 301 -35.09 -18.36 -13.97
CA GLN A 301 -36.23 -17.69 -14.58
C GLN A 301 -35.83 -16.32 -15.14
N PHE A 302 -34.89 -15.64 -14.47
CA PHE A 302 -34.63 -14.26 -14.76
C PHE A 302 -33.72 -14.25 -15.98
N LEU A 303 -32.80 -15.22 -16.03
CA LEU A 303 -31.90 -15.34 -17.17
C LEU A 303 -32.67 -15.78 -18.39
N ASN A 304 -33.71 -16.57 -18.21
CA ASN A 304 -34.54 -16.98 -19.32
C ASN A 304 -35.24 -15.79 -19.99
N LYS A 305 -35.74 -14.85 -19.19
CA LYS A 305 -36.31 -13.64 -19.75
C LYS A 305 -35.24 -12.87 -20.55
N MET A 306 -34.04 -12.74 -19.99
CA MET A 306 -32.97 -11.96 -20.64
C MET A 306 -32.44 -12.58 -21.91
N ALA A 307 -32.55 -13.90 -22.01
CA ALA A 307 -32.09 -14.63 -23.19
C ALA A 307 -33.23 -14.99 -24.17
N GLY A 308 -34.36 -14.27 -24.06
CA GLY A 308 -35.50 -14.53 -24.93
C GLY A 308 -35.88 -16.00 -25.02
N ASN A 309 -35.60 -16.72 -23.94
CA ASN A 309 -35.89 -18.15 -23.80
C ASN A 309 -35.02 -19.05 -24.66
N GLU A 310 -33.87 -18.54 -25.10
CA GLU A 310 -32.85 -19.40 -25.68
C GLU A 310 -32.08 -20.13 -24.56
N TYR A 311 -31.03 -20.86 -24.94
CA TYR A 311 -30.44 -21.85 -24.04
C TYR A 311 -29.84 -21.28 -22.76
N VAL A 312 -30.35 -21.72 -21.63
CA VAL A 312 -29.71 -21.47 -20.34
C VAL A 312 -29.72 -22.79 -19.60
N GLY A 313 -28.54 -23.26 -19.19
CA GLY A 313 -28.44 -24.51 -18.47
C GLY A 313 -27.65 -24.44 -17.18
N PHE A 314 -27.25 -25.61 -16.71
CA PHE A 314 -26.47 -25.74 -15.48
C PHE A 314 -25.57 -26.95 -15.57
N SER A 315 -24.39 -26.84 -14.99
CA SER A 315 -23.36 -27.84 -15.14
C SER A 315 -22.89 -28.38 -13.80
N ASN A 316 -23.61 -29.37 -13.27
CA ASN A 316 -23.39 -29.87 -11.92
C ASN A 316 -21.97 -30.38 -11.71
N ALA A 317 -21.38 -30.91 -12.77
CA ALA A 317 -19.97 -31.27 -12.76
C ALA A 317 -19.10 -30.08 -12.32
N THR A 318 -19.19 -28.98 -13.07
CA THR A 318 -18.46 -27.75 -12.77
C THR A 318 -18.79 -27.24 -11.36
N PHE A 319 -20.04 -27.39 -10.95
CA PHE A 319 -20.47 -26.97 -9.61
C PHE A 319 -19.73 -27.76 -8.54
N GLN A 320 -19.66 -29.08 -8.71
CA GLN A 320 -18.95 -29.90 -7.73
C GLN A 320 -17.46 -29.56 -7.70
N SER A 321 -16.84 -29.48 -8.86
CA SER A 321 -15.41 -29.20 -8.96
C SER A 321 -15.06 -27.83 -8.40
N GLU A 322 -15.95 -26.86 -8.62
CA GLU A 322 -15.71 -25.49 -8.20
C GLU A 322 -15.78 -25.35 -6.68
N ARG A 323 -16.47 -26.27 -6.02
CA ARG A 323 -16.68 -26.10 -4.59
C ARG A 323 -15.60 -26.80 -3.76
N GLU A 324 -15.33 -28.07 -4.03
CA GLU A 324 -14.42 -28.83 -3.19
C GLU A 324 -13.00 -28.34 -3.42
N SER A 325 -12.86 -27.51 -4.45
CA SER A 325 -11.60 -26.88 -4.79
C SER A 325 -11.70 -25.35 -4.92
N GLY A 326 -12.13 -24.67 -3.85
CA GLY A 326 -12.32 -23.25 -3.92
C GLY A 326 -12.11 -22.61 -2.58
N ASP A 327 -10.94 -22.87 -2.01
CA ASP A 327 -10.61 -22.35 -0.70
C ASP A 327 -10.53 -20.81 -0.71
N ARG A 328 -10.11 -20.20 -1.81
CA ARG A 328 -10.02 -18.74 -1.81
C ARG A 328 -11.38 -18.10 -1.61
N ASN A 329 -12.40 -18.68 -2.23
CA ASN A 329 -13.75 -18.16 -2.03
C ASN A 329 -14.16 -18.35 -0.58
N PHE A 330 -13.71 -19.44 0.05
CA PHE A 330 -14.03 -19.66 1.45
C PHE A 330 -13.27 -18.69 2.33
N ALA A 331 -12.04 -18.39 1.92
CA ALA A 331 -11.24 -17.37 2.58
C ALA A 331 -11.99 -16.03 2.63
N ILE A 332 -12.47 -15.59 1.49
CA ILE A 332 -13.20 -14.32 1.37
C ILE A 332 -14.49 -14.35 2.16
N GLY A 333 -15.15 -15.50 2.16
CA GLY A 333 -16.40 -15.68 2.88
C GLY A 333 -16.27 -15.43 4.36
N TYR A 334 -15.29 -16.06 4.98
CA TYR A 334 -15.08 -15.83 6.39
C TYR A 334 -14.60 -14.40 6.66
N TYR A 335 -13.83 -13.82 5.73
CA TYR A 335 -13.36 -12.46 5.94
C TYR A 335 -14.55 -11.51 5.93
N LEU A 336 -15.42 -11.69 4.93
CA LEU A 336 -16.64 -10.91 4.81
C LEU A 336 -17.47 -11.06 6.07
N LYS A 337 -17.64 -12.31 6.53
CA LYS A 337 -18.47 -12.59 7.71
C LYS A 337 -17.99 -11.85 8.95
N GLU A 338 -16.67 -11.85 9.15
CA GLU A 338 -16.09 -11.25 10.34
C GLU A 338 -16.19 -9.73 10.33
N LYS A 339 -16.10 -9.12 9.14
CA LYS A 339 -16.19 -7.67 9.04
C LYS A 339 -17.62 -7.22 8.87
N LYS A 340 -18.55 -8.19 8.92
CA LYS A 340 -19.98 -7.93 8.93
C LYS A 340 -20.48 -7.19 7.69
N CYS A 341 -20.27 -7.82 6.54
CA CYS A 341 -20.56 -7.27 5.22
C CYS A 341 -21.85 -7.83 4.61
N PHE A 342 -22.34 -8.94 5.17
CA PHE A 342 -23.58 -9.58 4.74
C PHE A 342 -24.81 -9.02 5.47
N PRO A 343 -25.99 -9.07 4.83
CA PRO A 343 -27.25 -8.72 5.53
C PRO A 343 -27.45 -9.55 6.80
N GLU A 344 -28.24 -9.02 7.75
CA GLU A 344 -28.52 -9.72 9.00
C GLU A 344 -29.14 -11.07 8.73
N GLY A 345 -28.63 -12.11 9.40
CA GLY A 345 -29.17 -13.45 9.24
C GLY A 345 -28.78 -14.10 7.92
N THR A 346 -27.50 -13.98 7.57
CA THR A 346 -26.94 -14.61 6.39
C THR A 346 -26.19 -15.89 6.73
N ASP A 347 -26.57 -17.02 6.12
CA ASP A 347 -25.81 -18.25 6.32
C ASP A 347 -24.71 -18.33 5.27
N MET A 348 -23.56 -17.78 5.62
CA MET A 348 -22.43 -17.57 4.72
C MET A 348 -22.01 -18.78 3.88
N VAL A 349 -21.80 -19.93 4.52
CA VAL A 349 -21.42 -21.13 3.79
C VAL A 349 -22.50 -21.46 2.76
N GLY A 350 -23.75 -21.26 3.16
CA GLY A 350 -24.87 -21.41 2.27
C GLY A 350 -24.72 -20.54 1.05
N ILE A 351 -24.50 -19.25 1.29
CA ILE A 351 -24.29 -18.27 0.23
C ILE A 351 -23.18 -18.66 -0.75
N LEU A 352 -22.06 -19.16 -0.22
CA LEU A 352 -20.98 -19.56 -1.10
C LEU A 352 -21.45 -20.55 -2.12
N ASP A 353 -22.22 -21.54 -1.68
CA ASP A 353 -22.69 -22.59 -2.60
C ASP A 353 -23.68 -22.05 -3.61
N PHE A 354 -24.52 -21.09 -3.18
CA PHE A 354 -25.35 -20.40 -4.16
C PHE A 354 -24.42 -19.84 -5.23
N TYR A 355 -23.38 -19.11 -4.78
CA TYR A 355 -22.39 -18.48 -5.67
C TYR A 355 -21.72 -19.51 -6.60
N PHE A 356 -21.40 -20.69 -6.07
CA PHE A 356 -20.79 -21.74 -6.89
C PHE A 356 -21.75 -22.27 -7.95
N GLN A 357 -23.03 -22.36 -7.59
CA GLN A 357 -24.06 -22.77 -8.54
C GLN A 357 -24.14 -21.74 -9.66
N LEU A 358 -24.13 -20.47 -9.29
CA LEU A 358 -24.30 -19.39 -10.23
C LEU A 358 -23.14 -19.30 -11.23
N CYS A 359 -21.93 -19.59 -10.77
CA CYS A 359 -20.79 -19.61 -11.68
C CYS A 359 -20.89 -20.74 -12.70
N SER A 360 -21.70 -21.75 -12.39
CA SER A 360 -21.83 -22.96 -13.21
C SER A 360 -23.06 -22.95 -14.11
N ILE A 361 -23.72 -21.81 -14.23
CA ILE A 361 -24.81 -21.67 -15.19
C ILE A 361 -24.24 -21.75 -16.61
N GLU A 362 -24.94 -22.40 -17.52
CA GLU A 362 -24.40 -22.55 -18.87
C GLU A 362 -25.18 -21.75 -19.90
N VAL A 363 -24.49 -21.33 -20.94
CA VAL A 363 -25.10 -20.56 -22.01
C VAL A 363 -24.43 -20.99 -23.28
N THR A 364 -24.90 -20.45 -24.38
CA THR A 364 -24.21 -20.64 -25.64
C THR A 364 -23.88 -19.25 -26.09
N CYS A 365 -22.98 -19.13 -27.05
CA CYS A 365 -22.71 -17.82 -27.62
C CYS A 365 -24.00 -17.14 -27.98
N GLU A 366 -24.86 -17.89 -28.65
CA GLU A 366 -26.09 -17.33 -29.15
C GLU A 366 -26.94 -16.84 -28.01
N SER A 367 -27.23 -17.72 -27.07
CA SER A 367 -28.19 -17.36 -26.03
C SER A 367 -27.69 -16.15 -25.24
N ALA A 368 -26.39 -16.16 -24.95
CA ALA A 368 -25.83 -15.13 -24.09
C ALA A 368 -25.78 -13.77 -24.79
N SER A 369 -25.64 -13.81 -26.12
CA SER A 369 -25.60 -12.57 -26.91
C SER A 369 -26.95 -11.86 -26.90
N VAL A 370 -28.01 -12.60 -26.61
CA VAL A 370 -29.28 -11.95 -26.43
C VAL A 370 -29.30 -11.22 -25.09
N MET A 371 -28.87 -11.95 -24.04
CA MET A 371 -28.75 -11.39 -22.69
C MET A 371 -28.00 -10.07 -22.73
N ALA A 372 -26.93 -10.09 -23.52
CA ALA A 372 -26.10 -8.92 -23.75
C ALA A 372 -26.85 -7.86 -24.53
N ALA A 373 -27.73 -8.28 -25.42
CA ALA A 373 -28.52 -7.34 -26.19
C ALA A 373 -29.64 -6.73 -25.34
N THR A 374 -30.03 -7.44 -24.29
CA THR A 374 -31.00 -6.90 -23.35
C THR A 374 -30.42 -5.68 -22.60
N LEU A 375 -29.13 -5.73 -22.30
CA LEU A 375 -28.47 -4.60 -21.62
C LEU A 375 -28.22 -3.49 -22.57
N ALA A 376 -28.06 -3.84 -23.85
CA ALA A 376 -27.88 -2.86 -24.92
C ALA A 376 -29.16 -2.07 -25.16
N ASN A 377 -30.27 -2.67 -24.78
CA ASN A 377 -31.57 -2.18 -25.14
C ASN A 377 -32.41 -1.65 -23.97
N GLY A 378 -31.76 -1.02 -23.00
CA GLY A 378 -32.47 -0.37 -21.92
C GLY A 378 -33.25 -1.30 -21.03
N GLY A 379 -32.94 -2.59 -21.08
CA GLY A 379 -33.61 -3.54 -20.21
C GLY A 379 -34.75 -4.32 -20.84
N PHE A 380 -35.06 -4.00 -22.09
CA PHE A 380 -36.11 -4.69 -22.86
C PHE A 380 -35.48 -5.76 -23.73
N CYS A 381 -36.00 -6.98 -23.69
CA CYS A 381 -35.44 -8.05 -24.52
C CYS A 381 -35.75 -7.88 -26.00
N PRO A 382 -34.71 -7.65 -26.82
CA PRO A 382 -34.80 -7.41 -28.26
C PRO A 382 -35.66 -8.40 -29.03
N ILE A 383 -35.75 -9.66 -28.65
CA ILE A 383 -36.53 -10.62 -29.44
C ILE A 383 -37.86 -11.06 -28.82
N THR A 384 -38.32 -10.35 -27.80
CA THR A 384 -39.64 -10.65 -27.24
C THR A 384 -40.42 -9.34 -26.99
N GLY A 385 -39.72 -8.30 -26.59
CA GLY A 385 -40.36 -7.03 -26.29
C GLY A 385 -40.57 -6.87 -24.80
N GLU A 386 -40.33 -7.94 -24.07
CA GLU A 386 -40.54 -7.98 -22.63
C GLU A 386 -39.57 -7.09 -21.80
N ARG A 387 -40.10 -6.25 -20.90
CA ARG A 387 -39.27 -5.48 -19.97
C ARG A 387 -38.72 -6.39 -18.89
N VAL A 388 -37.40 -6.57 -18.89
CA VAL A 388 -36.77 -7.55 -18.04
C VAL A 388 -36.07 -6.92 -16.85
N LEU A 389 -35.40 -5.79 -17.09
CA LEU A 389 -34.65 -5.07 -16.07
C LEU A 389 -34.99 -3.60 -16.11
N SER A 390 -34.94 -2.94 -14.97
CA SER A 390 -35.19 -1.50 -14.90
C SER A 390 -34.02 -0.70 -15.45
N PRO A 391 -34.28 0.55 -15.85
CA PRO A 391 -33.22 1.35 -16.45
C PRO A 391 -32.08 1.61 -15.47
N GLU A 392 -32.44 1.76 -14.22
CA GLU A 392 -31.46 1.93 -13.16
C GLU A 392 -30.50 0.74 -13.15
N ALA A 393 -31.05 -0.46 -13.26
CA ALA A 393 -30.24 -1.66 -13.14
C ALA A 393 -29.28 -1.74 -14.30
N VAL A 394 -29.82 -1.52 -15.49
CA VAL A 394 -29.07 -1.67 -16.70
C VAL A 394 -27.99 -0.61 -16.79
N ARG A 395 -28.29 0.60 -16.35
CA ARG A 395 -27.28 1.66 -16.43
C ARG A 395 -26.16 1.42 -15.41
N ASN A 396 -26.55 1.02 -14.20
CA ASN A 396 -25.58 0.70 -13.16
C ASN A 396 -24.62 -0.40 -13.60
N THR A 397 -25.18 -1.43 -14.23
CA THR A 397 -24.40 -2.59 -14.62
C THR A 397 -23.41 -2.24 -15.72
N LEU A 398 -23.86 -1.43 -16.68
CA LEU A 398 -23.01 -1.04 -17.79
C LEU A 398 -21.89 -0.11 -17.31
N SER A 399 -22.18 0.80 -16.40
CA SER A 399 -21.14 1.61 -15.75
C SER A 399 -20.01 0.77 -15.10
N LEU A 400 -20.37 -0.28 -14.39
CA LEU A 400 -19.37 -1.02 -13.64
C LEU A 400 -18.67 -2.04 -14.52
N MET A 401 -19.31 -2.46 -15.60
CA MET A 401 -18.63 -3.40 -16.48
C MET A 401 -17.53 -2.64 -17.18
N HIS A 402 -17.82 -1.39 -17.51
CA HIS A 402 -16.91 -0.50 -18.19
C HIS A 402 -15.55 -0.47 -17.51
N SER A 403 -15.58 -0.25 -16.20
CA SER A 403 -14.39 0.08 -15.44
C SER A 403 -13.82 -1.09 -14.66
N CYS A 404 -14.56 -2.19 -14.61
CA CYS A 404 -14.26 -3.29 -13.69
C CYS A 404 -14.42 -4.66 -14.32
N GLY A 405 -14.66 -4.69 -15.62
CA GLY A 405 -15.18 -5.90 -16.24
C GLY A 405 -14.20 -6.93 -16.76
N MET A 406 -12.91 -6.60 -16.80
CA MET A 406 -11.91 -7.45 -17.45
C MET A 406 -10.71 -7.70 -16.54
N TYR A 407 -10.99 -7.84 -15.25
CA TYR A 407 -9.96 -8.09 -14.24
C TYR A 407 -8.90 -7.00 -14.32
N ASP A 408 -7.62 -7.37 -14.26
CA ASP A 408 -6.54 -6.39 -14.31
C ASP A 408 -6.47 -5.58 -15.62
N PHE A 409 -6.97 -6.15 -16.72
CA PHE A 409 -6.94 -5.52 -18.03
C PHE A 409 -8.00 -4.41 -18.20
N SER A 410 -8.79 -4.16 -17.15
CA SER A 410 -9.96 -3.28 -17.17
C SER A 410 -9.75 -1.85 -17.68
N GLY A 411 -8.79 -1.15 -17.09
CA GLY A 411 -8.46 0.20 -17.52
C GLY A 411 -7.89 0.27 -18.92
N GLN A 412 -7.16 -0.77 -19.32
CA GLN A 412 -6.60 -0.84 -20.66
C GLN A 412 -7.73 -1.13 -21.66
N PHE A 413 -8.63 -2.05 -21.32
CA PHE A 413 -9.81 -2.29 -22.14
C PHE A 413 -10.58 -1.00 -22.31
N ALA A 414 -10.86 -0.36 -21.17
CA ALA A 414 -11.65 0.87 -21.16
C ALA A 414 -11.12 1.89 -22.16
N PHE A 415 -9.80 2.06 -22.17
CA PHE A 415 -9.14 3.08 -22.97
C PHE A 415 -9.16 2.73 -24.43
N HIS A 416 -8.82 1.49 -24.76
CA HIS A 416 -8.70 1.10 -26.15
C HIS A 416 -10.04 0.68 -26.75
N VAL A 417 -10.76 -0.21 -26.09
CA VAL A 417 -12.02 -0.69 -26.67
C VAL A 417 -13.19 0.23 -26.37
N GLY A 418 -13.23 0.80 -25.17
CA GLY A 418 -14.31 1.68 -24.78
C GLY A 418 -15.72 1.10 -24.84
N LEU A 419 -15.89 -0.16 -24.43
CA LEU A 419 -17.21 -0.78 -24.36
C LEU A 419 -17.38 -1.50 -23.04
N PRO A 420 -18.62 -1.59 -22.53
CA PRO A 420 -18.89 -2.45 -21.36
C PRO A 420 -18.72 -3.92 -21.74
N ALA A 421 -17.91 -4.65 -20.99
CA ALA A 421 -17.76 -6.06 -21.27
C ALA A 421 -17.47 -6.79 -19.97
N LYS A 422 -17.77 -8.09 -19.93
CA LYS A 422 -17.39 -8.90 -18.78
C LYS A 422 -16.83 -10.21 -19.26
N SER A 423 -15.72 -10.61 -18.65
CA SER A 423 -14.99 -11.82 -19.07
C SER A 423 -15.09 -12.95 -18.04
N GLY A 424 -14.80 -14.17 -18.48
CA GLY A 424 -14.97 -15.35 -17.65
C GLY A 424 -13.90 -16.38 -17.93
N VAL A 425 -13.52 -17.13 -16.90
CA VAL A 425 -12.40 -18.06 -17.01
C VAL A 425 -12.62 -19.18 -18.05
N ALA A 426 -13.88 -19.41 -18.43
CA ALA A 426 -14.23 -20.38 -19.45
C ALA A 426 -13.93 -19.89 -20.87
N GLY A 427 -13.54 -18.64 -21.03
CA GLY A 427 -13.28 -18.13 -22.36
C GLY A 427 -14.35 -17.18 -22.92
N GLY A 428 -15.31 -16.82 -22.08
CA GLY A 428 -16.37 -15.94 -22.53
C GLY A 428 -16.04 -14.48 -22.35
N ILE A 429 -16.45 -13.65 -23.31
CA ILE A 429 -16.46 -12.21 -23.11
C ILE A 429 -17.80 -11.70 -23.54
N LEU A 430 -18.56 -11.16 -22.58
CA LEU A 430 -19.91 -10.64 -22.82
C LEU A 430 -19.85 -9.14 -23.13
N LEU A 431 -20.12 -8.78 -24.37
CA LEU A 431 -19.87 -7.42 -24.82
C LEU A 431 -21.15 -6.68 -25.21
N VAL A 432 -21.20 -5.40 -24.86
CA VAL A 432 -22.41 -4.60 -25.03
C VAL A 432 -22.06 -3.31 -25.77
N VAL A 433 -22.73 -3.07 -26.89
CA VAL A 433 -22.58 -1.81 -27.61
C VAL A 433 -23.88 -1.05 -27.47
N PRO A 434 -23.98 -0.22 -26.42
CA PRO A 434 -25.21 0.47 -26.03
C PRO A 434 -25.95 1.08 -27.21
N ASN A 435 -27.27 0.85 -27.25
CA ASN A 435 -28.16 1.34 -28.30
C ASN A 435 -27.96 0.69 -29.67
N VAL A 436 -26.85 -0.05 -29.86
CA VAL A 436 -26.59 -0.76 -31.10
C VAL A 436 -26.82 -2.27 -31.04
N MET A 437 -26.10 -2.96 -30.15
CA MET A 437 -26.17 -4.42 -30.09
C MET A 437 -25.54 -5.03 -28.83
N GLY A 438 -25.81 -6.32 -28.62
CA GLY A 438 -25.15 -7.10 -27.60
C GLY A 438 -24.43 -8.24 -28.26
N MET A 439 -23.41 -8.77 -27.58
CA MET A 439 -22.56 -9.82 -28.15
C MET A 439 -22.05 -10.81 -27.13
N MET A 440 -21.49 -11.91 -27.62
CA MET A 440 -20.81 -12.88 -26.73
C MET A 440 -19.75 -13.66 -27.49
N CYS A 441 -18.47 -13.44 -27.17
CA CYS A 441 -17.36 -14.14 -27.81
C CYS A 441 -16.92 -15.27 -26.92
N TRP A 442 -16.42 -16.34 -27.52
CA TRP A 442 -15.97 -17.47 -26.72
C TRP A 442 -14.81 -18.24 -27.34
N SER A 443 -13.66 -18.21 -26.68
CA SER A 443 -12.55 -19.09 -26.99
C SER A 443 -11.88 -19.41 -25.66
N PRO A 444 -11.77 -20.71 -25.32
CA PRO A 444 -11.27 -21.10 -24.00
C PRO A 444 -9.84 -20.64 -23.63
N PRO A 445 -8.89 -20.56 -24.59
CA PRO A 445 -7.52 -20.20 -24.15
C PRO A 445 -7.39 -18.77 -23.60
N LEU A 446 -6.93 -18.64 -22.36
CA LEU A 446 -6.83 -17.32 -21.71
C LEU A 446 -5.41 -16.70 -21.74
N ASP A 447 -5.32 -15.38 -21.86
CA ASP A 447 -4.03 -14.72 -21.71
C ASP A 447 -3.65 -14.61 -20.23
N LYS A 448 -2.52 -13.96 -19.93
CA LYS A 448 -1.99 -14.02 -18.58
C LYS A 448 -2.86 -13.28 -17.56
N MET A 449 -3.84 -12.51 -18.03
CA MET A 449 -4.75 -11.86 -17.10
C MET A 449 -6.08 -12.61 -16.99
N GLY A 450 -6.19 -13.73 -17.69
CA GLY A 450 -7.37 -14.59 -17.64
C GLY A 450 -8.46 -14.26 -18.65
N ASN A 451 -8.13 -13.42 -19.63
CA ASN A 451 -9.06 -13.03 -20.69
C ASN A 451 -8.84 -13.79 -22.00
N SER A 452 -9.93 -14.26 -22.59
CA SER A 452 -9.87 -14.94 -23.86
C SER A 452 -9.04 -14.16 -24.88
N VAL A 453 -7.96 -14.78 -25.36
CA VAL A 453 -7.02 -14.20 -26.32
C VAL A 453 -7.71 -13.78 -27.60
N LYS A 454 -8.49 -14.70 -28.18
CA LYS A 454 -9.21 -14.41 -29.43
C LYS A 454 -10.26 -13.35 -29.19
N GLY A 455 -10.90 -13.41 -28.03
CA GLY A 455 -11.94 -12.46 -27.70
C GLY A 455 -11.39 -11.04 -27.67
N ILE A 456 -10.33 -10.86 -26.87
CA ILE A 456 -9.67 -9.56 -26.74
C ILE A 456 -9.28 -9.01 -28.11
N HIS A 457 -8.69 -9.87 -28.92
CA HIS A 457 -8.29 -9.49 -30.27
C HIS A 457 -9.51 -9.02 -31.06
N PHE A 458 -10.60 -9.79 -31.00
CA PHE A 458 -11.84 -9.43 -31.70
C PHE A 458 -12.35 -8.07 -31.25
N CYS A 459 -12.43 -7.85 -29.95
CA CYS A 459 -12.92 -6.57 -29.45
C CYS A 459 -12.07 -5.37 -29.84
N HIS A 460 -10.77 -5.58 -30.02
CA HIS A 460 -9.91 -4.49 -30.45
C HIS A 460 -10.17 -4.13 -31.88
N ASP A 461 -10.33 -5.17 -32.69
CA ASP A 461 -10.57 -5.01 -34.11
C ASP A 461 -11.95 -4.42 -34.35
N LEU A 462 -12.93 -4.86 -33.54
CA LEU A 462 -14.29 -4.38 -33.68
C LEU A 462 -14.27 -2.87 -33.67
N VAL A 463 -13.71 -2.32 -32.60
CA VAL A 463 -13.68 -0.87 -32.44
C VAL A 463 -12.68 -0.19 -33.38
N SER A 464 -11.64 -0.91 -33.80
CA SER A 464 -10.69 -0.37 -34.79
C SER A 464 -11.39 -0.05 -36.09
N LEU A 465 -12.35 -0.92 -36.43
CA LEU A 465 -13.15 -0.82 -37.65
C LEU A 465 -14.39 0.08 -37.53
N CYS A 466 -15.14 0.00 -36.43
CA CYS A 466 -16.37 0.79 -36.29
C CYS A 466 -16.29 1.89 -35.24
N ASN A 467 -17.15 2.90 -35.34
CA ASN A 467 -17.18 3.97 -34.34
C ASN A 467 -18.11 3.63 -33.15
N PHE A 468 -17.91 2.45 -32.60
CA PHE A 468 -18.68 1.96 -31.46
C PHE A 468 -18.04 2.32 -30.13
N HIS A 469 -16.80 2.83 -30.17
CA HIS A 469 -16.09 3.22 -28.96
C HIS A 469 -16.92 4.27 -28.27
N ASN A 470 -17.11 4.10 -26.96
CA ASN A 470 -17.96 4.99 -26.17
C ASN A 470 -17.70 6.47 -26.42
N TYR A 471 -16.49 6.82 -26.82
CA TYR A 471 -16.14 8.21 -27.11
C TYR A 471 -15.65 8.43 -28.53
N ASP A 472 -16.19 7.66 -29.47
CA ASP A 472 -16.10 8.03 -30.87
C ASP A 472 -17.16 9.06 -31.13
N ASN A 473 -17.02 9.80 -32.22
CA ASN A 473 -18.04 10.75 -32.59
C ASN A 473 -19.01 10.14 -33.58
N LEU A 474 -20.30 10.35 -33.37
CA LEU A 474 -21.30 9.90 -34.33
C LEU A 474 -21.24 10.66 -35.68
N ARG A 475 -20.82 11.93 -35.66
CA ARG A 475 -20.72 12.76 -36.88
C ARG A 475 -19.32 12.84 -37.54
N HIS A 476 -18.25 13.01 -36.75
CA HIS A 476 -16.89 13.07 -37.29
C HIS A 476 -16.04 11.90 -36.83
N PHE A 477 -16.00 10.81 -37.61
CA PHE A 477 -15.28 9.62 -37.18
C PHE A 477 -14.22 9.16 -38.17
N ALA A 478 -13.54 10.12 -38.77
CA ALA A 478 -12.37 9.85 -39.59
C ALA A 478 -12.60 8.71 -40.59
N LYS A 479 -11.72 7.71 -40.54
CA LYS A 479 -11.78 6.61 -41.49
C LYS A 479 -12.43 5.37 -40.88
N LYS A 480 -13.32 5.59 -39.92
CA LYS A 480 -14.08 4.48 -39.39
C LYS A 480 -15.43 4.32 -40.12
N LEU A 481 -15.95 3.11 -40.03
CA LEU A 481 -17.23 2.74 -40.63
C LEU A 481 -18.35 2.84 -39.61
N ASP A 482 -19.49 3.43 -40.01
CA ASP A 482 -20.64 3.49 -39.11
C ASP A 482 -21.78 2.63 -39.67
N PRO A 483 -21.98 1.43 -39.09
CA PRO A 483 -22.99 0.47 -39.57
C PRO A 483 -24.40 0.94 -39.32
N ARG A 484 -24.54 1.94 -38.45
CA ARG A 484 -25.82 2.58 -38.20
C ARG A 484 -26.28 3.45 -39.37
N ARG A 485 -25.34 3.92 -40.16
CA ARG A 485 -25.70 4.74 -41.31
C ARG A 485 -25.84 3.88 -42.54
N GLU A 486 -26.70 4.33 -43.45
CA GLU A 486 -26.62 3.95 -44.85
C GLU A 486 -26.11 5.15 -45.65
N GLY A 487 -26.75 6.30 -45.45
CA GLY A 487 -26.25 7.60 -45.94
C GLY A 487 -26.27 8.66 -44.83
N PRO B 78 -38.45 25.09 -56.46
CA PRO B 78 -37.71 26.36 -56.43
C PRO B 78 -36.40 26.26 -55.66
N SER B 79 -35.88 27.43 -55.28
CA SER B 79 -34.61 27.59 -54.58
C SER B 79 -34.69 27.30 -53.08
N LEU B 80 -33.58 26.80 -52.51
CA LEU B 80 -33.44 26.65 -51.06
C LEU B 80 -33.75 27.97 -50.39
N GLU B 81 -33.18 29.00 -50.98
CA GLU B 81 -33.06 30.27 -50.34
C GLU B 81 -34.36 31.00 -50.00
N ASP B 82 -35.47 30.55 -50.56
CA ASP B 82 -36.71 31.22 -50.24
C ASP B 82 -37.90 30.25 -50.24
N LEU B 83 -37.60 28.96 -50.32
CA LEU B 83 -38.44 28.01 -49.60
C LEU B 83 -38.39 28.50 -48.16
N LEU B 84 -37.16 28.70 -47.69
CA LEU B 84 -36.90 29.21 -46.35
C LEU B 84 -37.58 30.57 -46.11
N PHE B 85 -37.73 31.37 -47.16
CA PHE B 85 -38.41 32.67 -47.05
C PHE B 85 -39.88 32.48 -46.68
N TYR B 86 -40.61 31.73 -47.50
CA TYR B 86 -42.02 31.47 -47.25
C TYR B 86 -42.20 30.92 -45.84
N THR B 87 -41.24 30.10 -45.42
CA THR B 87 -41.18 29.51 -44.08
C THR B 87 -41.24 30.55 -42.95
N ILE B 88 -40.44 31.61 -43.06
CA ILE B 88 -40.39 32.63 -42.01
C ILE B 88 -41.40 33.73 -42.28
N ALA B 89 -41.73 33.88 -43.57
CA ALA B 89 -42.56 34.98 -44.04
C ALA B 89 -44.01 34.84 -43.60
N GLU B 90 -44.36 33.64 -43.11
CA GLU B 90 -45.73 33.35 -42.72
C GLU B 90 -46.65 33.44 -43.94
N GLY B 91 -47.64 34.31 -43.85
CA GLY B 91 -48.52 34.58 -44.97
C GLY B 91 -48.15 35.83 -45.75
N GLN B 92 -47.55 36.81 -45.06
CA GLN B 92 -47.23 38.10 -45.70
C GLN B 92 -46.19 37.98 -46.82
N GLU B 93 -45.69 39.12 -47.26
CA GLU B 93 -44.83 39.18 -48.44
C GLU B 93 -43.45 39.74 -48.13
N LYS B 94 -43.33 40.42 -46.99
CA LYS B 94 -42.03 40.93 -46.54
C LYS B 94 -41.81 40.73 -45.03
N ILE B 95 -40.76 39.97 -44.72
CA ILE B 95 -40.32 39.73 -43.35
C ILE B 95 -39.66 40.94 -42.72
N PRO B 96 -40.21 41.42 -41.59
CA PRO B 96 -39.46 42.47 -40.89
C PRO B 96 -38.06 41.98 -40.58
N VAL B 97 -37.11 42.90 -40.43
CA VAL B 97 -35.77 42.45 -40.08
C VAL B 97 -35.78 41.98 -38.64
N HIS B 98 -36.46 42.71 -37.76
CA HIS B 98 -36.50 42.35 -36.35
C HIS B 98 -37.18 40.99 -36.13
N LYS B 99 -38.05 40.57 -37.05
CA LYS B 99 -38.70 39.27 -36.92
C LYS B 99 -37.70 38.15 -37.20
N PHE B 100 -37.13 38.15 -38.40
CA PHE B 100 -36.12 37.17 -38.80
C PHE B 100 -35.02 36.98 -37.77
N ILE B 101 -34.52 38.10 -37.24
CA ILE B 101 -33.52 38.06 -36.20
C ILE B 101 -34.06 37.33 -34.98
N THR B 102 -35.25 37.71 -34.50
CA THR B 102 -35.82 37.04 -33.33
C THR B 102 -36.06 35.53 -33.59
N ALA B 103 -36.30 35.15 -34.84
CA ALA B 103 -36.41 33.73 -35.17
C ALA B 103 -35.05 33.03 -35.01
N LEU B 104 -34.08 33.49 -35.78
CA LEU B 104 -32.70 33.03 -35.67
C LEU B 104 -32.21 32.87 -34.22
N LYS B 105 -32.37 33.91 -33.41
CA LYS B 105 -31.92 33.85 -32.02
C LYS B 105 -32.57 32.74 -31.21
N SER B 106 -33.78 32.33 -31.61
CA SER B 106 -34.53 31.34 -30.85
C SER B 106 -34.05 29.94 -31.12
N THR B 107 -33.44 29.73 -32.29
CA THR B 107 -32.76 28.46 -32.58
C THR B 107 -31.44 28.35 -31.78
N GLY B 108 -31.15 29.35 -30.96
CA GLY B 108 -29.97 29.34 -30.12
C GLY B 108 -28.69 29.81 -30.79
N LEU B 109 -28.77 30.14 -32.08
CA LEU B 109 -27.64 30.74 -32.77
C LEU B 109 -27.41 32.17 -32.31
N ARG B 110 -26.15 32.56 -32.25
CA ARG B 110 -25.77 33.92 -31.87
C ARG B 110 -25.62 34.81 -33.08
N THR B 111 -26.12 36.03 -32.97
CA THR B 111 -26.12 36.90 -34.12
C THR B 111 -24.67 37.25 -34.47
N SER B 112 -23.77 36.99 -33.52
CA SER B 112 -22.33 37.13 -33.73
C SER B 112 -21.61 35.85 -34.18
N ASP B 113 -22.37 34.80 -34.48
CA ASP B 113 -21.79 33.54 -34.97
C ASP B 113 -20.92 33.76 -36.20
N PRO B 114 -19.65 33.39 -36.11
CA PRO B 114 -18.72 33.45 -37.23
C PRO B 114 -19.25 32.80 -38.52
N ARG B 115 -20.05 31.75 -38.42
CA ARG B 115 -20.54 31.11 -39.64
C ARG B 115 -21.65 31.93 -40.28
N LEU B 116 -22.11 32.95 -39.58
CA LEU B 116 -23.20 33.76 -40.08
C LEU B 116 -22.73 35.16 -40.38
N LYS B 117 -21.42 35.37 -40.50
CA LYS B 117 -20.86 36.71 -40.70
C LYS B 117 -21.32 37.36 -42.01
N GLU B 118 -21.17 36.63 -43.13
CA GLU B 118 -21.58 37.11 -44.45
C GLU B 118 -23.01 37.65 -44.38
N CYS B 119 -23.91 36.83 -43.88
CA CYS B 119 -25.33 37.16 -43.82
C CYS B 119 -25.70 38.32 -42.88
N MET B 120 -25.09 38.40 -41.70
CA MET B 120 -25.32 39.53 -40.80
C MET B 120 -24.76 40.83 -41.37
N ASP B 121 -23.62 40.75 -42.05
CA ASP B 121 -23.01 41.92 -42.66
C ASP B 121 -23.87 42.49 -43.78
N MET B 122 -24.43 41.61 -44.60
CA MET B 122 -25.36 42.04 -45.61
C MET B 122 -26.59 42.73 -44.99
N LEU B 123 -27.18 42.10 -43.98
CA LEU B 123 -28.34 42.67 -43.30
C LEU B 123 -28.09 44.08 -42.78
N ARG B 124 -26.93 44.26 -42.15
CA ARG B 124 -26.50 45.53 -41.57
C ARG B 124 -26.26 46.58 -42.68
N LEU B 125 -25.66 46.11 -43.77
CA LEU B 125 -25.41 46.91 -44.96
C LEU B 125 -26.74 47.32 -45.59
N THR B 126 -27.72 46.45 -45.45
CA THR B 126 -29.02 46.64 -46.06
C THR B 126 -29.86 47.60 -45.23
N LEU B 127 -29.75 47.50 -43.92
CA LEU B 127 -30.41 48.47 -43.05
C LEU B 127 -29.87 49.87 -43.29
N GLN B 128 -28.67 49.95 -43.87
CA GLN B 128 -28.03 51.24 -44.12
C GLN B 128 -28.51 51.84 -45.41
N THR B 129 -28.57 51.02 -46.45
CA THR B 129 -28.82 51.46 -47.83
C THR B 129 -30.30 51.60 -48.14
N THR B 130 -31.13 51.37 -47.12
CA THR B 130 -32.56 51.65 -47.20
C THR B 130 -33.05 51.99 -45.79
N SER B 131 -32.96 53.26 -45.41
CA SER B 131 -33.61 53.68 -44.15
C SER B 131 -35.09 53.32 -44.32
N ASP B 132 -35.57 53.67 -45.52
CA ASP B 132 -36.64 53.01 -46.26
C ASP B 132 -36.84 51.50 -45.90
N GLY B 133 -37.57 51.22 -44.83
CA GLY B 133 -37.77 49.84 -44.38
C GLY B 133 -38.70 49.68 -43.18
N VAL B 134 -38.39 48.73 -42.31
CA VAL B 134 -37.16 47.94 -42.43
C VAL B 134 -37.44 46.49 -42.89
N MET B 135 -38.12 46.33 -44.02
CA MET B 135 -38.60 44.99 -44.42
C MET B 135 -38.02 44.37 -45.70
N LEU B 136 -37.82 43.06 -45.61
CA LEU B 136 -37.13 42.30 -46.62
C LEU B 136 -38.10 41.60 -47.54
N ASP B 137 -38.06 41.92 -48.83
CA ASP B 137 -38.85 41.14 -49.78
C ASP B 137 -38.11 39.87 -50.15
N LYS B 138 -38.62 39.18 -51.17
CA LYS B 138 -38.14 37.87 -51.59
C LYS B 138 -36.66 37.88 -52.01
N ASP B 139 -36.26 38.84 -52.84
CA ASP B 139 -34.92 38.89 -53.43
C ASP B 139 -33.93 39.60 -52.53
N LEU B 140 -34.47 40.49 -51.69
CA LEU B 140 -33.70 41.17 -50.67
C LEU B 140 -33.26 40.15 -49.62
N PHE B 141 -34.21 39.32 -49.20
CA PHE B 141 -33.93 38.21 -48.30
C PHE B 141 -32.95 37.23 -48.95
N LYS B 142 -33.15 36.94 -50.23
CA LYS B 142 -32.29 36.02 -50.94
C LYS B 142 -30.87 36.52 -51.06
N LYS B 143 -30.65 37.83 -51.09
CA LYS B 143 -29.28 38.31 -51.27
C LYS B 143 -28.57 38.49 -49.92
N CYS B 144 -29.28 38.24 -48.83
CA CYS B 144 -28.68 38.26 -47.50
C CYS B 144 -28.31 36.87 -47.04
N VAL B 145 -29.21 35.92 -47.28
CA VAL B 145 -29.04 34.59 -46.71
C VAL B 145 -28.44 33.58 -47.69
N GLN B 146 -28.19 34.00 -48.93
CA GLN B 146 -27.65 33.05 -49.91
C GLN B 146 -26.28 32.59 -49.46
N SER B 147 -25.59 33.50 -48.78
CA SER B 147 -24.24 33.30 -48.27
C SER B 147 -24.15 32.07 -47.38
N ASN B 148 -24.98 32.08 -46.35
CA ASN B 148 -24.98 31.00 -45.38
C ASN B 148 -26.30 30.26 -45.37
N ILE B 149 -26.71 29.75 -46.52
CA ILE B 149 -28.06 29.21 -46.62
C ILE B 149 -28.09 27.79 -46.05
N VAL B 150 -26.99 27.07 -46.17
CA VAL B 150 -26.96 25.72 -45.63
C VAL B 150 -27.19 25.70 -44.11
N LEU B 151 -26.42 26.50 -43.37
CA LEU B 151 -26.56 26.54 -41.93
C LEU B 151 -27.88 27.21 -41.51
N LEU B 152 -28.33 28.19 -42.28
CA LEU B 152 -29.60 28.83 -41.93
C LEU B 152 -30.78 27.90 -42.13
N THR B 153 -30.70 27.00 -43.10
CA THR B 153 -31.81 26.09 -43.36
C THR B 153 -31.94 25.11 -42.20
N GLN B 154 -30.83 24.48 -41.85
CA GLN B 154 -30.79 23.52 -40.75
C GLN B 154 -31.33 24.07 -39.44
N ALA B 155 -30.99 25.31 -39.12
CA ALA B 155 -31.49 25.94 -37.89
C ALA B 155 -33.00 26.13 -37.92
N PHE B 156 -33.52 26.51 -39.07
CA PHE B 156 -34.92 26.91 -39.14
C PHE B 156 -35.82 25.72 -39.35
N ARG B 157 -35.25 24.61 -39.79
CA ARG B 157 -36.05 23.39 -39.92
C ARG B 157 -35.79 22.38 -38.80
N ARG B 158 -35.36 22.90 -37.65
CA ARG B 158 -35.12 22.10 -36.47
C ARG B 158 -34.22 20.88 -36.71
N LYS B 159 -33.23 21.04 -37.59
CA LYS B 159 -32.27 19.97 -37.84
C LYS B 159 -31.06 20.04 -36.91
N PHE B 160 -31.10 20.85 -35.86
CA PHE B 160 -30.01 20.90 -34.89
C PHE B 160 -30.14 19.82 -33.79
N VAL B 161 -29.03 19.57 -33.10
CA VAL B 161 -28.91 18.42 -32.20
C VAL B 161 -29.92 18.51 -31.06
N ILE B 162 -30.33 19.74 -30.76
CA ILE B 162 -31.39 20.00 -29.80
C ILE B 162 -32.41 20.93 -30.43
N PRO B 163 -33.50 20.36 -30.97
CA PRO B 163 -34.43 21.15 -31.82
C PRO B 163 -35.18 22.27 -31.09
N ASP B 164 -35.94 21.96 -30.05
CA ASP B 164 -36.56 23.02 -29.26
C ASP B 164 -35.57 23.52 -28.20
N PHE B 165 -34.69 24.40 -28.64
CA PHE B 165 -33.60 24.91 -27.82
C PHE B 165 -34.07 25.95 -26.82
N MET B 166 -35.17 26.62 -27.13
CA MET B 166 -35.76 27.57 -26.21
C MET B 166 -36.27 26.83 -24.97
N SER B 167 -36.96 25.71 -25.18
CA SER B 167 -37.42 24.90 -24.05
C SER B 167 -36.24 24.44 -23.19
N PHE B 168 -35.21 23.93 -23.88
CA PHE B 168 -34.03 23.42 -23.22
C PHE B 168 -33.43 24.46 -22.27
N THR B 169 -33.30 25.70 -22.70
CA THR B 169 -32.58 26.67 -21.88
C THR B 169 -33.36 27.05 -20.61
N SER B 170 -34.67 26.85 -20.60
CA SER B 170 -35.41 27.06 -19.35
C SER B 170 -34.99 26.03 -18.32
N HIS B 171 -34.99 24.76 -18.73
CA HIS B 171 -34.53 23.70 -17.87
C HIS B 171 -33.12 24.02 -17.32
N ILE B 172 -32.24 24.49 -18.20
CA ILE B 172 -30.89 24.88 -17.79
C ILE B 172 -30.96 25.98 -16.73
N ASP B 173 -31.84 26.95 -16.96
CA ASP B 173 -31.97 28.04 -15.99
C ASP B 173 -32.41 27.47 -14.64
N GLU B 174 -33.41 26.60 -14.65
CA GLU B 174 -33.94 26.05 -13.40
C GLU B 174 -32.90 25.22 -12.66
N LEU B 175 -32.07 24.48 -13.41
CA LEU B 175 -30.98 23.71 -12.82
C LEU B 175 -30.01 24.67 -12.17
N TYR B 176 -29.71 25.74 -12.89
CA TYR B 176 -28.87 26.81 -12.37
C TYR B 176 -29.37 27.32 -11.03
N GLU B 177 -30.65 27.70 -10.96
CA GLU B 177 -31.22 28.27 -9.74
C GLU B 177 -31.24 27.23 -8.60
N SER B 178 -31.46 25.99 -8.98
CA SER B 178 -31.49 24.89 -8.02
C SER B 178 -30.10 24.69 -7.42
N ALA B 179 -29.06 25.02 -8.18
CA ALA B 179 -27.70 24.84 -7.70
C ALA B 179 -27.28 26.03 -6.89
N LYS B 180 -27.62 27.21 -7.38
CA LYS B 180 -27.24 28.51 -6.81
C LYS B 180 -27.49 28.58 -5.31
N LYS B 181 -28.43 27.77 -4.86
CA LYS B 181 -28.83 27.72 -3.46
C LYS B 181 -27.92 26.83 -2.61
N GLN B 182 -26.89 26.25 -3.23
CA GLN B 182 -25.95 25.37 -2.52
C GLN B 182 -24.74 26.11 -1.93
N SER B 183 -24.92 26.68 -0.75
CA SER B 183 -23.92 27.60 -0.23
C SER B 183 -22.71 26.94 0.38
N GLY B 184 -22.62 25.61 0.28
CA GLY B 184 -21.51 24.88 0.87
C GLY B 184 -20.17 25.17 0.23
N GLY B 185 -19.09 24.82 0.95
CA GLY B 185 -17.74 24.88 0.41
C GLY B 185 -16.83 26.00 0.86
N LYS B 186 -15.56 25.88 0.47
CA LYS B 186 -14.51 26.80 0.88
C LYS B 186 -13.68 27.20 -0.32
N VAL B 187 -13.45 28.50 -0.45
CA VAL B 187 -12.69 29.02 -1.58
C VAL B 187 -11.23 28.70 -1.45
N ALA B 188 -10.64 28.20 -2.53
CA ALA B 188 -9.21 27.92 -2.57
C ALA B 188 -8.44 29.17 -2.25
N ASP B 189 -7.71 29.15 -1.14
CA ASP B 189 -7.09 30.39 -0.67
C ASP B 189 -5.58 30.29 -0.56
N TYR B 190 -5.02 29.13 -0.91
CA TYR B 190 -3.57 28.93 -0.78
C TYR B 190 -2.81 29.94 -1.66
N ILE B 191 -3.42 30.28 -2.78
CA ILE B 191 -2.97 31.39 -3.62
C ILE B 191 -3.87 32.58 -3.34
N PRO B 192 -3.27 33.72 -2.96
CA PRO B 192 -3.99 34.99 -2.71
C PRO B 192 -4.96 35.42 -3.81
N GLN B 193 -4.71 34.98 -5.05
CA GLN B 193 -5.51 35.42 -6.20
C GLN B 193 -6.89 34.81 -6.32
N LEU B 194 -7.08 33.63 -5.74
CA LEU B 194 -8.27 32.90 -6.09
C LEU B 194 -9.14 33.02 -4.87
N ALA B 195 -8.53 33.53 -3.80
CA ALA B 195 -9.30 34.19 -2.77
C ALA B 195 -9.18 35.69 -3.02
N LYS B 196 -9.80 36.13 -4.12
CA LYS B 196 -10.10 37.52 -4.44
C LYS B 196 -11.41 37.47 -5.24
N PHE B 197 -11.94 36.26 -5.35
CA PHE B 197 -13.21 35.95 -6.01
C PHE B 197 -14.35 35.83 -5.00
N SER B 198 -15.41 36.62 -5.18
CA SER B 198 -16.58 36.46 -4.33
C SER B 198 -17.19 35.05 -4.50
N PRO B 199 -17.37 34.33 -3.38
CA PRO B 199 -18.04 33.02 -3.41
C PRO B 199 -19.42 33.05 -4.09
N ASP B 200 -20.09 34.19 -4.02
CA ASP B 200 -21.41 34.35 -4.63
C ASP B 200 -21.43 33.95 -6.09
N LEU B 201 -20.33 34.21 -6.78
CA LEU B 201 -20.24 34.03 -8.23
C LEU B 201 -20.55 32.59 -8.67
N TRP B 202 -21.30 32.49 -9.77
CA TRP B 202 -21.82 31.23 -10.24
C TRP B 202 -22.29 31.38 -11.66
N GLY B 203 -21.69 30.61 -12.56
CA GLY B 203 -21.99 30.71 -13.97
C GLY B 203 -22.03 29.35 -14.66
N VAL B 204 -22.88 29.27 -15.67
CA VAL B 204 -23.02 28.09 -16.50
C VAL B 204 -23.17 28.51 -17.95
N SER B 205 -22.41 27.91 -18.85
CA SER B 205 -22.54 28.23 -20.26
C SER B 205 -22.63 26.96 -21.08
N VAL B 206 -23.44 26.99 -22.13
CA VAL B 206 -23.65 25.83 -22.95
C VAL B 206 -23.36 26.10 -24.41
N CYS B 207 -22.52 25.30 -25.04
CA CYS B 207 -22.38 25.34 -26.48
C CYS B 207 -22.67 23.97 -27.08
N THR B 208 -23.66 23.90 -27.98
CA THR B 208 -24.01 22.63 -28.59
C THR B 208 -23.04 22.37 -29.73
N ALA B 209 -23.05 21.15 -30.25
CA ALA B 209 -22.20 20.81 -31.38
C ALA B 209 -22.67 21.48 -32.67
N ASP B 210 -23.78 22.20 -32.59
CA ASP B 210 -24.25 22.96 -33.74
C ASP B 210 -24.05 24.46 -33.56
N GLY B 211 -23.62 24.86 -32.38
CA GLY B 211 -23.31 26.25 -32.13
C GLY B 211 -24.43 26.96 -31.42
N GLN B 212 -25.38 26.21 -30.88
CA GLN B 212 -26.40 26.80 -30.03
C GLN B 212 -25.75 27.26 -28.69
N ARG B 213 -26.03 28.49 -28.27
CA ARG B 213 -25.40 29.03 -27.06
C ARG B 213 -26.46 29.36 -26.04
N HIS B 214 -26.13 29.21 -24.77
CA HIS B 214 -26.93 29.78 -23.69
C HIS B 214 -26.11 29.93 -22.42
N SER B 215 -26.39 30.99 -21.67
CA SER B 215 -25.72 31.21 -20.39
C SER B 215 -26.67 31.73 -19.34
N THR B 216 -26.29 31.56 -18.08
CA THR B 216 -27.00 32.19 -17.00
C THR B 216 -26.03 32.33 -15.83
N GLY B 217 -26.04 33.49 -15.19
CA GLY B 217 -25.09 33.77 -14.14
C GLY B 217 -23.83 34.42 -14.68
N ASP B 218 -22.78 34.38 -13.86
CA ASP B 218 -21.51 35.03 -14.12
C ASP B 218 -20.64 34.33 -15.16
N THR B 219 -21.14 34.31 -16.39
CA THR B 219 -20.51 33.56 -17.43
C THR B 219 -19.45 34.36 -18.18
N LYS B 220 -19.38 35.65 -17.85
CA LYS B 220 -18.42 36.54 -18.50
C LYS B 220 -17.27 36.97 -17.56
N VAL B 221 -17.33 36.55 -16.30
CA VAL B 221 -16.18 36.69 -15.41
C VAL B 221 -15.07 35.72 -15.79
N PRO B 222 -13.82 36.22 -15.87
CA PRO B 222 -12.65 35.40 -16.23
C PRO B 222 -11.97 34.75 -15.03
N PHE B 223 -11.60 33.48 -15.18
CA PHE B 223 -10.88 32.76 -14.14
C PHE B 223 -9.82 31.87 -14.77
N CYS B 224 -8.95 31.32 -13.94
CA CYS B 224 -7.89 30.45 -14.42
C CYS B 224 -8.41 29.04 -14.65
N LEU B 225 -7.91 28.36 -15.69
CA LEU B 225 -8.29 27.00 -15.93
C LEU B 225 -7.86 26.12 -14.77
N GLN B 226 -6.59 26.29 -14.40
CA GLN B 226 -5.93 25.44 -13.42
C GLN B 226 -5.98 24.03 -13.98
N SER B 227 -6.44 23.05 -13.22
CA SER B 227 -6.39 21.67 -13.69
C SER B 227 -7.33 21.37 -14.86
N CYS B 228 -8.21 22.31 -15.19
CA CYS B 228 -9.08 22.18 -16.37
C CYS B 228 -8.30 22.15 -17.69
N VAL B 229 -7.08 22.68 -17.66
CA VAL B 229 -6.25 22.75 -18.85
C VAL B 229 -5.64 21.40 -19.21
N LYS B 230 -5.66 20.48 -18.23
CA LYS B 230 -4.94 19.22 -18.34
C LYS B 230 -5.38 18.34 -19.52
N PRO B 231 -6.70 18.14 -19.68
CA PRO B 231 -7.12 17.41 -20.89
C PRO B 231 -6.84 18.16 -22.18
N LEU B 232 -6.72 19.48 -22.11
CA LEU B 232 -6.51 20.28 -23.30
C LEU B 232 -5.09 20.14 -23.83
N LYS B 233 -4.12 20.06 -22.92
CA LYS B 233 -2.75 19.95 -23.38
C LYS B 233 -2.42 18.50 -23.64
N TYR B 234 -3.07 17.61 -22.93
CA TYR B 234 -2.96 16.20 -23.30
C TYR B 234 -3.44 15.96 -24.72
N ALA B 235 -4.56 16.60 -25.06
CA ALA B 235 -5.13 16.50 -26.38
C ALA B 235 -4.16 17.01 -27.45
N ILE B 236 -3.43 18.08 -27.13
CA ILE B 236 -2.48 18.65 -28.08
C ILE B 236 -1.32 17.68 -28.33
N ALA B 237 -0.80 17.11 -27.26
CA ALA B 237 0.24 16.09 -27.37
C ALA B 237 -0.17 14.95 -28.31
N VAL B 238 -1.33 14.35 -28.05
CA VAL B 238 -1.76 13.20 -28.83
C VAL B 238 -2.05 13.65 -30.24
N ASN B 239 -2.49 14.89 -30.41
CA ASN B 239 -2.74 15.38 -31.74
C ASN B 239 -1.43 15.61 -32.50
N ASP B 240 -0.40 16.06 -31.79
CA ASP B 240 0.88 16.31 -32.43
C ASP B 240 1.78 15.05 -32.50
N LEU B 241 1.58 14.10 -31.58
CA LEU B 241 2.54 13.03 -31.36
C LEU B 241 1.96 11.63 -31.47
N GLY B 242 0.63 11.53 -31.43
CA GLY B 242 0.00 10.24 -31.53
C GLY B 242 -0.11 9.49 -30.23
N THR B 243 -1.08 8.60 -30.17
CA THR B 243 -1.38 7.84 -28.96
C THR B 243 -0.18 7.07 -28.43
N GLU B 244 0.46 6.31 -29.31
CA GLU B 244 1.48 5.37 -28.90
C GLU B 244 2.68 6.06 -28.23
N TYR B 245 3.18 7.13 -28.85
CA TYR B 245 4.32 7.87 -28.31
C TYR B 245 4.00 8.51 -26.96
N VAL B 246 3.02 9.42 -26.92
CA VAL B 246 2.64 10.05 -25.65
C VAL B 246 2.58 9.02 -24.53
N HIS B 247 1.92 7.88 -24.77
CA HIS B 247 1.79 6.89 -23.72
C HIS B 247 3.01 5.96 -23.49
N ARG B 248 4.12 6.25 -24.16
CA ARG B 248 5.40 5.71 -23.71
C ARG B 248 5.79 6.36 -22.39
N TYR B 249 5.26 7.55 -22.16
CA TYR B 249 5.67 8.38 -21.03
C TYR B 249 4.66 8.47 -19.90
N VAL B 250 3.39 8.20 -20.18
CA VAL B 250 2.36 8.40 -19.17
C VAL B 250 1.22 7.38 -19.30
N GLY B 251 0.67 6.98 -18.15
CA GLY B 251 -0.35 5.94 -18.06
C GLY B 251 -1.71 6.27 -18.66
N LYS B 252 -2.70 5.41 -18.41
CA LYS B 252 -4.06 5.65 -18.91
C LYS B 252 -5.16 5.08 -18.06
N GLU B 253 -4.90 4.91 -16.77
CA GLU B 253 -5.87 4.31 -15.84
C GLU B 253 -6.01 5.20 -14.64
N PRO B 254 -7.12 5.07 -13.90
CA PRO B 254 -7.09 5.87 -12.67
C PRO B 254 -6.29 5.10 -11.62
N SER B 255 -5.83 5.75 -10.56
CA SER B 255 -4.86 5.10 -9.67
C SER B 255 -5.45 4.24 -8.55
N GLY B 256 -6.72 4.42 -8.22
CA GLY B 256 -7.38 3.64 -7.16
C GLY B 256 -7.82 4.49 -5.98
N LEU B 257 -9.01 4.17 -5.42
CA LEU B 257 -9.77 5.08 -4.51
C LEU B 257 -8.90 6.06 -3.71
N ARG B 258 -8.32 5.67 -2.57
CA ARG B 258 -7.27 6.50 -1.99
C ARG B 258 -5.97 5.72 -2.16
N PHE B 259 -5.76 5.34 -3.42
CA PHE B 259 -4.45 5.04 -3.94
C PHE B 259 -4.07 6.35 -4.65
N ASN B 260 -3.65 7.32 -3.82
CA ASN B 260 -3.53 8.76 -4.16
C ASN B 260 -2.13 9.31 -4.10
N LYS B 261 -1.56 9.19 -2.92
CA LYS B 261 -0.31 9.81 -2.55
C LYS B 261 0.90 9.44 -3.46
N LEU B 262 0.74 8.43 -4.32
CA LEU B 262 1.83 7.98 -5.20
C LEU B 262 1.95 8.84 -6.46
N PHE B 263 3.15 8.83 -7.04
CA PHE B 263 3.46 9.65 -8.23
C PHE B 263 3.55 8.77 -9.46
N LEU B 264 4.23 7.63 -9.32
CA LEU B 264 4.43 6.71 -10.45
C LEU B 264 3.66 5.42 -10.21
N ASN B 265 3.41 4.69 -11.29
CA ASN B 265 2.86 3.35 -11.14
C ASN B 265 3.97 2.30 -11.27
N GLU B 266 3.61 1.03 -11.43
CA GLU B 266 4.62 -0.03 -11.40
C GLU B 266 5.56 -0.02 -12.60
N ASP B 267 5.20 0.68 -13.67
CA ASP B 267 6.09 0.78 -14.81
C ASP B 267 6.81 2.11 -14.81
N ASP B 268 6.88 2.72 -13.62
CA ASP B 268 7.56 3.99 -13.42
C ASP B 268 7.13 5.07 -14.43
N LYS B 269 5.83 5.09 -14.73
CA LYS B 269 5.21 6.17 -15.45
C LYS B 269 4.15 6.79 -14.56
N PRO B 270 3.83 8.07 -14.77
CA PRO B 270 2.72 8.59 -13.99
C PRO B 270 1.45 7.86 -14.38
N HIS B 271 0.47 7.83 -13.49
CA HIS B 271 -0.74 7.02 -13.68
C HIS B 271 -1.63 7.38 -14.87
N ASN B 272 -1.61 8.67 -15.23
CA ASN B 272 -2.47 9.21 -16.28
C ASN B 272 -2.27 10.72 -16.42
N PRO B 273 -2.67 11.28 -17.55
CA PRO B 273 -2.52 12.72 -17.80
C PRO B 273 -3.26 13.64 -16.83
N MET B 274 -4.23 13.11 -16.10
CA MET B 274 -5.08 14.03 -15.34
C MET B 274 -4.52 14.37 -13.98
N VAL B 275 -3.57 13.58 -13.50
CA VAL B 275 -2.91 13.93 -12.24
C VAL B 275 -1.72 14.86 -12.50
N ASN B 276 -1.30 15.57 -11.47
CA ASN B 276 -0.18 16.49 -11.59
C ASN B 276 1.08 15.87 -12.18
N ALA B 277 1.43 14.68 -11.72
CA ALA B 277 2.68 14.09 -12.16
C ALA B 277 2.60 13.77 -13.66
N GLY B 278 1.46 13.21 -14.07
CA GLY B 278 1.19 12.95 -15.47
C GLY B 278 1.12 14.21 -16.31
N ALA B 279 0.43 15.23 -15.81
CA ALA B 279 0.33 16.50 -16.53
C ALA B 279 1.71 17.09 -16.80
N ILE B 280 2.56 17.12 -15.76
CA ILE B 280 3.92 17.66 -15.91
C ILE B 280 4.71 16.94 -17.01
N VAL B 281 4.62 15.61 -17.04
CA VAL B 281 5.27 14.86 -18.11
C VAL B 281 4.69 15.25 -19.45
N VAL B 282 3.36 15.38 -19.51
CA VAL B 282 2.68 15.74 -20.77
C VAL B 282 3.18 17.10 -21.27
N THR B 283 3.28 18.05 -20.36
CA THR B 283 3.86 19.34 -20.68
C THR B 283 5.23 19.21 -21.35
N SER B 284 6.02 18.22 -20.95
CA SER B 284 7.37 18.13 -21.45
C SER B 284 7.48 17.58 -22.87
N LEU B 285 6.36 17.18 -23.46
CA LEU B 285 6.37 16.61 -24.81
C LEU B 285 5.94 17.61 -25.88
N ILE B 286 5.24 18.66 -25.47
CA ILE B 286 4.64 19.59 -26.42
C ILE B 286 5.69 20.52 -26.98
N LYS B 287 5.77 20.57 -28.31
CA LYS B 287 6.71 21.43 -29.03
C LYS B 287 8.11 21.38 -28.42
N GLN B 288 8.67 20.17 -28.33
CA GLN B 288 10.00 19.99 -27.77
C GLN B 288 11.08 20.70 -28.59
N GLY B 289 11.97 21.39 -27.91
CA GLY B 289 13.09 22.02 -28.58
C GLY B 289 12.84 23.43 -29.10
N VAL B 290 11.86 24.12 -28.51
CA VAL B 290 11.75 25.56 -28.69
C VAL B 290 11.69 26.11 -27.25
N ASN B 291 11.59 27.42 -27.07
CA ASN B 291 11.66 27.91 -25.70
C ASN B 291 10.29 28.19 -25.10
N ASN B 292 10.27 28.50 -23.81
CA ASN B 292 9.02 28.60 -23.05
C ASN B 292 8.22 29.86 -23.38
N ALA B 293 8.51 30.49 -24.51
CA ALA B 293 7.68 31.58 -24.98
C ALA B 293 6.95 31.12 -26.23
N GLU B 294 7.69 30.43 -27.10
CA GLU B 294 7.10 29.81 -28.28
C GLU B 294 6.14 28.68 -27.94
N LYS B 295 6.54 27.77 -27.03
CA LYS B 295 5.64 26.72 -26.56
C LYS B 295 4.35 27.31 -26.02
N PHE B 296 4.46 28.38 -25.22
CA PHE B 296 3.28 29.03 -24.65
C PHE B 296 2.38 29.62 -25.73
N ASP B 297 2.98 30.27 -26.72
CA ASP B 297 2.18 30.84 -27.79
C ASP B 297 1.60 29.74 -28.65
N TYR B 298 2.42 28.74 -28.97
CA TYR B 298 1.94 27.58 -29.73
C TYR B 298 0.65 27.01 -29.11
N VAL B 299 0.65 26.86 -27.79
CA VAL B 299 -0.51 26.33 -27.11
C VAL B 299 -1.69 27.31 -27.14
N MET B 300 -1.44 28.60 -26.94
CA MET B 300 -2.52 29.58 -26.98
C MET B 300 -3.23 29.62 -28.35
N GLN B 301 -2.43 29.53 -29.41
CA GLN B 301 -2.93 29.40 -30.76
C GLN B 301 -3.93 28.26 -30.82
N PHE B 302 -3.54 27.15 -30.21
CA PHE B 302 -4.32 25.94 -30.21
C PHE B 302 -5.64 26.13 -29.48
N LEU B 303 -5.56 26.73 -28.29
CA LEU B 303 -6.75 26.98 -27.47
C LEU B 303 -7.67 28.01 -28.12
N ASN B 304 -7.08 29.02 -28.75
CA ASN B 304 -7.85 30.02 -29.48
C ASN B 304 -8.71 29.41 -30.58
N LYS B 305 -8.13 28.49 -31.37
CA LYS B 305 -8.91 27.76 -32.33
C LYS B 305 -10.04 26.99 -31.64
N MET B 306 -9.71 26.38 -30.52
CA MET B 306 -10.67 25.53 -29.81
C MET B 306 -11.89 26.26 -29.28
N ALA B 307 -11.68 27.54 -28.94
CA ALA B 307 -12.69 28.36 -28.31
C ALA B 307 -13.37 29.27 -29.33
N GLY B 308 -13.17 29.00 -30.62
CA GLY B 308 -13.76 29.82 -31.66
C GLY B 308 -13.35 31.27 -31.51
N ASN B 309 -12.13 31.46 -31.05
CA ASN B 309 -11.49 32.77 -30.92
C ASN B 309 -12.18 33.67 -29.89
N GLU B 310 -12.94 33.05 -29.00
CA GLU B 310 -13.46 33.74 -27.82
C GLU B 310 -12.36 33.85 -26.78
N TYR B 311 -12.68 34.41 -25.61
CA TYR B 311 -11.65 34.86 -24.66
C TYR B 311 -10.72 33.80 -24.13
N VAL B 312 -9.42 34.00 -24.36
CA VAL B 312 -8.37 33.15 -23.82
C VAL B 312 -7.21 34.04 -23.34
N GLY B 313 -7.21 34.41 -22.06
CA GLY B 313 -6.20 35.31 -21.54
C GLY B 313 -5.15 34.62 -20.71
N PHE B 314 -4.54 35.35 -19.78
CA PHE B 314 -3.51 34.80 -18.91
C PHE B 314 -3.22 35.69 -17.71
N SER B 315 -3.47 35.15 -16.52
CA SER B 315 -3.18 35.84 -15.27
C SER B 315 -1.77 35.56 -14.78
N ASN B 316 -0.91 36.58 -14.81
CA ASN B 316 0.47 36.42 -14.35
C ASN B 316 0.51 36.46 -12.82
N ALA B 317 -0.38 37.24 -12.22
CA ALA B 317 -0.56 37.24 -10.76
C ALA B 317 -0.69 35.82 -10.20
N THR B 318 -1.55 35.02 -10.83
CA THR B 318 -1.74 33.62 -10.47
C THR B 318 -0.50 32.77 -10.77
N PHE B 319 0.23 33.12 -11.83
CA PHE B 319 1.44 32.40 -12.21
C PHE B 319 2.59 32.61 -11.22
N GLN B 320 2.82 33.87 -10.82
CA GLN B 320 3.89 34.15 -9.87
C GLN B 320 3.57 33.54 -8.50
N SER B 321 2.29 33.58 -8.12
CA SER B 321 1.86 32.89 -6.92
C SER B 321 2.04 31.38 -7.01
N GLU B 322 1.48 30.78 -8.06
CA GLU B 322 1.55 29.34 -8.30
C GLU B 322 2.98 28.81 -8.24
N ARG B 323 3.93 29.57 -8.77
CA ARG B 323 5.30 29.10 -8.78
C ARG B 323 5.99 29.27 -7.40
N GLU B 324 5.72 30.36 -6.68
CA GLU B 324 6.45 30.65 -5.44
C GLU B 324 5.80 29.82 -4.30
N SER B 325 5.07 28.78 -4.68
CA SER B 325 4.22 28.10 -3.73
C SER B 325 4.10 26.61 -4.03
N GLY B 326 4.19 26.22 -5.29
CA GLY B 326 4.15 24.81 -5.63
C GLY B 326 5.41 24.05 -5.23
N ASP B 327 5.63 23.89 -3.93
CA ASP B 327 6.73 23.06 -3.47
C ASP B 327 6.44 21.62 -3.87
N ARG B 328 5.20 21.18 -3.63
CA ARG B 328 4.80 19.83 -4.01
C ARG B 328 5.09 19.54 -5.48
N ASN B 329 4.87 20.54 -6.34
CA ASN B 329 5.09 20.34 -7.75
C ASN B 329 6.56 20.13 -8.06
N PHE B 330 7.40 20.86 -7.34
CA PHE B 330 8.84 20.73 -7.51
C PHE B 330 9.31 19.37 -7.04
N ALA B 331 8.77 18.93 -5.91
CA ALA B 331 8.99 17.56 -5.45
C ALA B 331 8.73 16.59 -6.60
N ILE B 332 7.54 16.70 -7.21
CA ILE B 332 7.17 15.90 -8.38
C ILE B 332 8.19 16.04 -9.52
N GLY B 333 8.60 17.26 -9.84
CA GLY B 333 9.62 17.45 -10.84
C GLY B 333 10.91 16.68 -10.64
N TYR B 334 11.50 16.84 -9.45
CA TYR B 334 12.77 16.18 -9.16
C TYR B 334 12.58 14.68 -9.07
N TYR B 335 11.41 14.24 -8.59
CA TYR B 335 11.12 12.82 -8.51
C TYR B 335 11.11 12.19 -9.91
N LEU B 336 10.42 12.84 -10.84
CA LEU B 336 10.36 12.39 -12.24
C LEU B 336 11.74 12.43 -12.87
N LYS B 337 12.50 13.47 -12.57
CA LYS B 337 13.86 13.60 -13.09
C LYS B 337 14.68 12.41 -12.63
N GLU B 338 14.69 12.18 -11.33
CA GLU B 338 15.54 11.15 -10.76
C GLU B 338 15.20 9.75 -11.27
N LYS B 339 13.93 9.53 -11.62
CA LYS B 339 13.50 8.25 -12.19
C LYS B 339 13.49 8.19 -13.72
N LYS B 340 14.02 9.24 -14.34
CA LYS B 340 14.14 9.38 -15.80
C LYS B 340 12.80 9.28 -16.55
N CYS B 341 11.80 9.99 -16.05
CA CYS B 341 10.45 9.99 -16.62
C CYS B 341 10.26 10.91 -17.81
N PHE B 342 11.19 11.85 -18.00
CA PHE B 342 11.11 12.86 -19.06
C PHE B 342 11.78 12.44 -20.35
N PRO B 343 11.45 13.10 -21.46
CA PRO B 343 12.17 12.77 -22.69
C PRO B 343 13.63 13.22 -22.57
N GLU B 344 14.49 12.57 -23.34
CA GLU B 344 15.93 12.81 -23.30
C GLU B 344 16.22 14.29 -23.63
N GLY B 345 17.06 14.91 -22.81
CA GLY B 345 17.46 16.28 -23.00
C GLY B 345 16.46 17.32 -22.51
N THR B 346 15.60 16.91 -21.59
CA THR B 346 14.59 17.80 -21.00
C THR B 346 15.20 18.70 -19.92
N ASP B 347 14.79 19.97 -19.93
CA ASP B 347 15.16 20.92 -18.87
C ASP B 347 14.03 20.96 -17.84
N MET B 348 14.19 20.23 -16.75
CA MET B 348 13.08 19.99 -15.85
C MET B 348 12.51 21.26 -15.21
N VAL B 349 13.38 22.14 -14.72
CA VAL B 349 12.89 23.32 -14.05
C VAL B 349 12.15 24.23 -15.06
N GLY B 350 12.55 24.18 -16.32
CA GLY B 350 11.88 24.95 -17.34
C GLY B 350 10.49 24.44 -17.66
N ILE B 351 10.31 23.14 -17.56
CA ILE B 351 9.03 22.48 -17.76
C ILE B 351 8.10 22.90 -16.63
N LEU B 352 8.65 23.07 -15.44
CA LEU B 352 7.84 23.44 -14.30
C LEU B 352 7.26 24.84 -14.46
N ASP B 353 8.02 25.75 -15.06
CA ASP B 353 7.50 27.07 -15.31
C ASP B 353 6.39 27.01 -16.36
N PHE B 354 6.65 26.26 -17.44
CA PHE B 354 5.66 26.06 -18.49
C PHE B 354 4.37 25.49 -17.86
N TYR B 355 4.51 24.46 -17.04
CA TYR B 355 3.36 23.90 -16.33
C TYR B 355 2.63 24.94 -15.49
N PHE B 356 3.36 25.75 -14.72
CA PHE B 356 2.70 26.75 -13.91
C PHE B 356 1.98 27.78 -14.78
N GLN B 357 2.49 27.97 -16.00
CA GLN B 357 1.95 28.93 -16.93
C GLN B 357 0.64 28.48 -17.54
N LEU B 358 0.64 27.26 -18.07
CA LEU B 358 -0.56 26.66 -18.63
C LEU B 358 -1.69 26.62 -17.62
N CYS B 359 -1.35 26.49 -16.35
CA CYS B 359 -2.36 26.52 -15.29
C CYS B 359 -2.98 27.91 -15.10
N SER B 360 -2.25 28.94 -15.49
CA SER B 360 -2.66 30.31 -15.22
C SER B 360 -3.47 30.94 -16.36
N ILE B 361 -3.52 30.25 -17.50
CA ILE B 361 -4.34 30.65 -18.63
C ILE B 361 -5.79 30.89 -18.22
N GLU B 362 -6.37 31.95 -18.73
CA GLU B 362 -7.69 32.37 -18.30
C GLU B 362 -8.74 32.16 -19.37
N VAL B 363 -9.95 31.83 -18.91
CA VAL B 363 -11.11 31.65 -19.78
C VAL B 363 -12.33 32.25 -19.11
N THR B 364 -13.41 32.39 -19.87
CA THR B 364 -14.70 32.72 -19.29
C THR B 364 -15.52 31.48 -19.45
N CYS B 365 -16.61 31.36 -18.70
CA CYS B 365 -17.53 30.25 -18.85
C CYS B 365 -17.85 30.06 -20.32
N GLU B 366 -18.19 31.16 -20.98
CA GLU B 366 -18.62 31.13 -22.35
C GLU B 366 -17.53 30.60 -23.26
N SER B 367 -16.35 31.23 -23.27
CA SER B 367 -15.26 30.74 -24.10
C SER B 367 -14.95 29.24 -23.85
N ALA B 368 -14.82 28.84 -22.58
CA ALA B 368 -14.56 27.44 -22.27
C ALA B 368 -15.62 26.49 -22.81
N SER B 369 -16.89 26.90 -22.80
CA SER B 369 -17.94 26.00 -23.24
C SER B 369 -17.79 25.69 -24.72
N VAL B 370 -17.21 26.60 -25.47
CA VAL B 370 -16.92 26.32 -26.88
C VAL B 370 -15.84 25.25 -26.96
N MET B 371 -14.76 25.46 -26.22
CA MET B 371 -13.69 24.47 -26.12
C MET B 371 -14.25 23.08 -25.84
N ALA B 372 -15.06 22.97 -24.79
CA ALA B 372 -15.66 21.71 -24.40
C ALA B 372 -16.50 21.13 -25.54
N ALA B 373 -17.29 21.98 -26.18
CA ALA B 373 -18.06 21.58 -27.35
C ALA B 373 -17.19 21.08 -28.48
N THR B 374 -15.97 21.60 -28.61
CA THR B 374 -15.03 21.10 -29.60
C THR B 374 -14.70 19.61 -29.31
N LEU B 375 -14.52 19.27 -28.04
CA LEU B 375 -14.37 17.84 -27.65
C LEU B 375 -15.65 17.04 -27.90
N ALA B 376 -16.77 17.65 -27.55
CA ALA B 376 -18.07 17.07 -27.79
C ALA B 376 -18.32 16.86 -29.29
N ASN B 377 -17.61 17.60 -30.15
CA ASN B 377 -17.90 17.58 -31.58
C ASN B 377 -16.84 16.86 -32.43
N GLY B 378 -16.23 15.79 -31.93
CA GLY B 378 -15.23 15.09 -32.70
C GLY B 378 -13.97 15.90 -33.04
N GLY B 379 -13.80 17.04 -32.38
CA GLY B 379 -12.61 17.83 -32.58
C GLY B 379 -12.75 19.05 -33.49
N PHE B 380 -13.88 19.14 -34.20
CA PHE B 380 -14.25 20.33 -35.00
C PHE B 380 -14.89 21.39 -34.14
N CYS B 381 -14.40 22.62 -34.24
CA CYS B 381 -14.96 23.71 -33.45
C CYS B 381 -16.37 24.05 -33.93
N PRO B 382 -17.35 23.97 -33.03
CA PRO B 382 -18.74 24.05 -33.49
C PRO B 382 -19.14 25.39 -34.12
N ILE B 383 -18.48 26.50 -33.79
CA ILE B 383 -18.93 27.78 -34.30
C ILE B 383 -18.00 28.38 -35.37
N THR B 384 -17.15 27.55 -35.97
CA THR B 384 -16.24 28.05 -36.99
C THR B 384 -16.13 27.05 -38.13
N GLY B 385 -16.38 25.79 -37.82
CA GLY B 385 -16.26 24.72 -38.79
C GLY B 385 -14.88 24.10 -38.83
N GLU B 386 -13.90 24.76 -38.21
CA GLU B 386 -12.49 24.39 -38.33
C GLU B 386 -12.02 23.17 -37.50
N ARG B 387 -11.45 22.17 -38.16
CA ARG B 387 -10.81 21.02 -37.49
C ARG B 387 -9.64 21.45 -36.59
N VAL B 388 -9.84 21.38 -35.29
CA VAL B 388 -8.79 21.74 -34.34
C VAL B 388 -8.00 20.52 -33.88
N LEU B 389 -8.70 19.40 -33.73
CA LEU B 389 -8.10 18.21 -33.14
C LEU B 389 -8.46 16.92 -33.89
N SER B 390 -7.49 16.00 -33.97
CA SER B 390 -7.74 14.67 -34.53
C SER B 390 -8.74 13.93 -33.66
N PRO B 391 -9.53 13.04 -34.27
CA PRO B 391 -10.51 12.25 -33.51
C PRO B 391 -9.80 11.38 -32.49
N GLU B 392 -8.63 10.88 -32.86
CA GLU B 392 -7.81 10.13 -31.94
C GLU B 392 -7.50 10.93 -30.69
N ALA B 393 -7.15 12.20 -30.83
CA ALA B 393 -6.81 13.04 -29.68
C ALA B 393 -8.03 13.21 -28.81
N VAL B 394 -9.14 13.55 -29.42
CA VAL B 394 -10.34 13.88 -28.68
C VAL B 394 -10.89 12.64 -27.99
N ARG B 395 -10.85 11.50 -28.66
CA ARG B 395 -11.37 10.27 -28.06
C ARG B 395 -10.54 9.88 -26.83
N ASN B 396 -9.23 9.85 -27.01
CA ASN B 396 -8.32 9.57 -25.91
C ASN B 396 -8.62 10.46 -24.71
N THR B 397 -8.83 11.75 -24.96
CA THR B 397 -9.03 12.73 -23.90
C THR B 397 -10.31 12.54 -23.11
N LEU B 398 -11.40 12.30 -23.82
CA LEU B 398 -12.68 12.11 -23.17
C LEU B 398 -12.62 10.85 -22.33
N SER B 399 -11.83 9.87 -22.77
CA SER B 399 -11.75 8.59 -22.07
C SER B 399 -11.14 8.79 -20.68
N LEU B 400 -10.20 9.70 -20.55
CA LEU B 400 -9.49 9.86 -19.29
C LEU B 400 -10.23 10.84 -18.39
N MET B 401 -10.92 11.80 -19.00
CA MET B 401 -11.80 12.69 -18.25
C MET B 401 -12.91 11.90 -17.56
N HIS B 402 -13.38 10.84 -18.23
CA HIS B 402 -14.38 9.94 -17.65
C HIS B 402 -13.94 9.22 -16.36
N SER B 403 -12.68 8.79 -16.31
CA SER B 403 -12.18 8.00 -15.20
C SER B 403 -11.29 8.76 -14.20
N CYS B 404 -10.64 9.83 -14.64
CA CYS B 404 -9.61 10.45 -13.81
C CYS B 404 -9.87 11.93 -13.57
N GLY B 405 -10.99 12.42 -14.04
CA GLY B 405 -11.19 13.86 -14.18
C GLY B 405 -11.56 14.67 -12.96
N MET B 406 -12.14 14.04 -11.95
CA MET B 406 -12.69 14.81 -10.80
C MET B 406 -11.95 14.49 -9.51
N TYR B 407 -10.62 14.54 -9.55
CA TYR B 407 -9.78 14.15 -8.43
C TYR B 407 -10.28 12.86 -7.80
N ASP B 408 -10.29 12.75 -6.47
CA ASP B 408 -10.74 11.51 -5.84
C ASP B 408 -12.24 11.31 -5.88
N PHE B 409 -12.93 12.06 -6.74
CA PHE B 409 -14.37 11.89 -6.88
C PHE B 409 -14.72 11.25 -8.22
N SER B 410 -13.67 10.85 -8.93
CA SER B 410 -13.82 10.35 -10.28
C SER B 410 -14.69 9.09 -10.39
N GLY B 411 -14.55 8.19 -9.41
CA GLY B 411 -15.25 6.93 -9.40
C GLY B 411 -16.73 7.15 -9.15
N GLN B 412 -17.03 8.01 -8.19
CA GLN B 412 -18.42 8.36 -7.90
C GLN B 412 -19.03 9.15 -9.08
N PHE B 413 -18.32 10.18 -9.56
CA PHE B 413 -18.83 11.00 -10.65
C PHE B 413 -19.14 10.15 -11.87
N ALA B 414 -18.30 9.17 -12.18
CA ALA B 414 -18.53 8.33 -13.36
C ALA B 414 -19.79 7.47 -13.18
N PHE B 415 -19.91 6.83 -12.03
CA PHE B 415 -21.12 6.09 -11.72
C PHE B 415 -22.39 6.93 -11.87
N HIS B 416 -22.51 7.98 -11.06
CA HIS B 416 -23.76 8.73 -10.96
C HIS B 416 -24.03 9.71 -12.08
N VAL B 417 -22.98 10.37 -12.56
CA VAL B 417 -23.12 11.30 -13.68
C VAL B 417 -22.84 10.63 -15.02
N GLY B 418 -21.67 10.01 -15.14
CA GLY B 418 -21.33 9.32 -16.37
C GLY B 418 -21.10 10.27 -17.51
N LEU B 419 -20.43 11.37 -17.20
CA LEU B 419 -19.99 12.29 -18.24
C LEU B 419 -18.52 12.57 -18.08
N PRO B 420 -17.83 12.74 -19.21
CA PRO B 420 -16.47 13.30 -19.14
C PRO B 420 -16.51 14.68 -18.48
N ALA B 421 -15.71 14.87 -17.45
CA ALA B 421 -15.62 16.19 -16.86
C ALA B 421 -14.18 16.45 -16.42
N LYS B 422 -13.86 17.70 -16.13
CA LYS B 422 -12.56 18.01 -15.56
C LYS B 422 -12.70 19.22 -14.66
N SER B 423 -12.28 19.08 -13.41
CA SER B 423 -12.39 20.18 -12.47
C SER B 423 -11.04 20.82 -12.27
N GLY B 424 -11.07 22.09 -11.87
CA GLY B 424 -9.87 22.84 -11.56
C GLY B 424 -10.09 23.56 -10.25
N VAL B 425 -9.00 23.95 -9.58
CA VAL B 425 -9.11 24.49 -8.24
C VAL B 425 -9.68 25.93 -8.18
N ALA B 426 -9.99 26.50 -9.34
CA ALA B 426 -10.58 27.83 -9.40
C ALA B 426 -12.09 27.79 -9.36
N GLY B 427 -12.67 26.60 -9.32
CA GLY B 427 -14.12 26.45 -9.29
C GLY B 427 -14.73 26.03 -10.61
N GLY B 428 -13.88 25.66 -11.57
CA GLY B 428 -14.34 25.29 -12.89
C GLY B 428 -14.56 23.80 -13.05
N ILE B 429 -15.55 23.45 -13.86
CA ILE B 429 -15.80 22.06 -14.26
C ILE B 429 -16.15 22.02 -15.72
N LEU B 430 -15.18 21.56 -16.53
CA LEU B 430 -15.33 21.34 -17.96
C LEU B 430 -16.15 20.09 -18.20
N LEU B 431 -17.29 20.21 -18.88
CA LEU B 431 -18.21 19.08 -18.98
C LEU B 431 -18.59 18.81 -20.42
N VAL B 432 -18.52 17.54 -20.82
CA VAL B 432 -18.81 17.17 -22.19
C VAL B 432 -19.89 16.10 -22.27
N VAL B 433 -20.98 16.42 -22.97
CA VAL B 433 -21.97 15.44 -23.39
C VAL B 433 -21.66 15.10 -24.83
N PRO B 434 -20.93 13.99 -25.06
CA PRO B 434 -20.46 13.66 -26.41
C PRO B 434 -21.60 13.64 -27.41
N ASN B 435 -21.40 14.27 -28.57
CA ASN B 435 -22.34 14.31 -29.69
C ASN B 435 -23.47 15.29 -29.48
N VAL B 436 -23.45 15.98 -28.33
CA VAL B 436 -24.53 16.90 -27.98
C VAL B 436 -24.01 18.30 -27.64
N MET B 437 -23.22 18.41 -26.59
CA MET B 437 -22.79 19.74 -26.17
C MET B 437 -21.60 19.74 -25.23
N GLY B 438 -20.97 20.91 -25.10
CA GLY B 438 -19.90 21.13 -24.16
C GLY B 438 -20.38 22.17 -23.19
N MET B 439 -19.87 22.14 -21.96
CA MET B 439 -20.28 23.10 -20.92
C MET B 439 -19.12 23.53 -20.03
N MET B 440 -19.32 24.65 -19.34
CA MET B 440 -18.44 25.09 -18.28
C MET B 440 -19.29 25.66 -17.16
N CYS B 441 -19.27 25.01 -16.00
CA CYS B 441 -19.85 25.53 -14.76
C CYS B 441 -18.73 26.20 -13.99
N TRP B 442 -18.99 27.29 -13.30
CA TRP B 442 -17.92 27.89 -12.50
C TRP B 442 -18.43 28.49 -11.20
N SER B 443 -17.80 28.08 -10.10
CA SER B 443 -18.12 28.58 -8.77
C SER B 443 -16.96 28.28 -7.83
N PRO B 444 -16.24 29.34 -7.41
CA PRO B 444 -15.04 29.23 -6.56
C PRO B 444 -15.08 28.32 -5.29
N PRO B 445 -16.18 28.29 -4.52
CA PRO B 445 -16.16 27.49 -3.29
C PRO B 445 -16.09 25.96 -3.49
N LEU B 446 -15.06 25.33 -2.92
CA LEU B 446 -14.80 23.91 -3.15
C LEU B 446 -15.23 23.02 -2.02
N ASP B 447 -15.55 21.75 -2.34
CA ASP B 447 -15.84 20.76 -1.31
C ASP B 447 -14.54 20.14 -0.77
N LYS B 448 -14.70 19.08 0.02
CA LYS B 448 -13.53 18.46 0.63
C LYS B 448 -12.61 17.79 -0.41
N MET B 449 -13.15 17.45 -1.58
CA MET B 449 -12.35 16.73 -2.56
C MET B 449 -11.69 17.65 -3.58
N GLY B 450 -12.02 18.93 -3.53
CA GLY B 450 -11.40 19.91 -4.39
C GLY B 450 -12.27 20.40 -5.54
N ASN B 451 -13.50 19.89 -5.60
CA ASN B 451 -14.43 20.19 -6.67
C ASN B 451 -15.42 21.30 -6.32
N SER B 452 -15.81 22.09 -7.30
CA SER B 452 -16.78 23.14 -7.07
C SER B 452 -18.14 22.57 -6.65
N VAL B 453 -18.62 23.01 -5.49
CA VAL B 453 -19.87 22.51 -4.92
C VAL B 453 -21.10 22.67 -5.80
N LYS B 454 -21.33 23.87 -6.32
CA LYS B 454 -22.47 24.13 -7.18
C LYS B 454 -22.30 23.37 -8.48
N GLY B 455 -21.06 23.34 -8.95
CA GLY B 455 -20.73 22.64 -10.16
C GLY B 455 -21.13 21.18 -10.04
N ILE B 456 -20.80 20.56 -8.91
CA ILE B 456 -21.15 19.17 -8.70
C ILE B 456 -22.66 18.98 -8.64
N HIS B 457 -23.34 19.84 -7.88
CA HIS B 457 -24.78 19.75 -7.75
C HIS B 457 -25.47 19.91 -9.09
N PHE B 458 -25.03 20.87 -9.89
CA PHE B 458 -25.56 21.05 -11.24
C PHE B 458 -25.46 19.76 -12.05
N CYS B 459 -24.26 19.20 -12.13
CA CYS B 459 -23.99 18.00 -12.93
C CYS B 459 -24.86 16.78 -12.59
N HIS B 460 -25.06 16.53 -11.29
CA HIS B 460 -25.98 15.46 -10.88
C HIS B 460 -27.43 15.76 -11.27
N ASP B 461 -27.83 17.03 -11.22
CA ASP B 461 -29.19 17.42 -11.61
C ASP B 461 -29.45 17.19 -13.08
N LEU B 462 -28.51 17.64 -13.90
CA LEU B 462 -28.64 17.59 -15.35
C LEU B 462 -28.84 16.17 -15.84
N VAL B 463 -28.19 15.20 -15.20
CA VAL B 463 -28.34 13.84 -15.66
C VAL B 463 -29.54 13.16 -14.98
N SER B 464 -30.05 13.74 -13.89
CA SER B 464 -31.32 13.27 -13.34
C SER B 464 -32.45 13.68 -14.26
N LEU B 465 -32.33 14.88 -14.79
CA LEU B 465 -33.35 15.38 -15.68
C LEU B 465 -33.27 14.70 -17.04
N CYS B 466 -32.08 14.71 -17.65
CA CYS B 466 -31.88 14.23 -19.02
C CYS B 466 -31.23 12.88 -19.11
N ASN B 467 -31.55 12.11 -20.16
CA ASN B 467 -30.87 10.86 -20.47
C ASN B 467 -29.50 11.12 -21.11
N PHE B 468 -28.61 11.73 -20.35
CA PHE B 468 -27.30 12.14 -20.88
C PHE B 468 -26.19 11.24 -20.39
N HIS B 469 -26.51 10.43 -19.38
CA HIS B 469 -25.57 9.48 -18.84
C HIS B 469 -25.09 8.63 -19.99
N ASN B 470 -23.79 8.41 -19.95
CA ASN B 470 -23.05 7.58 -20.89
C ASN B 470 -23.55 6.17 -21.08
N TYR B 471 -24.42 5.73 -20.18
CA TYR B 471 -25.10 4.46 -20.34
C TYR B 471 -26.61 4.58 -20.05
N ASP B 472 -27.15 5.78 -20.24
CA ASP B 472 -28.58 5.93 -20.35
C ASP B 472 -28.93 5.32 -21.69
N ASN B 473 -30.19 4.93 -21.85
CA ASN B 473 -30.64 4.41 -23.14
C ASN B 473 -31.35 5.50 -23.95
N LEU B 474 -31.15 5.48 -25.26
CA LEU B 474 -31.78 6.49 -26.12
C LEU B 474 -33.22 6.11 -26.45
N ARG B 475 -33.52 4.82 -26.33
CA ARG B 475 -34.84 4.32 -26.71
C ARG B 475 -35.75 4.12 -25.51
N HIS B 476 -35.20 3.62 -24.41
CA HIS B 476 -35.99 3.42 -23.18
C HIS B 476 -35.33 4.12 -22.00
N PHE B 477 -35.83 5.27 -21.61
CA PHE B 477 -35.15 6.00 -20.57
C PHE B 477 -36.06 6.55 -19.48
N ALA B 478 -37.16 5.85 -19.19
CA ALA B 478 -37.99 6.19 -18.03
C ALA B 478 -38.51 7.64 -18.00
N LYS B 479 -38.46 8.22 -16.79
CA LYS B 479 -39.05 9.53 -16.48
C LYS B 479 -38.23 10.70 -17.06
N LYS B 480 -37.03 10.39 -17.54
CA LYS B 480 -36.13 11.43 -18.00
C LYS B 480 -36.62 12.17 -19.24
N LEU B 481 -35.97 13.29 -19.53
CA LEU B 481 -36.28 14.11 -20.69
C LEU B 481 -35.15 13.97 -21.74
N ASP B 482 -35.51 13.79 -23.02
CA ASP B 482 -34.51 13.73 -24.09
C ASP B 482 -34.52 14.99 -24.96
N PRO B 483 -33.65 15.97 -24.66
CA PRO B 483 -33.51 17.21 -25.43
C PRO B 483 -33.25 16.99 -26.90
N ARG B 484 -32.77 15.81 -27.28
CA ARG B 484 -32.57 15.50 -28.68
C ARG B 484 -33.84 15.23 -29.48
N ARG B 485 -35.00 15.25 -28.82
CA ARG B 485 -36.25 14.93 -29.50
C ARG B 485 -37.34 15.98 -29.34
N GLU B 486 -38.47 15.70 -30.01
CA GLU B 486 -39.57 16.63 -30.27
C GLU B 486 -40.30 17.11 -29.02
N GLY B 487 -41.59 16.75 -28.98
CA GLY B 487 -42.49 17.06 -27.87
C GLY B 487 -43.63 16.03 -27.86
N PRO C 78 55.55 -2.72 48.26
CA PRO C 78 54.22 -3.08 48.78
C PRO C 78 53.12 -2.08 48.43
N SER C 79 53.19 -1.43 47.26
CA SER C 79 52.12 -0.56 46.77
C SER C 79 52.24 -0.11 45.30
N LEU C 80 51.11 -0.15 44.60
CA LEU C 80 50.91 0.50 43.30
C LEU C 80 51.94 0.21 42.20
N GLU C 81 52.80 1.20 41.97
CA GLU C 81 53.71 1.24 40.83
C GLU C 81 54.89 0.27 40.94
N ASP C 82 55.11 -0.25 42.14
CA ASP C 82 56.26 -1.09 42.41
C ASP C 82 55.96 -2.57 42.22
N LEU C 83 54.70 -2.95 42.41
CA LEU C 83 54.28 -4.28 42.02
C LEU C 83 54.40 -4.42 40.51
N LEU C 84 53.98 -3.37 39.81
CA LEU C 84 54.07 -3.33 38.35
C LEU C 84 55.51 -3.45 37.86
N PHE C 85 56.46 -2.91 38.63
CA PHE C 85 57.86 -3.05 38.23
C PHE C 85 58.33 -4.51 38.36
N TYR C 86 57.99 -5.18 39.47
CA TYR C 86 58.48 -6.55 39.68
C TYR C 86 57.76 -7.56 38.78
N THR C 87 56.51 -7.29 38.45
CA THR C 87 55.74 -8.18 37.58
C THR C 87 56.28 -8.17 36.15
N ILE C 88 57.01 -7.13 35.77
CA ILE C 88 57.59 -7.07 34.44
C ILE C 88 59.04 -7.49 34.48
N ALA C 89 59.77 -6.96 35.47
CA ALA C 89 61.18 -7.28 35.63
C ALA C 89 61.38 -8.77 35.91
N GLU C 90 60.37 -9.40 36.51
CA GLU C 90 60.39 -10.82 36.84
C GLU C 90 61.56 -11.18 37.77
N GLY C 91 61.93 -10.23 38.62
CA GLY C 91 63.08 -10.39 39.48
C GLY C 91 64.41 -10.29 38.75
N GLN C 92 64.38 -9.89 37.48
CA GLN C 92 65.61 -9.64 36.74
C GLN C 92 66.27 -8.39 37.29
N GLU C 93 67.46 -8.06 36.77
CA GLU C 93 68.19 -6.87 37.24
C GLU C 93 67.32 -5.62 37.10
N LYS C 94 67.29 -5.01 35.92
CA LYS C 94 66.46 -3.82 35.66
C LYS C 94 65.40 -4.20 34.61
N ILE C 95 64.92 -3.23 33.84
CA ILE C 95 63.96 -3.52 32.76
C ILE C 95 64.40 -2.91 31.43
N PRO C 96 64.56 -3.75 30.40
CA PRO C 96 64.83 -3.27 29.04
C PRO C 96 63.61 -2.52 28.50
N VAL C 97 63.80 -1.33 27.92
CA VAL C 97 62.66 -0.49 27.49
C VAL C 97 61.82 -1.20 26.42
N HIS C 98 62.48 -1.87 25.49
CA HIS C 98 61.77 -2.64 24.47
C HIS C 98 60.88 -3.75 25.08
N LYS C 99 61.31 -4.33 26.20
CA LYS C 99 60.53 -5.40 26.82
C LYS C 99 59.20 -4.86 27.34
N PHE C 100 59.23 -3.65 27.88
CA PHE C 100 58.03 -3.02 28.44
C PHE C 100 57.03 -2.58 27.38
N ILE C 101 57.53 -2.07 26.26
CA ILE C 101 56.68 -1.63 25.19
C ILE C 101 56.05 -2.83 24.49
N THR C 102 56.78 -3.94 24.42
CA THR C 102 56.18 -5.15 23.87
C THR C 102 55.06 -5.65 24.77
N ALA C 103 55.35 -5.78 26.06
CA ALA C 103 54.35 -6.22 27.02
C ALA C 103 53.11 -5.34 26.96
N LEU C 104 53.31 -4.03 26.77
CA LEU C 104 52.19 -3.11 26.72
C LEU C 104 51.34 -3.32 25.45
N LYS C 105 51.99 -3.37 24.30
CA LYS C 105 51.32 -3.56 23.01
C LYS C 105 50.45 -4.82 22.98
N SER C 106 50.85 -5.83 23.75
CA SER C 106 50.14 -7.09 23.75
C SER C 106 48.91 -7.06 24.66
N THR C 107 48.76 -6.00 25.45
CA THR C 107 47.49 -5.82 26.15
C THR C 107 46.46 -5.24 25.21
N GLY C 108 46.90 -4.78 24.05
CA GLY C 108 46.03 -4.17 23.07
C GLY C 108 46.20 -2.66 22.97
N LEU C 109 46.64 -2.04 24.06
CA LEU C 109 46.87 -0.60 24.06
C LEU C 109 47.88 -0.24 22.99
N ARG C 110 47.68 0.92 22.37
CA ARG C 110 48.69 1.41 21.47
C ARG C 110 49.63 2.38 22.17
N THR C 111 50.81 2.52 21.59
CA THR C 111 51.84 3.36 22.16
C THR C 111 51.42 4.84 22.04
N SER C 112 50.58 5.13 21.05
CA SER C 112 50.13 6.49 20.78
C SER C 112 48.87 6.86 21.55
N ASP C 113 48.47 6.00 22.47
CA ASP C 113 47.27 6.22 23.27
C ASP C 113 47.32 7.52 24.08
N PRO C 114 46.37 8.43 23.83
CA PRO C 114 46.28 9.68 24.58
C PRO C 114 46.35 9.53 26.09
N ARG C 115 45.81 8.45 26.65
CA ARG C 115 45.82 8.31 28.11
C ARG C 115 47.20 7.95 28.65
N LEU C 116 48.17 7.80 27.75
CA LEU C 116 49.51 7.37 28.10
C LEU C 116 50.56 8.43 27.76
N LYS C 117 50.11 9.57 27.22
CA LYS C 117 51.00 10.54 26.60
C LYS C 117 52.08 10.99 27.57
N GLU C 118 51.72 11.01 28.85
CA GLU C 118 52.66 11.41 29.88
C GLU C 118 53.70 10.32 29.97
N CYS C 119 53.27 9.13 30.37
CA CYS C 119 54.17 7.99 30.48
C CYS C 119 55.15 7.86 29.31
N MET C 120 54.62 7.90 28.10
CA MET C 120 55.44 7.74 26.92
C MET C 120 56.47 8.85 26.82
N ASP C 121 56.02 10.10 26.93
CA ASP C 121 56.91 11.26 26.84
C ASP C 121 58.07 11.19 27.82
N MET C 122 57.81 10.70 29.02
CA MET C 122 58.85 10.54 30.02
C MET C 122 59.86 9.54 29.49
N LEU C 123 59.36 8.37 29.09
CA LEU C 123 60.21 7.29 28.61
C LEU C 123 61.20 7.67 27.52
N ARG C 124 60.81 8.54 26.60
CA ARG C 124 61.72 8.95 25.51
C ARG C 124 62.77 9.96 25.98
N LEU C 125 62.33 10.88 26.84
CA LEU C 125 63.23 11.88 27.40
C LEU C 125 64.13 11.27 28.49
N THR C 126 63.64 10.24 29.18
CA THR C 126 64.43 9.46 30.13
C THR C 126 65.65 8.82 29.45
N LEU C 127 65.42 8.29 28.25
CA LEU C 127 66.47 7.69 27.44
C LEU C 127 67.32 8.79 26.78
N GLN C 128 67.68 9.79 27.59
CA GLN C 128 68.56 10.87 27.22
C GLN C 128 69.37 11.30 28.43
N THR C 129 68.73 11.34 29.61
CA THR C 129 69.43 11.66 30.87
C THR C 129 70.68 10.78 30.98
N THR C 130 70.49 9.51 30.60
CA THR C 130 71.51 8.63 30.01
C THR C 130 70.79 7.61 29.11
N SER C 131 70.89 7.83 27.78
CA SER C 131 70.44 6.84 26.78
C SER C 131 71.36 5.63 26.84
N ASP C 132 72.56 5.89 27.39
CA ASP C 132 73.57 4.88 27.77
C ASP C 132 72.98 3.62 28.40
N GLY C 133 71.68 3.65 28.68
CA GLY C 133 70.89 2.54 29.22
C GLY C 133 71.13 1.18 28.58
N VAL C 134 70.14 0.67 27.81
CA VAL C 134 68.82 1.27 27.64
C VAL C 134 67.82 0.65 28.62
N MET C 135 68.14 0.72 29.91
CA MET C 135 67.34 0.07 30.94
C MET C 135 66.48 1.03 31.73
N LEU C 136 65.82 0.47 32.74
CA LEU C 136 65.04 1.25 33.69
C LEU C 136 65.33 0.77 35.10
N ASP C 137 65.78 1.67 35.97
CA ASP C 137 65.84 1.38 37.40
C ASP C 137 64.41 1.26 37.89
N LYS C 138 64.17 0.55 39.00
CA LYS C 138 62.84 0.57 39.61
C LYS C 138 62.48 2.04 39.84
N ASP C 139 63.50 2.77 40.29
CA ASP C 139 63.55 4.22 40.41
C ASP C 139 63.00 4.90 39.15
N LEU C 140 63.71 4.67 38.05
CA LEU C 140 63.45 5.26 36.75
C LEU C 140 62.05 4.95 36.23
N PHE C 141 61.76 3.65 36.20
CA PHE C 141 60.47 3.12 35.82
C PHE C 141 59.34 3.81 36.57
N LYS C 142 59.32 3.68 37.91
CA LYS C 142 58.20 4.16 38.73
C LYS C 142 57.76 5.58 38.39
N LYS C 143 58.71 6.42 37.99
CA LYS C 143 58.41 7.82 37.75
C LYS C 143 57.75 8.00 36.39
N CYS C 144 57.99 7.05 35.49
CA CYS C 144 57.35 7.08 34.19
C CYS C 144 55.91 6.58 34.26
N VAL C 145 55.72 5.36 34.76
CA VAL C 145 54.38 4.80 34.91
C VAL C 145 53.58 5.46 36.03
N GLN C 146 54.18 6.46 36.68
CA GLN C 146 53.57 7.07 37.85
C GLN C 146 52.17 7.59 37.54
N SER C 147 52.10 8.46 36.55
CA SER C 147 50.88 9.14 36.16
C SER C 147 49.74 8.23 35.68
N ASN C 148 50.08 7.18 34.95
CA ASN C 148 49.10 6.29 34.34
C ASN C 148 49.05 4.92 34.99
N ILE C 149 49.28 4.90 36.30
CA ILE C 149 49.53 3.64 36.95
C ILE C 149 48.25 2.80 36.98
N VAL C 150 47.13 3.45 37.24
CA VAL C 150 45.88 2.72 37.38
C VAL C 150 45.51 2.02 36.07
N LEU C 151 45.63 2.73 34.95
CA LEU C 151 45.34 2.17 33.63
C LEU C 151 46.35 1.11 33.23
N LEU C 152 47.63 1.41 33.40
CA LEU C 152 48.68 0.44 33.09
C LEU C 152 48.56 -0.81 33.96
N THR C 153 47.93 -0.69 35.11
CA THR C 153 47.79 -1.84 35.98
C THR C 153 46.68 -2.76 35.48
N GLN C 154 45.51 -2.19 35.21
CA GLN C 154 44.38 -2.96 34.69
C GLN C 154 44.78 -3.74 33.45
N ALA C 155 45.47 -3.06 32.54
CA ALA C 155 45.99 -3.66 31.33
C ALA C 155 46.78 -4.92 31.63
N PHE C 156 47.73 -4.81 32.56
CA PHE C 156 48.68 -5.88 32.84
C PHE C 156 48.11 -6.95 33.78
N ARG C 157 47.04 -6.61 34.49
CA ARG C 157 46.30 -7.59 35.30
C ARG C 157 45.07 -8.13 34.59
N ARG C 158 45.17 -8.24 33.25
CA ARG C 158 44.07 -8.65 32.36
C ARG C 158 42.66 -8.25 32.85
N LYS C 159 42.50 -6.96 33.12
CA LYS C 159 41.25 -6.45 33.67
C LYS C 159 40.34 -5.86 32.58
N PHE C 160 40.90 -5.73 31.38
CA PHE C 160 40.17 -5.16 30.26
C PHE C 160 39.05 -6.09 29.76
N VAL C 161 38.10 -5.51 29.01
CA VAL C 161 36.88 -6.21 28.61
C VAL C 161 37.17 -7.48 27.80
N ILE C 162 38.27 -7.47 27.07
CA ILE C 162 38.78 -8.67 26.44
C ILE C 162 40.15 -8.98 27.01
N PRO C 163 40.21 -9.95 27.94
CA PRO C 163 41.43 -10.35 28.64
C PRO C 163 42.53 -10.79 27.69
N ASP C 164 42.31 -11.90 27.02
CA ASP C 164 43.33 -12.44 26.12
C ASP C 164 43.23 -11.77 24.73
N PHE C 165 43.69 -10.53 24.65
CA PHE C 165 43.55 -9.79 23.41
C PHE C 165 44.37 -10.33 22.24
N MET C 166 45.54 -10.91 22.51
CA MET C 166 46.36 -11.39 21.40
C MET C 166 45.74 -12.59 20.69
N SER C 167 44.93 -13.34 21.43
CA SER C 167 44.18 -14.46 20.85
C SER C 167 42.97 -13.96 20.06
N PHE C 168 42.31 -12.94 20.58
CA PHE C 168 41.13 -12.38 19.94
C PHE C 168 41.46 -11.78 18.59
N THR C 169 42.59 -11.09 18.51
CA THR C 169 43.01 -10.48 17.25
C THR C 169 43.40 -11.55 16.23
N SER C 170 43.63 -12.78 16.69
CA SER C 170 43.88 -13.89 15.76
C SER C 170 42.61 -14.31 15.09
N HIS C 171 41.52 -14.34 15.84
CA HIS C 171 40.26 -14.70 15.23
C HIS C 171 39.79 -13.62 14.27
N ILE C 172 39.97 -12.35 14.66
CA ILE C 172 39.65 -11.23 13.79
C ILE C 172 40.41 -11.33 12.48
N ASP C 173 41.65 -11.75 12.58
CA ASP C 173 42.47 -11.91 11.38
C ASP C 173 41.96 -13.05 10.51
N GLU C 174 41.58 -14.18 11.12
CA GLU C 174 41.04 -15.32 10.34
C GLU C 174 39.71 -14.91 9.73
N LEU C 175 38.95 -14.10 10.47
CA LEU C 175 37.70 -13.57 9.97
C LEU C 175 37.91 -12.61 8.81
N TYR C 176 38.98 -11.81 8.87
CA TYR C 176 39.30 -10.87 7.80
C TYR C 176 39.68 -11.62 6.51
N GLU C 177 40.40 -12.73 6.67
CA GLU C 177 40.89 -13.48 5.51
C GLU C 177 39.78 -14.26 4.84
N SER C 178 38.81 -14.70 5.64
CA SER C 178 37.69 -15.46 5.14
C SER C 178 36.77 -14.55 4.31
N ALA C 179 36.56 -13.35 4.82
CA ALA C 179 35.71 -12.39 4.15
C ALA C 179 36.44 -11.85 2.92
N LYS C 180 37.75 -11.87 2.98
CA LYS C 180 38.57 -11.30 1.91
C LYS C 180 38.37 -12.06 0.59
N LYS C 181 37.88 -13.30 0.69
CA LYS C 181 37.74 -14.17 -0.47
C LYS C 181 36.33 -14.06 -1.08
N GLN C 182 35.64 -12.98 -0.77
CA GLN C 182 34.32 -12.72 -1.36
C GLN C 182 34.41 -11.75 -2.51
N SER C 183 34.89 -12.27 -3.64
CA SER C 183 34.95 -11.59 -4.93
C SER C 183 33.82 -10.59 -5.25
N GLY C 184 32.60 -10.97 -4.86
CA GLY C 184 31.37 -10.36 -5.36
C GLY C 184 31.08 -8.90 -5.03
N GLY C 185 30.05 -8.37 -5.69
CA GLY C 185 29.61 -7.00 -5.53
C GLY C 185 29.95 -6.05 -6.67
N LYS C 186 29.25 -4.93 -6.71
CA LYS C 186 29.57 -3.84 -7.61
C LYS C 186 29.95 -2.63 -6.75
N VAL C 187 31.02 -1.94 -7.15
CA VAL C 187 31.36 -0.67 -6.50
C VAL C 187 30.36 0.39 -6.92
N ALA C 188 29.99 1.26 -5.99
CA ALA C 188 29.10 2.38 -6.29
C ALA C 188 29.66 3.20 -7.44
N ASP C 189 29.08 3.00 -8.61
CA ASP C 189 29.59 3.67 -9.80
C ASP C 189 28.56 4.64 -10.33
N TYR C 190 27.99 5.42 -9.41
CA TYR C 190 27.03 6.43 -9.82
C TYR C 190 27.64 7.83 -9.65
N ILE C 191 28.78 7.89 -8.96
CA ILE C 191 29.48 9.16 -8.77
C ILE C 191 31.00 8.94 -8.84
N PRO C 192 31.67 9.71 -9.73
CA PRO C 192 33.09 9.57 -10.14
C PRO C 192 34.09 9.39 -8.98
N GLN C 193 33.70 9.77 -7.76
CA GLN C 193 34.55 9.65 -6.55
C GLN C 193 34.51 8.26 -5.90
N LEU C 194 33.48 7.48 -6.23
CA LEU C 194 33.30 6.15 -5.65
C LEU C 194 33.61 5.06 -6.66
N ALA C 195 33.50 5.40 -7.96
CA ALA C 195 33.99 4.58 -9.05
C ALA C 195 35.50 4.52 -8.96
N LYS C 196 36.08 5.67 -8.62
CA LYS C 196 37.50 5.84 -8.24
C LYS C 196 38.12 4.64 -7.53
N PHE C 197 37.50 4.20 -6.44
CA PHE C 197 38.10 3.22 -5.53
C PHE C 197 38.24 1.80 -6.10
N SER C 198 39.41 1.20 -5.85
CA SER C 198 39.67 -0.20 -6.17
C SER C 198 38.72 -1.11 -5.41
N PRO C 199 38.17 -2.11 -6.10
CA PRO C 199 37.35 -3.16 -5.47
C PRO C 199 38.13 -4.04 -4.47
N ASP C 200 39.46 -4.06 -4.60
CA ASP C 200 40.28 -4.96 -3.79
C ASP C 200 40.56 -4.42 -2.40
N LEU C 201 40.05 -3.24 -2.11
CA LEU C 201 40.29 -2.62 -0.83
C LEU C 201 39.38 -3.22 0.24
N TRP C 202 39.97 -3.48 1.40
CA TRP C 202 39.29 -4.24 2.43
C TRP C 202 40.02 -4.01 3.77
N GLY C 203 39.30 -3.45 4.73
CA GLY C 203 39.88 -3.11 6.02
C GLY C 203 38.95 -3.29 7.20
N VAL C 204 39.49 -3.81 8.30
CA VAL C 204 38.71 -3.99 9.52
C VAL C 204 39.48 -3.43 10.70
N SER C 205 38.80 -2.62 11.52
CA SER C 205 39.41 -2.05 12.73
C SER C 205 38.55 -2.19 13.98
N VAL C 206 39.22 -2.55 15.05
CA VAL C 206 38.62 -2.87 16.32
C VAL C 206 39.13 -1.93 17.40
N CYS C 207 38.22 -1.25 18.09
CA CYS C 207 38.57 -0.51 19.29
C CYS C 207 37.66 -0.98 20.41
N THR C 208 38.22 -1.57 21.48
CA THR C 208 37.40 -2.00 22.60
C THR C 208 37.06 -0.83 23.47
N ALA C 209 36.15 -1.04 24.41
CA ALA C 209 35.73 0.05 25.28
C ALA C 209 36.84 0.40 26.25
N ASP C 210 37.99 -0.27 26.12
CA ASP C 210 39.13 0.02 26.98
C ASP C 210 40.30 0.60 26.20
N GLY C 211 40.11 0.76 24.89
CA GLY C 211 41.14 1.35 24.06
C GLY C 211 42.10 0.34 23.47
N GLN C 212 41.77 -0.95 23.62
CA GLN C 212 42.53 -1.99 22.92
C GLN C 212 42.26 -1.91 21.42
N ARG C 213 43.31 -1.83 20.61
CA ARG C 213 43.14 -1.57 19.20
C ARG C 213 43.61 -2.71 18.33
N HIS C 214 43.03 -2.80 17.12
CA HIS C 214 43.57 -3.72 16.12
C HIS C 214 43.12 -3.39 14.70
N SER C 215 44.02 -3.54 13.75
CA SER C 215 43.68 -3.34 12.35
C SER C 215 44.28 -4.46 11.54
N THR C 216 43.63 -4.74 10.42
CA THR C 216 44.18 -5.63 9.42
C THR C 216 43.55 -5.20 8.10
N GLY C 217 44.30 -5.24 7.03
CA GLY C 217 43.79 -4.72 5.78
C GLY C 217 44.04 -3.23 5.64
N ASP C 218 43.38 -2.61 4.67
CA ASP C 218 43.59 -1.22 4.27
C ASP C 218 42.88 -0.20 5.18
N THR C 219 43.39 -0.04 6.40
CA THR C 219 42.63 0.63 7.44
C THR C 219 43.01 2.09 7.65
N LYS C 220 44.01 2.56 6.93
CA LYS C 220 44.38 3.97 7.01
C LYS C 220 43.96 4.77 5.75
N VAL C 221 43.32 4.11 4.79
CA VAL C 221 42.83 4.78 3.59
C VAL C 221 41.57 5.56 3.91
N PRO C 222 41.51 6.82 3.51
CA PRO C 222 40.29 7.52 3.93
C PRO C 222 39.19 7.38 2.91
N PHE C 223 37.96 7.24 3.42
CA PHE C 223 36.76 7.13 2.60
C PHE C 223 35.65 7.99 3.22
N CYS C 224 34.62 8.28 2.44
CA CYS C 224 33.47 9.04 2.93
C CYS C 224 32.47 8.20 3.74
N LEU C 225 32.00 8.74 4.85
CA LEU C 225 31.06 8.05 5.71
C LEU C 225 29.78 7.75 4.99
N GLN C 226 29.30 8.73 4.22
CA GLN C 226 27.97 8.67 3.62
C GLN C 226 26.95 8.35 4.71
N SER C 227 26.10 7.37 4.49
CA SER C 227 25.00 7.09 5.41
C SER C 227 25.46 6.61 6.78
N CYS C 228 26.73 6.24 6.90
CA CYS C 228 27.30 5.93 8.21
C CYS C 228 27.24 7.12 9.16
N VAL C 229 27.04 8.32 8.61
CA VAL C 229 27.04 9.54 9.41
C VAL C 229 25.66 9.78 10.04
N LYS C 230 24.66 9.07 9.54
CA LYS C 230 23.30 9.23 10.01
C LYS C 230 23.15 8.97 11.53
N PRO C 231 23.70 7.85 12.03
CA PRO C 231 23.56 7.70 13.49
C PRO C 231 24.35 8.76 14.27
N LEU C 232 25.47 9.20 13.69
CA LEU C 232 26.32 10.15 14.38
C LEU C 232 25.58 11.48 14.55
N LYS C 233 25.00 11.99 13.47
CA LYS C 233 24.39 13.30 13.55
C LYS C 233 23.07 13.22 14.29
N TYR C 234 22.47 12.03 14.32
CA TYR C 234 21.29 11.82 15.14
C TYR C 234 21.65 11.94 16.61
N ALA C 235 22.74 11.26 16.99
CA ALA C 235 23.24 11.28 18.35
C ALA C 235 23.43 12.72 18.86
N ILE C 236 24.13 13.52 18.05
CA ILE C 236 24.38 14.92 18.37
C ILE C 236 23.06 15.64 18.66
N ALA C 237 22.08 15.43 17.78
CA ALA C 237 20.80 16.10 17.88
C ALA C 237 20.14 15.78 19.21
N VAL C 238 20.12 14.50 19.56
CA VAL C 238 19.50 14.07 20.78
C VAL C 238 20.33 14.52 21.95
N ASN C 239 21.64 14.50 21.79
CA ASN C 239 22.51 15.00 22.85
C ASN C 239 22.22 16.48 23.18
N ASP C 240 21.83 17.24 22.17
CA ASP C 240 21.67 18.66 22.38
C ASP C 240 20.23 19.04 22.72
N LEU C 241 19.27 18.28 22.21
CA LEU C 241 17.88 18.70 22.28
C LEU C 241 16.98 17.70 23.00
N GLY C 242 17.42 16.45 23.03
CA GLY C 242 16.73 15.47 23.83
C GLY C 242 15.80 14.61 23.03
N THR C 243 15.36 13.50 23.62
CA THR C 243 14.61 12.48 22.91
C THR C 243 13.27 13.03 22.44
N GLU C 244 12.60 13.74 23.33
CA GLU C 244 11.24 14.21 23.07
C GLU C 244 11.14 15.20 21.90
N TYR C 245 12.00 16.22 21.88
CA TYR C 245 11.97 17.27 20.84
C TYR C 245 12.32 16.71 19.47
N VAL C 246 13.44 15.99 19.39
CA VAL C 246 13.87 15.36 18.15
C VAL C 246 12.74 14.51 17.58
N HIS C 247 11.98 13.83 18.43
CA HIS C 247 10.99 12.93 17.88
C HIS C 247 9.61 13.55 17.61
N ARG C 248 9.53 14.87 17.74
CA ARG C 248 8.44 15.62 17.14
C ARG C 248 8.61 15.68 15.61
N TYR C 249 9.85 15.79 15.16
CA TYR C 249 10.16 15.93 13.76
C TYR C 249 10.47 14.61 13.03
N VAL C 250 10.80 13.56 13.76
CA VAL C 250 11.09 12.26 13.13
C VAL C 250 10.62 11.07 13.99
N GLY C 251 10.12 10.03 13.34
CA GLY C 251 9.60 8.85 14.03
C GLY C 251 10.67 7.91 14.55
N LYS C 252 10.29 6.76 15.11
CA LYS C 252 11.29 5.88 15.71
C LYS C 252 11.11 4.41 15.39
N GLU C 253 10.73 4.10 14.16
CA GLU C 253 10.44 2.73 13.76
C GLU C 253 10.94 2.41 12.35
N PRO C 254 11.15 1.12 12.07
CA PRO C 254 11.32 0.69 10.66
C PRO C 254 10.04 0.94 9.84
N SER C 255 10.14 0.90 8.51
CA SER C 255 9.06 1.41 7.70
C SER C 255 8.01 0.35 7.32
N GLY C 256 8.51 -0.81 6.93
CA GLY C 256 7.72 -1.80 6.22
C GLY C 256 8.58 -2.20 5.03
N LEU C 257 8.43 -3.45 4.57
CA LEU C 257 9.42 -4.05 3.65
C LEU C 257 9.01 -4.04 2.16
N ARG C 258 7.97 -3.26 1.87
CA ARG C 258 8.04 -2.34 0.74
C ARG C 258 7.13 -1.16 1.11
N PHE C 259 7.52 -0.53 2.22
CA PHE C 259 7.19 0.87 2.42
C PHE C 259 8.54 1.61 2.32
N ASN C 260 9.55 0.90 1.80
CA ASN C 260 10.91 1.40 1.49
C ASN C 260 10.88 2.70 0.72
N LYS C 261 9.82 2.79 -0.08
CA LYS C 261 9.59 3.83 -1.07
C LYS C 261 9.09 5.15 -0.47
N LEU C 262 8.01 5.08 0.30
CA LEU C 262 7.37 6.24 0.95
C LEU C 262 8.34 7.16 1.71
N PHE C 263 8.01 8.44 1.82
CA PHE C 263 8.87 9.38 2.55
C PHE C 263 8.36 9.63 3.95
N LEU C 264 7.04 9.64 4.11
CA LEU C 264 6.44 9.97 5.41
C LEU C 264 5.55 8.85 5.96
N ASN C 265 5.53 8.69 7.29
CA ASN C 265 4.65 7.71 7.92
C ASN C 265 3.23 8.25 8.07
N GLU C 266 2.38 7.56 8.82
CA GLU C 266 1.00 7.98 8.90
C GLU C 266 0.80 9.20 9.80
N ASP C 267 1.89 9.87 10.18
CA ASP C 267 1.78 11.09 11.00
C ASP C 267 2.57 12.22 10.42
N ASP C 268 2.93 12.09 9.14
CA ASP C 268 3.64 13.12 8.39
C ASP C 268 5.06 13.46 8.93
N LYS C 269 5.69 12.48 9.59
CA LYS C 269 7.11 12.53 9.89
C LYS C 269 7.86 11.43 9.14
N PRO C 270 9.13 11.66 8.81
CA PRO C 270 9.85 10.54 8.19
C PRO C 270 9.96 9.38 9.16
N HIS C 271 10.00 8.16 8.65
CA HIS C 271 9.85 6.98 9.49
C HIS C 271 10.86 6.85 10.64
N ASN C 272 12.06 7.39 10.47
CA ASN C 272 13.15 7.29 11.44
C ASN C 272 14.37 8.04 10.91
N PRO C 273 15.41 8.20 11.73
CA PRO C 273 16.57 8.94 11.26
C PRO C 273 17.51 8.15 10.39
N MET C 274 17.21 6.91 10.06
CA MET C 274 18.24 6.13 9.40
C MET C 274 18.05 6.13 7.90
N VAL C 275 17.01 6.82 7.49
CA VAL C 275 16.56 6.88 6.11
C VAL C 275 16.61 8.31 5.58
N ASN C 276 16.82 8.48 4.28
CA ASN C 276 17.16 9.80 3.77
C ASN C 276 16.17 10.89 4.18
N ALA C 277 14.87 10.60 4.20
CA ALA C 277 13.90 11.58 4.68
C ALA C 277 14.19 12.02 6.12
N GLY C 278 14.37 11.05 7.02
CA GLY C 278 14.61 11.34 8.44
C GLY C 278 15.90 12.10 8.66
N ALA C 279 16.97 11.64 8.02
CA ALA C 279 18.28 12.22 8.19
C ALA C 279 18.28 13.70 7.86
N ILE C 280 17.63 14.02 6.73
CA ILE C 280 17.47 15.39 6.25
C ILE C 280 16.74 16.22 7.30
N VAL C 281 15.65 15.70 7.84
CA VAL C 281 14.94 16.45 8.87
C VAL C 281 15.82 16.66 10.10
N VAL C 282 16.48 15.60 10.56
CA VAL C 282 17.42 15.70 11.68
C VAL C 282 18.47 16.76 11.44
N THR C 283 19.08 16.74 10.26
CA THR C 283 20.03 17.76 9.84
C THR C 283 19.50 19.19 10.09
N SER C 284 18.20 19.39 9.93
CA SER C 284 17.64 20.72 10.14
C SER C 284 17.46 21.09 11.61
N LEU C 285 17.76 20.17 12.51
CA LEU C 285 17.55 20.41 13.93
C LEU C 285 18.84 20.87 14.61
N ILE C 286 19.96 20.66 13.93
CA ILE C 286 21.27 20.88 14.53
C ILE C 286 21.72 22.33 14.45
N LYS C 287 22.07 22.90 15.61
CA LYS C 287 22.63 24.24 15.70
C LYS C 287 21.81 25.21 14.87
N GLN C 288 20.51 25.26 15.15
CA GLN C 288 19.56 26.09 14.40
C GLN C 288 19.86 27.58 14.55
N GLY C 289 19.77 28.32 13.45
CA GLY C 289 19.95 29.76 13.49
C GLY C 289 21.38 30.31 13.47
N VAL C 290 22.36 29.43 13.27
CA VAL C 290 23.70 29.84 12.85
C VAL C 290 23.86 29.36 11.40
N ASN C 291 24.88 29.81 10.69
CA ASN C 291 24.93 29.47 9.26
C ASN C 291 25.64 28.16 9.01
N ASN C 292 25.65 27.73 7.75
CA ASN C 292 26.04 26.38 7.43
C ASN C 292 27.50 26.09 7.63
N ALA C 293 28.30 27.13 7.73
CA ALA C 293 29.73 26.90 7.97
C ALA C 293 29.94 26.66 9.46
N GLU C 294 29.18 27.39 10.28
CA GLU C 294 29.24 27.23 11.72
C GLU C 294 28.66 25.88 12.14
N LYS C 295 27.50 25.54 11.58
CA LYS C 295 26.89 24.25 11.88
C LYS C 295 27.87 23.11 11.56
N PHE C 296 28.49 23.21 10.39
CA PHE C 296 29.41 22.18 9.95
C PHE C 296 30.61 22.08 10.85
N ASP C 297 31.22 23.21 11.22
CA ASP C 297 32.35 23.26 12.15
C ASP C 297 31.98 22.54 13.44
N TYR C 298 30.78 22.83 13.93
CA TYR C 298 30.25 22.24 15.15
C TYR C 298 30.19 20.71 15.11
N VAL C 299 29.67 20.18 14.02
CA VAL C 299 29.56 18.74 13.92
C VAL C 299 30.95 18.16 13.81
N MET C 300 31.80 18.82 13.02
CA MET C 300 33.19 18.37 12.85
C MET C 300 33.94 18.18 14.16
N GLN C 301 33.87 19.18 15.01
CA GLN C 301 34.51 19.15 16.29
C GLN C 301 33.87 18.06 17.14
N PHE C 302 32.56 17.87 16.99
CA PHE C 302 31.86 16.86 17.77
C PHE C 302 32.37 15.48 17.35
N LEU C 303 32.54 15.28 16.05
CA LEU C 303 33.09 14.03 15.54
C LEU C 303 34.54 13.84 15.97
N ASN C 304 35.27 14.94 16.08
CA ASN C 304 36.64 14.90 16.57
C ASN C 304 36.71 14.28 17.98
N LYS C 305 35.90 14.78 18.91
CA LYS C 305 35.82 14.20 20.24
C LYS C 305 35.57 12.70 20.14
N MET C 306 34.56 12.33 19.38
CA MET C 306 34.15 10.94 19.25
C MET C 306 35.22 10.00 18.75
N ALA C 307 36.12 10.50 17.92
CA ALA C 307 37.18 9.68 17.37
C ALA C 307 38.51 9.85 18.12
N GLY C 308 38.46 10.41 19.32
CA GLY C 308 39.67 10.67 20.09
C GLY C 308 40.72 11.40 19.26
N ASN C 309 40.23 12.31 18.42
CA ASN C 309 41.06 13.15 17.57
C ASN C 309 41.97 12.38 16.64
N GLU C 310 41.48 11.26 16.14
CA GLU C 310 42.11 10.62 14.99
C GLU C 310 41.40 11.13 13.74
N TYR C 311 41.83 10.68 12.58
CA TYR C 311 41.51 11.38 11.35
C TYR C 311 40.01 11.55 11.09
N VAL C 312 39.61 12.81 10.95
CA VAL C 312 38.32 13.15 10.43
C VAL C 312 38.55 14.16 9.33
N GLY C 313 38.17 13.83 8.10
CA GLY C 313 38.43 14.73 6.99
C GLY C 313 37.19 15.23 6.24
N PHE C 314 37.44 15.76 5.05
CA PHE C 314 36.36 16.17 4.16
C PHE C 314 36.79 16.02 2.72
N SER C 315 35.87 15.49 1.92
CA SER C 315 36.08 15.33 0.50
C SER C 315 35.21 16.33 -0.26
N ASN C 316 35.82 17.38 -0.80
CA ASN C 316 35.06 18.38 -1.55
C ASN C 316 34.58 17.80 -2.87
N ALA C 317 35.35 16.86 -3.41
CA ALA C 317 35.00 16.20 -4.66
C ALA C 317 33.67 15.49 -4.51
N THR C 318 33.58 14.62 -3.50
CA THR C 318 32.34 13.92 -3.18
C THR C 318 31.21 14.90 -2.94
N PHE C 319 31.53 16.01 -2.27
CA PHE C 319 30.53 17.03 -1.98
C PHE C 319 29.92 17.61 -3.24
N GLN C 320 30.77 18.05 -4.17
CA GLN C 320 30.28 18.61 -5.42
C GLN C 320 29.48 17.56 -6.22
N SER C 321 29.99 16.34 -6.31
CA SER C 321 29.31 15.28 -7.05
C SER C 321 27.94 14.97 -6.46
N GLU C 322 27.91 14.73 -5.16
CA GLU C 322 26.70 14.40 -4.45
C GLU C 322 25.59 15.45 -4.63
N ARG C 323 25.97 16.69 -4.93
CA ARG C 323 24.99 17.76 -5.04
C ARG C 323 24.63 18.04 -6.51
N GLU C 324 25.49 17.63 -7.42
CA GLU C 324 25.22 17.74 -8.85
C GLU C 324 24.21 16.66 -9.25
N SER C 325 24.23 15.57 -8.49
CA SER C 325 23.58 14.32 -8.86
C SER C 325 22.40 13.91 -7.97
N GLY C 326 22.14 14.65 -6.90
CA GLY C 326 21.15 14.25 -5.92
C GLY C 326 19.73 14.73 -6.19
N ASP C 327 19.16 14.33 -7.32
CA ASP C 327 17.80 14.72 -7.66
C ASP C 327 16.78 14.12 -6.70
N ARG C 328 17.02 12.91 -6.23
CA ARG C 328 16.09 12.31 -5.29
C ARG C 328 16.08 13.05 -3.96
N ASN C 329 17.24 13.54 -3.54
CA ASN C 329 17.29 14.19 -2.26
C ASN C 329 16.55 15.52 -2.30
N PHE C 330 16.60 16.17 -3.46
CA PHE C 330 15.83 17.39 -3.65
C PHE C 330 14.34 17.09 -3.66
N ALA C 331 13.96 15.99 -4.30
CA ALA C 331 12.57 15.54 -4.29
C ALA C 331 12.08 15.45 -2.85
N ILE C 332 12.88 14.82 -2.00
CA ILE C 332 12.54 14.62 -0.60
C ILE C 332 12.48 15.93 0.17
N GLY C 333 13.40 16.84 -0.15
CA GLY C 333 13.44 18.12 0.52
C GLY C 333 12.14 18.89 0.31
N TYR C 334 11.81 19.11 -0.95
CA TYR C 334 10.58 19.78 -1.33
C TYR C 334 9.32 19.07 -0.83
N TYR C 335 9.31 17.75 -0.84
CA TYR C 335 8.18 17.06 -0.24
C TYR C 335 8.05 17.45 1.24
N LEU C 336 9.16 17.43 1.97
CA LEU C 336 9.13 17.75 3.39
C LEU C 336 8.70 19.21 3.65
N LYS C 337 9.20 20.11 2.81
CA LYS C 337 8.90 21.52 2.97
C LYS C 337 7.42 21.69 2.79
N GLU C 338 6.90 20.98 1.80
CA GLU C 338 5.50 21.09 1.47
C GLU C 338 4.63 20.60 2.61
N LYS C 339 5.08 19.58 3.33
CA LYS C 339 4.32 18.97 4.42
C LYS C 339 4.67 19.55 5.78
N LYS C 340 5.52 20.57 5.78
CA LYS C 340 5.90 21.31 7.01
C LYS C 340 6.59 20.42 8.04
N CYS C 341 7.57 19.66 7.58
CA CYS C 341 8.28 18.74 8.43
C CYS C 341 9.45 19.39 9.15
N PHE C 342 9.92 20.52 8.62
CA PHE C 342 11.07 21.22 9.18
C PHE C 342 10.67 22.18 10.30
N PRO C 343 11.62 22.50 11.19
CA PRO C 343 11.34 23.51 12.22
C PRO C 343 11.08 24.87 11.56
N GLU C 344 10.25 25.70 12.18
CA GLU C 344 9.81 26.95 11.58
C GLU C 344 11.03 27.79 11.22
N GLY C 345 11.01 28.38 10.02
CA GLY C 345 12.12 29.21 9.58
C GLY C 345 13.33 28.43 9.09
N THR C 346 13.07 27.39 8.32
CA THR C 346 14.15 26.60 7.75
C THR C 346 14.38 26.95 6.27
N ASP C 347 15.64 27.17 5.92
CA ASP C 347 16.04 27.29 4.52
C ASP C 347 16.34 25.89 3.95
N MET C 348 15.32 25.25 3.39
CA MET C 348 15.43 23.84 2.96
C MET C 348 16.58 23.58 2.00
N VAL C 349 16.74 24.42 0.98
CA VAL C 349 17.83 24.23 0.04
C VAL C 349 19.18 24.26 0.77
N GLY C 350 19.27 25.06 1.83
CA GLY C 350 20.49 25.15 2.61
C GLY C 350 20.72 23.91 3.45
N ILE C 351 19.66 23.32 3.96
CA ILE C 351 19.80 22.13 4.76
C ILE C 351 20.26 20.96 3.86
N LEU C 352 19.90 21.01 2.59
CA LEU C 352 20.34 19.97 1.67
C LEU C 352 21.84 20.04 1.47
N ASP C 353 22.37 21.24 1.33
CA ASP C 353 23.82 21.39 1.19
C ASP C 353 24.57 20.91 2.45
N PHE C 354 24.10 21.34 3.62
CA PHE C 354 24.71 20.93 4.88
C PHE C 354 24.69 19.41 4.95
N TYR C 355 23.57 18.80 4.56
CA TYR C 355 23.39 17.34 4.52
C TYR C 355 24.38 16.71 3.55
N PHE C 356 24.47 17.29 2.36
CA PHE C 356 25.45 16.79 1.40
C PHE C 356 26.84 16.89 1.99
N GLN C 357 27.11 17.99 2.67
CA GLN C 357 28.41 18.17 3.29
C GLN C 357 28.66 17.03 4.27
N LEU C 358 27.73 16.79 5.19
CA LEU C 358 27.89 15.75 6.21
C LEU C 358 28.13 14.35 5.66
N CYS C 359 27.58 14.03 4.49
CA CYS C 359 27.82 12.72 3.87
C CYS C 359 29.23 12.64 3.32
N SER C 360 29.81 13.81 3.05
CA SER C 360 31.09 13.88 2.32
C SER C 360 32.26 13.91 3.27
N ILE C 361 31.98 13.63 4.53
CA ILE C 361 32.97 13.61 5.60
C ILE C 361 33.82 12.36 5.46
N GLU C 362 35.14 12.52 5.50
CA GLU C 362 36.03 11.37 5.40
C GLU C 362 36.45 10.84 6.77
N VAL C 363 36.76 9.55 6.83
CA VAL C 363 37.36 8.89 8.00
C VAL C 363 38.28 7.79 7.50
N THR C 364 38.97 7.14 8.41
CA THR C 364 39.69 5.92 8.06
C THR C 364 39.02 4.77 8.78
N CYS C 365 39.39 3.54 8.45
CA CYS C 365 38.92 2.46 9.30
C CYS C 365 39.22 2.73 10.75
N GLU C 366 40.45 3.18 11.02
CA GLU C 366 40.92 3.30 12.39
C GLU C 366 40.21 4.40 13.14
N SER C 367 40.03 5.56 12.53
CA SER C 367 39.38 6.63 13.27
C SER C 367 37.89 6.29 13.49
N ALA C 368 37.26 5.66 12.51
CA ALA C 368 35.85 5.37 12.65
C ALA C 368 35.60 4.31 13.72
N SER C 369 36.55 3.40 13.93
CA SER C 369 36.28 2.31 14.87
C SER C 369 36.27 2.86 16.26
N VAL C 370 36.90 4.01 16.46
CA VAL C 370 36.90 4.65 17.75
C VAL C 370 35.53 5.31 18.00
N MET C 371 34.98 5.96 16.99
CA MET C 371 33.63 6.51 17.08
C MET C 371 32.60 5.42 17.43
N ALA C 372 32.67 4.30 16.71
CA ALA C 372 31.85 3.14 17.05
C ALA C 372 32.10 2.69 18.50
N ALA C 373 33.34 2.85 18.97
CA ALA C 373 33.68 2.46 20.33
C ALA C 373 33.05 3.41 21.37
N THR C 374 32.99 4.69 21.06
CA THR C 374 32.29 5.64 21.92
C THR C 374 30.82 5.23 22.13
N LEU C 375 30.18 4.72 21.08
CA LEU C 375 28.80 4.23 21.18
C LEU C 375 28.73 2.96 22.04
N ALA C 376 29.72 2.09 21.86
CA ALA C 376 29.82 0.85 22.63
C ALA C 376 30.09 1.15 24.09
N ASN C 377 30.72 2.30 24.33
CA ASN C 377 31.13 2.68 25.69
C ASN C 377 30.22 3.68 26.40
N GLY C 378 28.93 3.72 26.03
CA GLY C 378 27.98 4.55 26.75
C GLY C 378 28.19 6.05 26.60
N GLY C 379 28.94 6.45 25.59
CA GLY C 379 29.16 7.85 25.32
C GLY C 379 30.47 8.46 25.79
N PHE C 380 31.33 7.67 26.41
CA PHE C 380 32.68 8.14 26.70
C PHE C 380 33.65 7.68 25.61
N CYS C 381 34.46 8.58 25.05
CA CYS C 381 35.52 8.13 24.13
C CYS C 381 36.56 7.26 24.87
N PRO C 382 36.71 6.00 24.46
CA PRO C 382 37.53 5.05 25.21
C PRO C 382 39.01 5.34 25.24
N ILE C 383 39.56 6.05 24.26
CA ILE C 383 41.01 6.32 24.29
C ILE C 383 41.37 7.69 24.86
N THR C 384 40.42 8.36 25.51
CA THR C 384 40.66 9.69 26.02
C THR C 384 39.97 9.90 27.34
N GLY C 385 38.86 9.20 27.53
CA GLY C 385 38.13 9.31 28.79
C GLY C 385 37.03 10.35 28.78
N GLU C 386 36.98 11.17 27.74
CA GLU C 386 36.03 12.28 27.71
C GLU C 386 34.54 11.90 27.40
N ARG C 387 33.61 12.42 28.21
CA ARG C 387 32.18 12.22 27.98
C ARG C 387 31.77 13.03 26.75
N VAL C 388 31.61 12.34 25.61
CA VAL C 388 31.21 12.96 24.36
C VAL C 388 29.68 13.05 24.18
N LEU C 389 28.96 11.97 24.47
CA LEU C 389 27.50 11.88 24.25
C LEU C 389 26.75 11.47 25.51
N SER C 390 25.53 11.98 25.68
CA SER C 390 24.73 11.58 26.84
C SER C 390 24.36 10.11 26.71
N PRO C 391 24.05 9.44 27.83
CA PRO C 391 23.61 8.05 27.66
C PRO C 391 22.32 7.96 26.84
N GLU C 392 21.41 8.89 27.07
CA GLU C 392 20.18 9.00 26.29
C GLU C 392 20.48 8.97 24.78
N ALA C 393 21.30 9.91 24.32
CA ALA C 393 21.74 9.96 22.92
C ALA C 393 22.33 8.62 22.41
N VAL C 394 23.17 7.97 23.20
CA VAL C 394 23.83 6.76 22.73
C VAL C 394 22.86 5.58 22.64
N ARG C 395 21.99 5.45 23.65
CA ARG C 395 20.99 4.39 23.70
C ARG C 395 20.08 4.42 22.49
N ASN C 396 19.32 5.50 22.43
CA ASN C 396 18.57 5.96 21.27
C ASN C 396 19.19 5.55 19.95
N THR C 397 20.48 5.83 19.78
CA THR C 397 21.11 5.63 18.46
C THR C 397 21.32 4.16 18.14
N LEU C 398 21.85 3.42 19.12
CA LEU C 398 22.00 1.97 19.00
C LEU C 398 20.63 1.26 18.85
N SER C 399 19.58 1.82 19.42
CA SER C 399 18.26 1.25 19.26
C SER C 399 17.86 1.27 17.79
N LEU C 400 18.12 2.40 17.14
CA LEU C 400 17.68 2.56 15.76
C LEU C 400 18.63 1.92 14.77
N MET C 401 19.90 1.83 15.12
CA MET C 401 20.85 1.15 14.25
C MET C 401 20.52 -0.35 14.20
N HIS C 402 20.04 -0.86 15.32
CA HIS C 402 19.55 -2.22 15.42
C HIS C 402 18.53 -2.55 14.33
N SER C 403 17.52 -1.68 14.22
CA SER C 403 16.34 -2.02 13.42
C SER C 403 16.27 -1.38 12.03
N CYS C 404 17.05 -0.32 11.82
CA CYS C 404 16.92 0.48 10.59
C CYS C 404 18.25 0.71 9.94
N GLY C 405 19.25 -0.08 10.28
CA GLY C 405 20.61 0.34 9.99
C GLY C 405 21.16 -0.11 8.68
N MET C 406 20.64 -1.22 8.16
CA MET C 406 21.24 -1.87 7.01
C MET C 406 20.35 -1.85 5.78
N TYR C 407 19.66 -0.74 5.59
CA TYR C 407 18.75 -0.58 4.45
C TYR C 407 17.72 -1.71 4.48
N ASP C 408 17.34 -2.21 3.31
CA ASP C 408 16.31 -3.28 3.23
C ASP C 408 16.74 -4.55 3.92
N PHE C 409 18.01 -4.64 4.28
CA PHE C 409 18.51 -5.84 4.93
C PHE C 409 18.43 -5.77 6.46
N SER C 410 17.84 -4.70 6.99
CA SER C 410 17.76 -4.50 8.43
C SER C 410 17.13 -5.67 9.21
N GLY C 411 16.05 -6.24 8.70
CA GLY C 411 15.36 -7.26 9.45
C GLY C 411 16.18 -8.54 9.46
N GLN C 412 16.85 -8.79 8.35
CA GLN C 412 17.52 -10.05 8.17
C GLN C 412 18.80 -9.99 8.97
N PHE C 413 19.33 -8.76 9.09
CA PHE C 413 20.52 -8.46 9.88
C PHE C 413 20.21 -8.51 11.38
N ALA C 414 19.11 -7.90 11.80
CA ALA C 414 18.69 -7.95 13.21
C ALA C 414 18.52 -9.39 13.71
N PHE C 415 17.94 -10.24 12.88
CA PHE C 415 17.73 -11.64 13.25
C PHE C 415 19.03 -12.35 13.36
N HIS C 416 19.83 -12.33 12.30
CA HIS C 416 21.01 -13.19 12.22
C HIS C 416 22.29 -12.67 12.93
N VAL C 417 22.54 -11.35 12.88
CA VAL C 417 23.74 -10.78 13.51
C VAL C 417 23.39 -10.18 14.88
N GLY C 418 22.19 -9.61 14.96
CA GLY C 418 21.71 -9.04 16.19
C GLY C 418 22.69 -8.07 16.82
N LEU C 419 23.20 -7.14 16.02
CA LEU C 419 24.08 -6.07 16.49
C LEU C 419 23.75 -4.75 15.82
N PRO C 420 23.83 -3.65 16.58
CA PRO C 420 23.66 -2.30 16.03
C PRO C 420 24.70 -2.01 14.97
N ALA C 421 24.28 -1.76 13.74
CA ALA C 421 25.25 -1.42 12.70
C ALA C 421 24.70 -0.38 11.75
N LYS C 422 25.57 0.26 10.98
CA LYS C 422 25.10 1.22 9.98
C LYS C 422 25.99 1.19 8.75
N SER C 423 25.38 1.02 7.58
CA SER C 423 26.14 0.90 6.35
C SER C 423 26.02 2.16 5.50
N GLY C 424 26.96 2.30 4.55
CA GLY C 424 26.98 3.43 3.64
C GLY C 424 27.50 3.08 2.26
N VAL C 425 27.14 3.89 1.27
CA VAL C 425 27.41 3.57 -0.13
C VAL C 425 28.91 3.54 -0.47
N ALA C 426 29.73 4.08 0.43
CA ALA C 426 31.16 4.11 0.21
C ALA C 426 31.81 2.77 0.49
N GLY C 427 31.04 1.84 1.05
CA GLY C 427 31.52 0.52 1.42
C GLY C 427 31.69 0.29 2.92
N GLY C 428 31.28 1.26 3.73
CA GLY C 428 31.54 1.17 5.14
C GLY C 428 30.45 0.47 5.91
N ILE C 429 30.81 -0.28 6.95
CA ILE C 429 29.84 -0.65 7.97
C ILE C 429 30.38 -0.35 9.34
N LEU C 430 29.72 0.58 10.01
CA LEU C 430 30.01 1.00 11.37
C LEU C 430 29.29 0.09 12.34
N LEU C 431 30.03 -0.76 13.03
CA LEU C 431 29.41 -1.83 13.82
C LEU C 431 29.67 -1.67 15.30
N VAL C 432 28.64 -1.86 16.12
CA VAL C 432 28.82 -1.68 17.56
C VAL C 432 28.48 -2.95 18.33
N VAL C 433 29.40 -3.43 19.15
CA VAL C 433 29.09 -4.49 20.11
C VAL C 433 29.05 -3.86 21.47
N PRO C 434 27.84 -3.58 21.98
CA PRO C 434 27.64 -2.87 23.23
C PRO C 434 28.41 -3.46 24.42
N ASN C 435 29.11 -2.58 25.12
CA ASN C 435 29.84 -2.92 26.33
C ASN C 435 31.11 -3.68 26.01
N VAL C 436 31.35 -3.97 24.75
CA VAL C 436 32.56 -4.67 24.37
C VAL C 436 33.44 -3.84 23.48
N MET C 437 33.03 -3.66 22.23
CA MET C 437 33.90 -2.99 21.27
C MET C 437 33.12 -2.24 20.20
N GLY C 438 33.84 -1.51 19.36
CA GLY C 438 33.27 -0.82 18.22
C GLY C 438 34.16 -1.17 17.05
N MET C 439 33.59 -1.24 15.85
CA MET C 439 34.33 -1.59 14.65
C MET C 439 33.94 -0.77 13.42
N MET C 440 34.79 -0.78 12.41
CA MET C 440 34.43 -0.26 11.09
C MET C 440 34.96 -1.22 10.05
N CYS C 441 34.08 -1.67 9.16
CA CYS C 441 34.46 -2.52 8.03
C CYS C 441 34.39 -1.70 6.79
N TRP C 442 35.34 -1.90 5.89
CA TRP C 442 35.30 -1.13 4.68
C TRP C 442 35.74 -1.98 3.49
N SER C 443 34.81 -2.16 2.56
CA SER C 443 35.06 -2.77 1.28
C SER C 443 34.09 -2.15 0.30
N PRO C 444 34.60 -1.47 -0.73
CA PRO C 444 33.70 -0.71 -1.61
C PRO C 444 32.66 -1.49 -2.44
N PRO C 445 32.95 -2.74 -2.90
CA PRO C 445 31.89 -3.44 -3.64
C PRO C 445 30.65 -3.76 -2.80
N LEU C 446 29.50 -3.28 -3.26
CA LEU C 446 28.23 -3.46 -2.56
C LEU C 446 27.38 -4.58 -3.14
N ASP C 447 26.50 -5.14 -2.29
CA ASP C 447 25.53 -6.10 -2.75
C ASP C 447 24.32 -5.40 -3.39
N LYS C 448 23.24 -6.15 -3.60
CA LYS C 448 22.08 -5.63 -4.32
C LYS C 448 21.23 -4.73 -3.45
N MET C 449 21.50 -4.72 -2.15
CA MET C 449 20.75 -3.85 -1.25
C MET C 449 21.60 -2.65 -0.79
N GLY C 450 22.85 -2.58 -1.28
CA GLY C 450 23.72 -1.44 -1.02
C GLY C 450 24.68 -1.57 0.16
N ASN C 451 24.74 -2.78 0.73
CA ASN C 451 25.64 -3.12 1.82
C ASN C 451 26.94 -3.68 1.30
N SER C 452 28.03 -3.49 2.04
CA SER C 452 29.32 -4.02 1.64
C SER C 452 29.30 -5.56 1.73
N VAL C 453 29.62 -6.20 0.62
CA VAL C 453 29.64 -7.66 0.51
C VAL C 453 30.60 -8.29 1.51
N LYS C 454 31.84 -7.81 1.53
CA LYS C 454 32.81 -8.33 2.48
C LYS C 454 32.43 -7.98 3.91
N GLY C 455 31.94 -6.76 4.10
CA GLY C 455 31.50 -6.31 5.41
C GLY C 455 30.43 -7.21 6.01
N ILE C 456 29.36 -7.43 5.26
CA ILE C 456 28.23 -8.26 5.70
C ILE C 456 28.63 -9.67 6.07
N HIS C 457 29.41 -10.28 5.18
CA HIS C 457 29.95 -11.58 5.44
C HIS C 457 30.74 -11.57 6.73
N PHE C 458 31.60 -10.56 6.89
CA PHE C 458 32.43 -10.48 8.11
C PHE C 458 31.58 -10.45 9.38
N CYS C 459 30.51 -9.65 9.35
CA CYS C 459 29.61 -9.50 10.49
C CYS C 459 28.89 -10.79 10.85
N HIS C 460 28.56 -11.57 9.84
CA HIS C 460 27.90 -12.83 10.12
C HIS C 460 28.87 -13.80 10.80
N ASP C 461 30.10 -13.88 10.29
CA ASP C 461 31.06 -14.82 10.84
C ASP C 461 31.41 -14.50 12.28
N LEU C 462 31.60 -13.22 12.56
CA LEU C 462 31.84 -12.72 13.90
C LEU C 462 30.90 -13.32 14.93
N VAL C 463 29.61 -13.19 14.65
CA VAL C 463 28.56 -13.60 15.58
C VAL C 463 28.31 -15.12 15.53
N SER C 464 28.78 -15.77 14.48
CA SER C 464 28.80 -17.23 14.45
C SER C 464 29.84 -17.77 15.42
N LEU C 465 30.93 -17.02 15.57
CA LEU C 465 32.06 -17.38 16.41
C LEU C 465 31.88 -16.98 17.86
N CYS C 466 31.42 -15.74 18.08
CA CYS C 466 31.37 -15.18 19.44
C CYS C 466 29.96 -14.93 19.92
N ASN C 467 29.70 -15.15 21.21
CA ASN C 467 28.35 -14.90 21.73
C ASN C 467 28.01 -13.40 21.83
N PHE C 468 28.26 -12.67 20.75
CA PHE C 468 28.00 -11.25 20.70
C PHE C 468 26.60 -10.89 20.19
N HIS C 469 25.87 -11.88 19.67
CA HIS C 469 24.48 -11.64 19.27
C HIS C 469 23.78 -11.08 20.45
N ASN C 470 23.00 -10.06 20.21
CA ASN C 470 22.45 -9.33 21.32
C ASN C 470 21.35 -10.03 22.08
N TYR C 471 20.95 -11.20 21.59
CA TYR C 471 20.09 -12.10 22.39
C TYR C 471 20.71 -13.50 22.66
N ASP C 472 22.04 -13.55 22.63
CA ASP C 472 22.80 -14.70 23.11
C ASP C 472 22.77 -14.74 24.62
N ASN C 473 22.98 -15.91 25.23
CA ASN C 473 23.14 -15.97 26.68
C ASN C 473 24.60 -15.84 27.08
N LEU C 474 24.88 -15.12 28.15
CA LEU C 474 26.27 -15.00 28.63
C LEU C 474 26.69 -16.25 29.42
N ARG C 475 25.71 -16.93 30.03
CA ARG C 475 26.02 -18.08 30.86
C ARG C 475 25.90 -19.45 30.14
N HIS C 476 25.04 -19.55 29.11
CA HIS C 476 24.88 -20.76 28.28
C HIS C 476 24.94 -20.48 26.77
N PHE C 477 26.07 -20.74 26.12
CA PHE C 477 26.17 -20.31 24.73
C PHE C 477 26.74 -21.32 23.74
N ALA C 478 26.40 -22.59 23.90
CA ALA C 478 26.72 -23.62 22.90
C ALA C 478 28.18 -23.62 22.43
N LYS C 479 28.37 -24.01 21.17
CA LYS C 479 29.72 -24.20 20.61
C LYS C 479 30.41 -22.85 20.34
N LYS C 480 29.80 -21.77 20.79
CA LYS C 480 30.37 -20.47 20.59
C LYS C 480 31.50 -20.21 21.57
N LEU C 481 32.18 -19.08 21.35
CA LEU C 481 33.33 -18.61 22.11
C LEU C 481 33.07 -17.25 22.80
N ASP C 482 33.60 -17.04 23.99
CA ASP C 482 33.37 -15.77 24.68
C ASP C 482 34.69 -15.04 24.97
N PRO C 483 35.02 -14.02 24.15
CA PRO C 483 36.25 -13.22 24.28
C PRO C 483 36.37 -12.47 25.60
N ARG C 484 35.32 -12.56 26.41
CA ARG C 484 35.29 -11.84 27.69
C ARG C 484 35.71 -12.72 28.85
N ARG C 485 35.80 -14.02 28.59
CA ARG C 485 36.14 -14.99 29.62
C ARG C 485 37.60 -15.39 29.51
N GLU C 486 38.13 -15.92 30.61
CA GLU C 486 39.53 -16.37 30.70
C GLU C 486 39.79 -17.65 29.89
N GLY C 487 39.19 -18.76 30.33
CA GLY C 487 39.29 -20.04 29.60
C GLY C 487 37.92 -20.73 29.52
N PRO D 78 38.67 -28.15 55.36
CA PRO D 78 37.73 -27.14 55.85
C PRO D 78 36.50 -27.02 54.93
N SER D 79 35.36 -27.59 55.36
CA SER D 79 34.21 -27.80 54.47
C SER D 79 33.28 -26.60 54.26
N LEU D 80 32.67 -26.56 53.08
CA LEU D 80 31.75 -25.49 52.72
C LEU D 80 30.60 -25.45 53.69
N GLU D 81 30.18 -26.64 54.11
CA GLU D 81 29.08 -26.82 55.04
C GLU D 81 29.37 -26.10 56.35
N ASP D 82 30.65 -26.13 56.72
CA ASP D 82 31.14 -25.55 57.96
C ASP D 82 31.19 -24.03 57.85
N LEU D 83 31.86 -23.54 56.82
CA LEU D 83 32.07 -22.10 56.64
C LEU D 83 30.75 -21.36 56.70
N LEU D 84 29.81 -21.85 55.90
CA LEU D 84 28.45 -21.31 55.84
C LEU D 84 27.76 -21.30 57.20
N PHE D 85 28.07 -22.30 58.03
CA PHE D 85 27.44 -22.40 59.34
C PHE D 85 27.74 -21.16 60.19
N TYR D 86 29.03 -20.89 60.40
CA TYR D 86 29.38 -19.78 61.28
C TYR D 86 29.12 -18.45 60.58
N THR D 87 28.95 -18.50 59.27
CA THR D 87 28.54 -17.35 58.49
C THR D 87 27.19 -16.85 58.97
N ILE D 88 26.27 -17.78 59.20
CA ILE D 88 24.90 -17.42 59.59
C ILE D 88 24.77 -17.39 61.12
N ALA D 89 25.82 -17.83 61.79
CA ALA D 89 25.83 -18.00 63.23
C ALA D 89 25.46 -16.74 64.00
N GLU D 90 26.48 -15.92 64.28
CA GLU D 90 26.50 -14.82 65.24
C GLU D 90 27.90 -14.76 65.82
N GLY D 91 28.75 -15.66 65.30
CA GLY D 91 29.99 -16.05 65.95
C GLY D 91 29.65 -17.15 66.96
N GLN D 92 28.38 -17.51 67.00
CA GLN D 92 27.78 -18.20 68.14
C GLN D 92 27.77 -19.71 68.11
N GLU D 93 26.75 -20.24 68.77
CA GLU D 93 26.65 -21.61 69.20
C GLU D 93 25.92 -22.45 68.18
N LYS D 94 24.63 -22.15 68.10
CA LYS D 94 23.65 -22.92 67.34
C LYS D 94 22.66 -21.96 66.68
N ILE D 95 22.47 -22.07 65.37
CA ILE D 95 21.52 -21.21 64.65
C ILE D 95 20.09 -21.58 64.93
N PRO D 96 19.24 -20.60 65.27
CA PRO D 96 17.82 -20.94 65.38
C PRO D 96 17.28 -21.32 64.01
N VAL D 97 16.25 -22.16 63.98
CA VAL D 97 15.70 -22.58 62.70
C VAL D 97 15.06 -21.39 61.97
N HIS D 98 14.29 -20.58 62.70
CA HIS D 98 13.63 -19.41 62.12
C HIS D 98 14.62 -18.34 61.64
N LYS D 99 15.82 -18.31 62.24
CA LYS D 99 16.84 -17.37 61.81
C LYS D 99 17.48 -17.85 60.51
N PHE D 100 17.55 -19.16 60.33
CA PHE D 100 18.08 -19.72 59.09
C PHE D 100 17.12 -19.54 57.93
N ILE D 101 15.84 -19.81 58.16
CA ILE D 101 14.85 -19.70 57.10
C ILE D 101 14.68 -18.24 56.70
N THR D 102 14.57 -17.35 57.69
CA THR D 102 14.41 -15.93 57.41
C THR D 102 15.56 -15.41 56.57
N ALA D 103 16.77 -15.84 56.90
CA ALA D 103 17.98 -15.49 56.17
C ALA D 103 17.97 -16.00 54.75
N LEU D 104 17.35 -17.17 54.57
CA LEU D 104 17.31 -17.82 53.28
C LEU D 104 16.33 -17.14 52.35
N LYS D 105 15.14 -16.85 52.86
CA LYS D 105 14.15 -16.09 52.13
C LYS D 105 14.72 -14.76 51.61
N SER D 106 15.50 -14.10 52.46
CA SER D 106 16.05 -12.80 52.09
C SER D 106 16.98 -12.88 50.87
N THR D 107 17.55 -14.05 50.56
CA THR D 107 18.34 -14.16 49.33
C THR D 107 17.43 -14.26 48.11
N GLY D 108 16.12 -14.25 48.34
CA GLY D 108 15.15 -14.30 47.26
C GLY D 108 14.65 -15.71 46.95
N LEU D 109 15.43 -16.71 47.35
CA LEU D 109 15.06 -18.12 47.17
C LEU D 109 13.79 -18.43 47.91
N ARG D 110 12.95 -19.27 47.30
CA ARG D 110 11.72 -19.73 47.92
C ARG D 110 11.94 -21.05 48.64
N THR D 111 11.33 -21.14 49.79
CA THR D 111 11.40 -22.30 50.66
C THR D 111 11.03 -23.61 49.93
N SER D 112 10.20 -23.51 48.91
CA SER D 112 9.79 -24.65 48.12
C SER D 112 10.61 -24.80 46.85
N ASP D 113 11.84 -24.32 46.84
CA ASP D 113 12.65 -24.46 45.65
C ASP D 113 12.92 -25.94 45.43
N PRO D 114 12.55 -26.45 44.26
CA PRO D 114 12.93 -27.83 43.93
C PRO D 114 14.41 -28.15 44.19
N ARG D 115 15.32 -27.20 43.95
CA ARG D 115 16.75 -27.46 44.19
C ARG D 115 17.06 -27.42 45.70
N LEU D 116 16.06 -27.09 46.50
CA LEU D 116 16.21 -27.00 47.95
C LEU D 116 15.41 -28.06 48.71
N LYS D 117 14.88 -29.05 48.00
CA LYS D 117 13.87 -29.93 48.59
C LYS D 117 14.48 -30.89 49.60
N GLU D 118 15.61 -31.52 49.26
CA GLU D 118 16.23 -32.47 50.18
C GLU D 118 16.56 -31.79 51.51
N CYS D 119 17.05 -30.55 51.44
CA CYS D 119 17.33 -29.74 52.62
C CYS D 119 16.08 -29.37 53.44
N MET D 120 15.00 -28.96 52.78
CA MET D 120 13.78 -28.59 53.51
C MET D 120 13.09 -29.76 54.20
N ASP D 121 13.13 -30.92 53.57
CA ASP D 121 12.57 -32.13 54.17
C ASP D 121 13.30 -32.33 55.48
N MET D 122 14.63 -32.31 55.44
CA MET D 122 15.44 -32.54 56.63
C MET D 122 15.10 -31.57 57.76
N LEU D 123 14.94 -30.30 57.41
CA LEU D 123 14.53 -29.29 58.39
C LEU D 123 13.20 -29.63 59.03
N ARG D 124 12.17 -29.82 58.21
CA ARG D 124 10.83 -30.19 58.69
C ARG D 124 10.92 -31.46 59.53
N LEU D 125 11.69 -32.42 59.03
CA LEU D 125 11.87 -33.69 59.71
C LEU D 125 12.61 -33.49 61.05
N THR D 126 13.57 -32.57 61.07
CA THR D 126 14.31 -32.27 62.29
C THR D 126 13.41 -31.59 63.33
N LEU D 127 12.61 -30.64 62.90
CA LEU D 127 11.67 -30.01 63.81
C LEU D 127 10.74 -31.04 64.46
N GLN D 128 10.21 -31.96 63.67
CA GLN D 128 9.39 -33.06 64.22
C GLN D 128 10.15 -33.89 65.24
N THR D 129 11.23 -34.53 64.79
CA THR D 129 12.01 -35.47 65.61
C THR D 129 12.58 -34.79 66.85
N THR D 130 13.79 -34.27 66.74
CA THR D 130 14.32 -33.47 67.81
C THR D 130 13.51 -32.19 68.00
N SER D 131 12.32 -32.34 68.61
CA SER D 131 11.43 -31.23 68.93
C SER D 131 12.08 -30.47 70.07
N ASP D 132 12.85 -31.22 70.86
CA ASP D 132 13.82 -30.65 71.81
C ASP D 132 14.87 -29.73 71.13
N GLY D 133 14.41 -28.55 70.71
CA GLY D 133 15.25 -27.61 69.99
C GLY D 133 14.85 -26.18 70.30
N VAL D 134 14.71 -25.36 69.26
CA VAL D 134 14.94 -25.79 67.90
C VAL D 134 16.19 -25.11 67.33
N MET D 135 17.33 -25.41 67.96
CA MET D 135 18.61 -24.80 67.65
C MET D 135 19.51 -25.81 66.92
N LEU D 136 19.97 -25.44 65.73
CA LEU D 136 20.78 -26.33 64.91
C LEU D 136 22.26 -26.10 65.18
N ASP D 137 22.96 -27.15 65.60
CA ASP D 137 24.38 -27.03 65.87
C ASP D 137 25.20 -27.46 64.66
N LYS D 138 26.50 -27.15 64.72
CA LYS D 138 27.46 -27.37 63.65
C LYS D 138 27.28 -28.66 62.82
N ASP D 139 26.73 -29.72 63.43
CA ASP D 139 26.55 -30.99 62.72
C ASP D 139 25.10 -31.29 62.37
N LEU D 140 24.18 -30.75 63.16
CA LEU D 140 22.77 -30.81 62.82
C LEU D 140 22.56 -29.98 61.55
N PHE D 141 23.08 -28.76 61.56
CA PHE D 141 23.05 -27.88 60.39
C PHE D 141 23.61 -28.61 59.19
N LYS D 142 24.78 -29.23 59.34
CA LYS D 142 25.41 -29.84 58.18
C LYS D 142 24.54 -30.96 57.65
N LYS D 143 23.77 -31.59 58.54
CA LYS D 143 22.92 -32.72 58.17
C LYS D 143 21.76 -32.24 57.27
N CYS D 144 21.48 -30.94 57.32
CA CYS D 144 20.40 -30.37 56.53
C CYS D 144 20.90 -29.77 55.21
N VAL D 145 21.91 -28.91 55.28
CA VAL D 145 22.29 -28.18 54.09
C VAL D 145 23.23 -28.95 53.16
N GLN D 146 23.61 -30.16 53.55
CA GLN D 146 24.67 -30.86 52.81
C GLN D 146 24.21 -31.27 51.44
N SER D 147 22.91 -31.57 51.35
CA SER D 147 22.29 -32.06 50.12
C SER D 147 22.36 -31.02 49.00
N ASN D 148 22.24 -29.75 49.40
CA ASN D 148 22.11 -28.65 48.46
C ASN D 148 23.09 -27.53 48.75
N ILE D 149 24.29 -27.94 49.15
CA ILE D 149 25.25 -26.99 49.67
C ILE D 149 25.78 -26.01 48.61
N VAL D 150 25.95 -26.48 47.38
CA VAL D 150 26.47 -25.60 46.32
C VAL D 150 25.61 -24.36 46.15
N LEU D 151 24.31 -24.58 46.00
CA LEU D 151 23.36 -23.50 45.78
C LEU D 151 23.19 -22.64 47.01
N LEU D 152 23.13 -23.27 48.18
CA LEU D 152 22.97 -22.51 49.42
C LEU D 152 24.19 -21.64 49.71
N THR D 153 25.31 -21.96 49.12
CA THR D 153 26.48 -21.12 49.32
C THR D 153 26.32 -19.83 48.52
N GLN D 154 26.23 -20.00 47.20
CA GLN D 154 26.00 -18.90 46.26
C GLN D 154 24.92 -17.94 46.72
N ALA D 155 23.88 -18.49 47.33
CA ALA D 155 22.81 -17.69 47.92
C ALA D 155 23.32 -16.76 49.03
N PHE D 156 24.11 -17.30 49.94
CA PHE D 156 24.50 -16.58 51.15
C PHE D 156 25.76 -15.74 50.96
N ARG D 157 26.49 -15.99 49.88
CA ARG D 157 27.72 -15.23 49.60
C ARG D 157 27.50 -14.17 48.51
N ARG D 158 26.25 -13.74 48.38
CA ARG D 158 25.82 -12.78 47.38
C ARG D 158 26.40 -13.03 45.98
N LYS D 159 26.32 -14.28 45.51
CA LYS D 159 26.79 -14.67 44.18
C LYS D 159 25.67 -14.63 43.11
N PHE D 160 24.43 -14.44 43.53
CA PHE D 160 23.30 -14.47 42.60
C PHE D 160 23.25 -13.21 41.71
N VAL D 161 22.50 -13.29 40.61
CA VAL D 161 22.55 -12.30 39.54
C VAL D 161 22.23 -10.90 40.07
N ILE D 162 21.22 -10.84 40.92
CA ILE D 162 20.90 -9.65 41.70
C ILE D 162 21.26 -9.91 43.17
N PRO D 163 22.40 -9.36 43.62
CA PRO D 163 22.87 -9.66 44.98
C PRO D 163 21.98 -9.09 46.09
N ASP D 164 21.61 -7.81 46.01
CA ASP D 164 20.73 -7.25 47.04
C ASP D 164 19.28 -7.41 46.61
N PHE D 165 18.77 -8.63 46.73
CA PHE D 165 17.46 -8.91 46.20
C PHE D 165 16.36 -8.27 47.06
N MET D 166 16.58 -8.16 48.37
CA MET D 166 15.55 -7.59 49.22
C MET D 166 15.33 -6.12 48.84
N SER D 167 16.42 -5.40 48.61
CA SER D 167 16.32 -4.02 48.15
C SER D 167 15.52 -3.93 46.84
N PHE D 168 15.87 -4.78 45.87
CA PHE D 168 15.21 -4.86 44.57
C PHE D 168 13.70 -5.06 44.64
N THR D 169 13.22 -5.90 45.56
CA THR D 169 11.78 -6.10 45.67
C THR D 169 11.07 -4.84 46.13
N SER D 170 11.68 -4.06 47.03
CA SER D 170 11.13 -2.74 47.36
C SER D 170 10.83 -1.94 46.12
N HIS D 171 11.80 -1.93 45.21
CA HIS D 171 11.66 -1.14 44.01
C HIS D 171 10.51 -1.64 43.18
N ILE D 172 10.39 -2.96 43.08
CA ILE D 172 9.34 -3.56 42.28
C ILE D 172 8.00 -3.18 42.89
N ASP D 173 7.94 -3.23 44.21
CA ASP D 173 6.73 -2.90 44.93
C ASP D 173 6.28 -1.44 44.68
N GLU D 174 7.20 -0.48 44.69
CA GLU D 174 6.85 0.90 44.31
C GLU D 174 6.36 0.95 42.87
N LEU D 175 7.06 0.23 41.99
CA LEU D 175 6.71 0.16 40.55
C LEU D 175 5.31 -0.38 40.38
N TYR D 176 5.02 -1.43 41.13
CA TYR D 176 3.70 -2.03 41.18
C TYR D 176 2.65 -1.04 41.69
N GLU D 177 2.95 -0.32 42.76
CA GLU D 177 1.99 0.61 43.35
C GLU D 177 1.72 1.80 42.43
N SER D 178 2.76 2.21 41.69
CA SER D 178 2.66 3.37 40.84
C SER D 178 1.84 3.03 39.61
N ALA D 179 1.86 1.76 39.23
CA ALA D 179 1.13 1.35 38.04
C ALA D 179 -0.31 1.08 38.43
N LYS D 180 -0.50 0.72 39.69
CA LYS D 180 -1.82 0.40 40.23
C LYS D 180 -2.79 1.59 40.14
N LYS D 181 -2.24 2.80 40.03
CA LYS D 181 -3.02 4.03 39.94
C LYS D 181 -3.38 4.37 38.49
N GLN D 182 -3.29 3.39 37.62
CA GLN D 182 -3.48 3.60 36.19
C GLN D 182 -4.75 2.90 35.70
N SER D 183 -5.90 3.51 35.95
CA SER D 183 -7.20 2.83 35.81
C SER D 183 -7.77 2.85 34.40
N GLY D 184 -7.06 3.48 33.47
CA GLY D 184 -7.49 3.44 32.08
C GLY D 184 -7.61 2.03 31.53
N GLY D 185 -8.27 1.91 30.39
CA GLY D 185 -8.31 0.65 29.68
C GLY D 185 -9.71 0.10 29.51
N LYS D 186 -9.87 -0.78 28.52
CA LYS D 186 -11.08 -1.55 28.37
C LYS D 186 -10.69 -3.02 28.35
N VAL D 187 -11.25 -3.79 29.29
CA VAL D 187 -11.13 -5.23 29.29
C VAL D 187 -11.77 -5.88 28.04
N ALA D 188 -11.08 -6.87 27.47
CA ALA D 188 -11.55 -7.51 26.25
C ALA D 188 -12.92 -8.13 26.43
N ASP D 189 -13.83 -7.91 25.48
CA ASP D 189 -15.20 -8.37 25.63
C ASP D 189 -15.68 -9.28 24.50
N TYR D 190 -14.80 -9.60 23.56
CA TYR D 190 -15.24 -10.33 22.37
C TYR D 190 -15.61 -11.80 22.64
N ILE D 191 -15.33 -12.28 23.83
CA ILE D 191 -15.89 -13.54 24.29
C ILE D 191 -16.22 -13.36 25.78
N PRO D 192 -17.24 -14.09 26.25
CA PRO D 192 -17.74 -13.98 27.62
C PRO D 192 -16.70 -14.33 28.69
N GLN D 193 -15.67 -15.10 28.35
CA GLN D 193 -14.68 -15.54 29.33
C GLN D 193 -13.82 -14.41 29.88
N LEU D 194 -13.57 -13.40 29.05
CA LEU D 194 -12.68 -12.30 29.42
C LEU D 194 -13.46 -11.07 29.81
N ALA D 195 -14.70 -10.99 29.36
CA ALA D 195 -15.64 -10.01 29.89
C ALA D 195 -15.67 -10.11 31.42
N LYS D 196 -15.58 -11.35 31.92
CA LYS D 196 -15.82 -11.66 33.32
C LYS D 196 -14.81 -11.02 34.26
N PHE D 197 -13.57 -10.90 33.80
CA PHE D 197 -12.45 -10.52 34.66
C PHE D 197 -12.58 -9.10 35.21
N SER D 198 -12.55 -8.99 36.53
CA SER D 198 -12.58 -7.68 37.14
C SER D 198 -11.45 -6.81 36.56
N PRO D 199 -11.72 -5.52 36.33
CA PRO D 199 -10.72 -4.60 35.77
C PRO D 199 -9.51 -4.32 36.68
N ASP D 200 -9.65 -4.58 37.99
CA ASP D 200 -8.66 -4.17 38.98
C ASP D 200 -7.67 -5.23 39.37
N LEU D 201 -7.83 -6.42 38.79
CA LEU D 201 -6.85 -7.47 39.00
C LEU D 201 -5.50 -6.98 38.47
N TRP D 202 -4.46 -7.07 39.28
CA TRP D 202 -3.16 -6.58 38.85
C TRP D 202 -2.07 -7.29 39.64
N GLY D 203 -1.24 -8.04 38.91
CA GLY D 203 -0.17 -8.85 39.48
C GLY D 203 1.15 -8.82 38.72
N VAL D 204 2.25 -8.82 39.46
CA VAL D 204 3.60 -8.83 38.89
C VAL D 204 4.44 -9.95 39.51
N SER D 205 5.08 -10.77 38.68
CA SER D 205 6.00 -11.79 39.22
C SER D 205 7.37 -11.78 38.57
N VAL D 206 8.40 -11.79 39.41
CA VAL D 206 9.77 -11.87 38.93
C VAL D 206 10.42 -13.21 39.30
N CYS D 207 11.01 -13.85 38.30
CA CYS D 207 11.91 -14.97 38.52
C CYS D 207 13.27 -14.66 37.91
N THR D 208 14.33 -14.71 38.70
CA THR D 208 15.64 -14.39 38.16
C THR D 208 16.24 -15.66 37.58
N ALA D 209 17.36 -15.51 36.86
CA ALA D 209 18.02 -16.65 36.26
C ALA D 209 18.69 -17.52 37.32
N ASP D 210 18.57 -17.13 38.59
CA ASP D 210 19.09 -17.95 39.67
C ASP D 210 17.97 -18.50 40.58
N GLY D 211 16.71 -18.26 40.20
CA GLY D 211 15.60 -18.77 40.96
C GLY D 211 15.06 -17.85 42.05
N GLN D 212 15.55 -16.61 42.12
CA GLN D 212 15.02 -15.64 43.09
C GLN D 212 13.62 -15.15 42.69
N ARG D 213 12.63 -15.35 43.56
CA ARG D 213 11.26 -15.00 43.23
C ARG D 213 10.76 -13.78 43.99
N HIS D 214 9.87 -13.02 43.35
CA HIS D 214 9.04 -12.06 44.07
C HIS D 214 7.69 -11.88 43.39
N SER D 215 6.64 -11.81 44.19
CA SER D 215 5.33 -11.52 43.65
C SER D 215 4.73 -10.37 44.43
N THR D 216 3.85 -9.63 43.80
CA THR D 216 3.06 -8.63 44.48
C THR D 216 1.76 -8.56 43.69
N GLY D 217 0.63 -8.44 44.38
CA GLY D 217 -0.64 -8.42 43.69
C GLY D 217 -1.21 -9.80 43.35
N ASP D 218 -2.17 -9.81 42.43
CA ASP D 218 -2.92 -11.01 42.03
C ASP D 218 -2.17 -11.99 41.14
N THR D 219 -1.28 -12.77 41.74
CA THR D 219 -0.34 -13.58 41.00
C THR D 219 -0.60 -15.06 41.10
N LYS D 220 -1.69 -15.45 41.75
CA LYS D 220 -2.02 -16.87 41.82
C LYS D 220 -3.30 -17.18 41.05
N VAL D 221 -3.98 -16.12 40.61
CA VAL D 221 -5.13 -16.22 39.72
C VAL D 221 -4.75 -16.70 38.32
N PRO D 222 -5.39 -17.77 37.86
CA PRO D 222 -5.11 -18.28 36.51
C PRO D 222 -5.85 -17.50 35.42
N PHE D 223 -5.15 -17.24 34.32
CA PHE D 223 -5.72 -16.52 33.20
C PHE D 223 -5.11 -17.14 31.98
N CYS D 224 -5.67 -16.83 30.80
CA CYS D 224 -5.28 -17.47 29.54
C CYS D 224 -4.11 -16.78 28.86
N LEU D 225 -3.22 -17.56 28.25
CA LEU D 225 -2.04 -16.98 27.63
C LEU D 225 -2.43 -16.14 26.42
N GLN D 226 -3.32 -16.71 25.61
CA GLN D 226 -3.64 -16.15 24.31
C GLN D 226 -2.33 -15.92 23.56
N SER D 227 -2.11 -14.73 23.02
CA SER D 227 -0.95 -14.49 22.17
C SER D 227 0.39 -14.65 22.90
N CYS D 228 0.36 -14.60 24.23
CA CYS D 228 1.54 -14.93 25.05
C CYS D 228 2.06 -16.35 24.81
N VAL D 229 1.25 -17.22 24.19
CA VAL D 229 1.71 -18.56 23.87
C VAL D 229 2.53 -18.59 22.58
N LYS D 230 2.37 -17.55 21.75
CA LYS D 230 2.99 -17.50 20.43
C LYS D 230 4.52 -17.65 20.49
N PRO D 231 5.22 -16.85 21.32
CA PRO D 231 6.67 -17.08 21.44
C PRO D 231 7.05 -18.47 21.97
N LEU D 232 6.25 -19.00 22.89
CA LEU D 232 6.50 -20.32 23.44
C LEU D 232 6.42 -21.44 22.38
N LYS D 233 5.42 -21.41 21.50
CA LYS D 233 5.31 -22.52 20.58
C LYS D 233 6.28 -22.42 19.40
N TYR D 234 6.63 -21.20 19.01
CA TYR D 234 7.76 -20.97 18.12
C TYR D 234 9.06 -21.54 18.67
N ALA D 235 9.34 -21.23 19.94
CA ALA D 235 10.50 -21.80 20.61
C ALA D 235 10.51 -23.33 20.49
N ILE D 236 9.35 -23.96 20.70
CA ILE D 236 9.22 -25.42 20.58
C ILE D 236 9.49 -25.94 19.15
N ALA D 237 8.86 -25.29 18.16
CA ALA D 237 9.11 -25.56 16.75
C ALA D 237 10.61 -25.56 16.43
N VAL D 238 11.29 -24.44 16.71
CA VAL D 238 12.72 -24.32 16.43
C VAL D 238 13.57 -25.30 17.25
N ASN D 239 13.13 -25.58 18.47
CA ASN D 239 13.84 -26.52 19.29
C ASN D 239 13.88 -27.89 18.62
N ASP D 240 12.73 -28.30 18.08
CA ASP D 240 12.58 -29.61 17.50
C ASP D 240 12.95 -29.69 16.03
N LEU D 241 12.87 -28.57 15.32
CA LEU D 241 12.99 -28.60 13.86
C LEU D 241 14.11 -27.72 13.32
N GLY D 242 14.70 -26.91 14.20
CA GLY D 242 15.77 -25.99 13.80
C GLY D 242 15.33 -24.75 13.04
N THR D 243 16.18 -23.72 13.05
CA THR D 243 15.85 -22.47 12.37
C THR D 243 15.52 -22.63 10.90
N GLU D 244 16.33 -23.40 10.19
CA GLU D 244 16.24 -23.51 8.73
C GLU D 244 14.87 -24.03 8.32
N TYR D 245 14.36 -25.04 9.03
CA TYR D 245 13.06 -25.62 8.66
C TYR D 245 11.95 -24.65 8.88
N VAL D 246 11.75 -24.26 10.14
CA VAL D 246 10.69 -23.35 10.52
C VAL D 246 10.61 -22.14 9.60
N HIS D 247 11.74 -21.60 9.18
CA HIS D 247 11.64 -20.35 8.47
C HIS D 247 11.49 -20.49 6.95
N ARG D 248 11.30 -21.72 6.49
CA ARG D 248 10.65 -21.94 5.20
C ARG D 248 9.22 -21.46 5.23
N TYR D 249 8.58 -21.64 6.38
CA TYR D 249 7.15 -21.54 6.45
C TYR D 249 6.68 -20.22 7.03
N VAL D 250 7.54 -19.57 7.79
CA VAL D 250 7.19 -18.33 8.47
C VAL D 250 8.37 -17.34 8.41
N GLY D 251 8.08 -16.06 8.16
CA GLY D 251 9.14 -15.08 8.00
C GLY D 251 9.85 -14.75 9.30
N LYS D 252 10.67 -13.70 9.31
CA LYS D 252 11.34 -13.32 10.55
C LYS D 252 11.49 -11.82 10.72
N GLU D 253 10.58 -11.05 10.13
CA GLU D 253 10.63 -9.61 10.24
C GLU D 253 9.31 -9.05 10.73
N PRO D 254 9.34 -7.84 11.30
CA PRO D 254 8.09 -7.15 11.62
C PRO D 254 7.38 -6.70 10.35
N SER D 255 6.04 -6.76 10.33
CA SER D 255 5.27 -6.59 9.09
C SER D 255 5.40 -5.24 8.37
N GLY D 256 5.23 -4.15 9.12
CA GLY D 256 5.15 -2.82 8.54
C GLY D 256 4.33 -1.92 9.46
N LEU D 257 4.72 -0.64 9.58
CA LEU D 257 4.04 0.24 10.55
C LEU D 257 2.63 0.61 10.10
N ARG D 258 2.14 -0.09 9.07
CA ARG D 258 0.92 -0.88 9.17
C ARG D 258 0.63 -1.63 7.85
N PHE D 259 1.43 -2.70 7.70
CA PHE D 259 1.20 -3.85 6.82
C PHE D 259 0.49 -5.04 7.56
N ASN D 260 -0.10 -4.78 8.75
CA ASN D 260 -0.68 -5.77 9.72
C ASN D 260 -1.87 -6.57 9.12
N LYS D 261 -2.54 -5.91 8.20
CA LYS D 261 -3.78 -6.42 7.71
C LYS D 261 -3.46 -7.51 6.71
N LEU D 262 -2.40 -7.31 5.91
CA LEU D 262 -1.89 -8.35 5.01
C LEU D 262 -1.49 -9.60 5.79
N PHE D 263 -1.79 -10.78 5.26
CA PHE D 263 -1.46 -12.03 5.95
C PHE D 263 -0.07 -12.47 5.53
N LEU D 264 0.22 -12.31 4.24
CA LEU D 264 1.45 -12.78 3.66
C LEU D 264 2.39 -11.64 3.23
N ASN D 265 3.68 -11.90 3.32
CA ASN D 265 4.65 -10.96 2.79
C ASN D 265 4.88 -11.25 1.32
N GLU D 266 5.91 -10.65 0.73
CA GLU D 266 6.16 -10.80 -0.71
C GLU D 266 6.61 -12.19 -1.11
N ASP D 267 6.93 -13.03 -0.14
CA ASP D 267 7.35 -14.37 -0.51
C ASP D 267 6.30 -15.39 -0.09
N ASP D 268 5.07 -14.90 0.03
CA ASP D 268 3.92 -15.72 0.38
C ASP D 268 4.08 -16.52 1.68
N LYS D 269 4.87 -15.99 2.60
CA LYS D 269 4.90 -16.50 3.96
C LYS D 269 4.32 -15.45 4.89
N PRO D 270 3.78 -15.88 6.04
CA PRO D 270 3.42 -14.92 7.08
C PRO D 270 4.65 -14.12 7.49
N HIS D 271 4.45 -12.89 7.97
CA HIS D 271 5.58 -12.01 8.25
C HIS D 271 6.52 -12.48 9.37
N ASN D 272 5.93 -13.14 10.37
CA ASN D 272 6.67 -13.58 11.55
C ASN D 272 5.76 -14.38 12.47
N PRO D 273 6.35 -15.14 13.39
CA PRO D 273 5.59 -16.02 14.29
C PRO D 273 4.61 -15.31 15.20
N MET D 274 4.73 -14.00 15.36
CA MET D 274 4.02 -13.30 16.42
C MET D 274 2.67 -12.79 15.98
N VAL D 275 2.40 -12.90 14.69
CA VAL D 275 1.11 -12.52 14.15
C VAL D 275 0.28 -13.76 13.84
N ASN D 276 -1.04 -13.59 13.87
CA ASN D 276 -1.96 -14.71 13.82
C ASN D 276 -1.66 -15.65 12.67
N ALA D 277 -1.45 -15.12 11.46
CA ALA D 277 -1.15 -16.01 10.35
C ALA D 277 0.12 -16.81 10.63
N GLY D 278 1.14 -16.16 11.21
CA GLY D 278 2.39 -16.84 11.54
C GLY D 278 2.20 -17.91 12.61
N ALA D 279 1.48 -17.53 13.66
CA ALA D 279 1.23 -18.43 14.77
C ALA D 279 0.55 -19.70 14.27
N ILE D 280 -0.39 -19.51 13.36
CA ILE D 280 -1.16 -20.61 12.80
C ILE D 280 -0.32 -21.54 11.94
N VAL D 281 0.54 -20.98 11.07
CA VAL D 281 1.46 -21.83 10.35
C VAL D 281 2.41 -22.51 11.30
N VAL D 282 2.93 -21.79 12.28
CA VAL D 282 3.87 -22.45 13.18
C VAL D 282 3.19 -23.58 13.95
N THR D 283 1.93 -23.38 14.32
CA THR D 283 1.19 -24.43 15.00
C THR D 283 1.18 -25.69 14.14
N SER D 284 1.01 -25.50 12.85
CA SER D 284 0.92 -26.62 11.91
C SER D 284 2.24 -27.38 11.66
N LEU D 285 3.33 -26.94 12.29
CA LEU D 285 4.64 -27.59 12.13
C LEU D 285 4.96 -28.49 13.34
N ILE D 286 4.30 -28.22 14.46
CA ILE D 286 4.61 -28.94 15.67
C ILE D 286 4.00 -30.34 15.67
N LYS D 287 4.87 -31.33 15.90
CA LYS D 287 4.49 -32.73 16.05
C LYS D 287 3.59 -33.21 14.94
N GLN D 288 4.00 -32.98 13.68
CA GLN D 288 3.21 -33.41 12.54
C GLN D 288 3.00 -34.93 12.51
N GLY D 289 1.79 -35.33 12.12
CA GLY D 289 1.48 -36.74 11.94
C GLY D 289 0.92 -37.43 13.18
N VAL D 290 0.53 -36.63 14.16
CA VAL D 290 -0.04 -37.15 15.39
C VAL D 290 -1.38 -36.45 15.56
N ASN D 291 -2.28 -36.97 16.39
CA ASN D 291 -3.57 -36.30 16.55
C ASN D 291 -3.47 -35.17 17.57
N ASN D 292 -4.53 -34.38 17.65
CA ASN D 292 -4.52 -33.18 18.51
C ASN D 292 -4.38 -33.51 20.00
N ALA D 293 -5.00 -34.59 20.46
CA ALA D 293 -4.81 -35.05 21.82
C ALA D 293 -3.33 -35.17 22.20
N GLU D 294 -2.57 -35.92 21.40
CA GLU D 294 -1.14 -36.12 21.68
C GLU D 294 -0.31 -34.85 21.46
N LYS D 295 -0.55 -34.15 20.35
CA LYS D 295 0.08 -32.85 20.12
C LYS D 295 -0.10 -31.96 21.33
N PHE D 296 -1.35 -31.71 21.69
CA PHE D 296 -1.64 -30.88 22.84
C PHE D 296 -0.93 -31.30 24.13
N ASP D 297 -0.85 -32.60 24.37
CA ASP D 297 -0.09 -33.09 25.52
C ASP D 297 1.34 -32.64 25.40
N TYR D 298 1.97 -32.98 24.28
CA TYR D 298 3.36 -32.64 24.04
C TYR D 298 3.62 -31.14 24.28
N VAL D 299 2.76 -30.26 23.81
CA VAL D 299 3.00 -28.88 24.16
C VAL D 299 2.84 -28.64 25.67
N MET D 300 1.75 -29.11 26.27
CA MET D 300 1.57 -29.00 27.73
C MET D 300 2.74 -29.54 28.57
N GLN D 301 3.27 -30.70 28.19
CA GLN D 301 4.44 -31.28 28.83
C GLN D 301 5.64 -30.34 28.68
N PHE D 302 5.77 -29.73 27.51
CA PHE D 302 6.84 -28.79 27.26
C PHE D 302 6.69 -27.54 28.13
N LEU D 303 5.47 -27.03 28.22
CA LEU D 303 5.21 -25.83 29.01
C LEU D 303 5.46 -26.06 30.48
N ASN D 304 5.18 -27.27 30.96
CA ASN D 304 5.42 -27.59 32.35
C ASN D 304 6.91 -27.54 32.67
N LYS D 305 7.75 -27.98 31.73
CA LYS D 305 9.18 -28.00 31.99
C LYS D 305 9.73 -26.58 32.11
N MET D 306 9.20 -25.69 31.27
CA MET D 306 9.63 -24.30 31.22
C MET D 306 9.27 -23.55 32.49
N ALA D 307 8.19 -24.00 33.13
CA ALA D 307 7.68 -23.34 34.32
C ALA D 307 8.17 -24.03 35.61
N GLY D 308 9.14 -24.93 35.47
CA GLY D 308 9.62 -25.71 36.61
C GLY D 308 8.51 -26.45 37.35
N ASN D 309 7.48 -26.84 36.59
CA ASN D 309 6.31 -27.59 37.09
C ASN D 309 5.33 -26.79 37.94
N GLU D 310 5.32 -25.48 37.77
CA GLU D 310 4.30 -24.66 38.41
C GLU D 310 3.05 -24.64 37.54
N TYR D 311 2.04 -23.88 37.95
CA TYR D 311 0.71 -24.06 37.35
C TYR D 311 0.65 -23.85 35.84
N VAL D 312 0.38 -24.93 35.11
CA VAL D 312 0.02 -24.84 33.70
C VAL D 312 -1.34 -25.54 33.45
N GLY D 313 -2.41 -24.76 33.44
CA GLY D 313 -3.75 -25.31 33.28
C GLY D 313 -4.40 -25.13 31.91
N PHE D 314 -5.72 -25.31 31.85
CA PHE D 314 -6.45 -25.22 30.59
C PHE D 314 -7.90 -24.76 30.78
N SER D 315 -8.32 -23.86 29.89
CA SER D 315 -9.67 -23.31 29.95
C SER D 315 -10.51 -23.81 28.81
N ASN D 316 -11.28 -24.87 29.05
CA ASN D 316 -12.14 -25.41 28.00
C ASN D 316 -13.20 -24.41 27.63
N ALA D 317 -13.61 -23.59 28.58
CA ALA D 317 -14.62 -22.56 28.35
C ALA D 317 -14.17 -21.59 27.28
N THR D 318 -12.90 -21.17 27.38
CA THR D 318 -12.30 -20.19 26.49
C THR D 318 -12.04 -20.82 25.15
N PHE D 319 -11.60 -22.08 25.14
CA PHE D 319 -11.50 -22.88 23.91
C PHE D 319 -12.79 -22.82 23.08
N GLN D 320 -13.90 -23.26 23.67
CA GLN D 320 -15.19 -23.31 22.97
C GLN D 320 -15.63 -21.93 22.45
N SER D 321 -15.43 -20.88 23.23
CA SER D 321 -15.83 -19.56 22.79
C SER D 321 -14.98 -19.06 21.63
N GLU D 322 -13.67 -19.29 21.74
CA GLU D 322 -12.71 -18.81 20.76
C GLU D 322 -12.87 -19.49 19.40
N ARG D 323 -13.42 -20.70 19.38
CA ARG D 323 -13.67 -21.36 18.11
C ARG D 323 -15.04 -20.95 17.50
N GLU D 324 -16.12 -20.93 18.27
CA GLU D 324 -17.42 -20.63 17.69
C GLU D 324 -17.61 -19.13 17.57
N SER D 325 -16.57 -18.47 17.07
CA SER D 325 -16.50 -17.02 17.01
C SER D 325 -15.22 -16.61 16.32
N GLY D 326 -14.38 -17.58 16.02
CA GLY D 326 -13.10 -17.29 15.41
C GLY D 326 -13.16 -17.18 13.90
N ASP D 327 -14.00 -16.30 13.37
CA ASP D 327 -14.16 -16.23 11.90
C ASP D 327 -12.93 -15.63 11.21
N ARG D 328 -12.25 -14.67 11.84
CA ARG D 328 -11.07 -14.11 11.21
C ARG D 328 -9.99 -15.16 11.07
N ASN D 329 -9.90 -16.07 12.03
CA ASN D 329 -8.87 -17.10 11.94
C ASN D 329 -9.17 -18.05 10.79
N PHE D 330 -10.43 -18.40 10.62
CA PHE D 330 -10.81 -19.27 9.53
C PHE D 330 -10.53 -18.60 8.19
N ALA D 331 -10.79 -17.29 8.11
CA ALA D 331 -10.37 -16.50 6.97
C ALA D 331 -8.87 -16.72 6.68
N ILE D 332 -8.05 -16.57 7.73
CA ILE D 332 -6.61 -16.78 7.62
C ILE D 332 -6.30 -18.22 7.22
N GLY D 333 -7.03 -19.16 7.81
CA GLY D 333 -6.78 -20.56 7.56
C GLY D 333 -6.92 -20.91 6.09
N TYR D 334 -8.01 -20.48 5.46
CA TYR D 334 -8.24 -20.84 4.07
C TYR D 334 -7.28 -20.11 3.12
N TYR D 335 -7.09 -18.81 3.32
CA TYR D 335 -6.10 -18.05 2.56
C TYR D 335 -4.76 -18.78 2.56
N LEU D 336 -4.31 -19.18 3.75
CA LEU D 336 -3.06 -19.89 3.95
C LEU D 336 -3.03 -21.20 3.19
N LYS D 337 -4.14 -21.94 3.24
CA LYS D 337 -4.28 -23.18 2.47
C LYS D 337 -4.20 -22.90 0.97
N GLU D 338 -4.87 -21.85 0.52
CA GLU D 338 -4.92 -21.55 -0.91
C GLU D 338 -3.56 -21.21 -1.46
N LYS D 339 -2.87 -20.31 -0.78
CA LYS D 339 -1.52 -19.94 -1.17
C LYS D 339 -0.48 -20.96 -0.70
N LYS D 340 -0.93 -22.06 -0.10
CA LYS D 340 -0.12 -23.28 0.16
C LYS D 340 1.04 -23.07 1.15
N CYS D 341 0.74 -22.41 2.26
CA CYS D 341 1.74 -22.10 3.27
C CYS D 341 1.93 -23.22 4.29
N PHE D 342 1.03 -24.21 4.30
CA PHE D 342 1.12 -25.34 5.23
C PHE D 342 1.91 -26.49 4.64
N PRO D 343 2.62 -27.25 5.49
CA PRO D 343 3.32 -28.45 4.99
C PRO D 343 2.34 -29.42 4.37
N GLU D 344 2.79 -30.11 3.32
CA GLU D 344 1.95 -31.08 2.62
C GLU D 344 1.27 -32.03 3.61
N GLY D 345 -0.03 -32.26 3.41
CA GLY D 345 -0.76 -33.19 4.25
C GLY D 345 -1.23 -32.56 5.54
N THR D 346 -1.56 -31.27 5.47
CA THR D 346 -1.99 -30.52 6.64
C THR D 346 -3.51 -30.40 6.69
N ASP D 347 -4.15 -31.00 7.68
CA ASP D 347 -5.59 -30.81 7.86
C ASP D 347 -5.85 -29.44 8.46
N MET D 348 -6.11 -28.47 7.58
CA MET D 348 -6.19 -27.05 7.94
C MET D 348 -7.12 -26.79 9.15
N VAL D 349 -8.34 -27.30 9.08
CA VAL D 349 -9.27 -27.13 10.19
C VAL D 349 -8.77 -27.83 11.45
N GLY D 350 -8.04 -28.93 11.27
CA GLY D 350 -7.49 -29.63 12.42
C GLY D 350 -6.52 -28.73 13.15
N ILE D 351 -5.79 -27.97 12.33
CA ILE D 351 -4.73 -27.09 12.81
C ILE D 351 -5.35 -25.93 13.55
N LEU D 352 -6.52 -25.49 13.08
CA LEU D 352 -7.18 -24.36 13.70
C LEU D 352 -7.62 -24.69 15.10
N ASP D 353 -8.19 -25.87 15.28
CA ASP D 353 -8.63 -26.23 16.61
C ASP D 353 -7.44 -26.33 17.55
N PHE D 354 -6.36 -26.95 17.09
CA PHE D 354 -5.13 -27.01 17.86
C PHE D 354 -4.73 -25.58 18.24
N TYR D 355 -4.82 -24.65 17.29
CA TYR D 355 -4.48 -23.26 17.55
C TYR D 355 -5.35 -22.65 18.66
N PHE D 356 -6.65 -22.82 18.54
CA PHE D 356 -7.56 -22.33 19.58
C PHE D 356 -7.29 -22.95 20.96
N GLN D 357 -6.81 -24.19 20.99
CA GLN D 357 -6.50 -24.83 22.26
C GLN D 357 -5.29 -24.15 22.91
N LEU D 358 -4.22 -23.95 22.15
CA LEU D 358 -3.01 -23.35 22.67
C LEU D 358 -3.26 -21.94 23.19
N CYS D 359 -4.20 -21.22 22.60
CA CYS D 359 -4.51 -19.87 23.07
C CYS D 359 -5.29 -19.90 24.38
N SER D 360 -5.77 -21.08 24.75
CA SER D 360 -6.63 -21.24 25.94
C SER D 360 -5.89 -21.91 27.09
N ILE D 361 -4.59 -22.11 26.92
CA ILE D 361 -3.76 -22.66 27.98
C ILE D 361 -3.60 -21.60 29.05
N GLU D 362 -3.82 -21.99 30.29
CA GLU D 362 -3.80 -21.05 31.40
C GLU D 362 -2.55 -21.11 32.25
N VAL D 363 -2.19 -19.97 32.80
CA VAL D 363 -0.99 -19.85 33.62
C VAL D 363 -1.29 -18.82 34.69
N THR D 364 -0.41 -18.75 35.68
CA THR D 364 -0.49 -17.68 36.64
C THR D 364 0.71 -16.80 36.43
N CYS D 365 0.64 -15.57 36.92
CA CYS D 365 1.79 -14.67 36.93
C CYS D 365 3.03 -15.40 37.40
N GLU D 366 2.89 -16.14 38.49
CA GLU D 366 4.01 -16.84 39.07
C GLU D 366 4.59 -17.89 38.12
N SER D 367 3.75 -18.81 37.64
CA SER D 367 4.24 -19.88 36.78
C SER D 367 4.77 -19.35 35.45
N ALA D 368 4.18 -18.25 34.98
CA ALA D 368 4.60 -17.64 33.74
C ALA D 368 5.96 -16.96 33.87
N SER D 369 6.25 -16.42 35.05
CA SER D 369 7.50 -15.73 35.29
C SER D 369 8.66 -16.71 35.25
N VAL D 370 8.40 -17.94 35.70
CA VAL D 370 9.40 -18.99 35.60
C VAL D 370 9.68 -19.35 34.15
N MET D 371 8.64 -19.33 33.30
CA MET D 371 8.82 -19.59 31.86
C MET D 371 9.66 -18.49 31.22
N ALA D 372 9.26 -17.26 31.48
CA ALA D 372 9.98 -16.11 30.95
C ALA D 372 11.45 -16.21 31.39
N ALA D 373 11.65 -16.65 32.63
CA ALA D 373 13.00 -16.85 33.16
C ALA D 373 13.81 -17.90 32.40
N THR D 374 13.18 -18.97 31.93
CA THR D 374 13.89 -19.96 31.12
C THR D 374 14.44 -19.30 29.83
N LEU D 375 13.70 -18.33 29.30
CA LEU D 375 14.13 -17.65 28.11
C LEU D 375 15.27 -16.70 28.46
N ALA D 376 15.12 -16.01 29.58
CA ALA D 376 16.20 -15.19 30.10
C ALA D 376 17.46 -15.99 30.44
N ASN D 377 17.35 -17.32 30.48
CA ASN D 377 18.46 -18.10 30.98
C ASN D 377 19.03 -19.08 29.94
N GLY D 378 19.02 -18.66 28.68
CA GLY D 378 19.61 -19.47 27.63
C GLY D 378 18.97 -20.85 27.44
N GLY D 379 17.74 -21.03 27.94
CA GLY D 379 17.01 -22.26 27.74
C GLY D 379 16.98 -23.20 28.95
N PHE D 380 17.77 -22.90 29.98
CA PHE D 380 17.70 -23.66 31.22
C PHE D 380 16.67 -23.12 32.22
N CYS D 381 15.84 -23.99 32.78
CA CYS D 381 14.87 -23.59 33.79
C CYS D 381 15.50 -23.27 35.14
N PRO D 382 15.48 -21.99 35.56
CA PRO D 382 16.27 -21.51 36.69
C PRO D 382 16.05 -22.31 37.97
N ILE D 383 14.83 -22.78 38.17
CA ILE D 383 14.50 -23.43 39.43
C ILE D 383 14.48 -24.96 39.34
N THR D 384 15.01 -25.52 38.26
CA THR D 384 15.25 -26.96 38.20
C THR D 384 16.63 -27.28 37.60
N GLY D 385 17.23 -26.32 36.91
CA GLY D 385 18.51 -26.53 36.26
C GLY D 385 18.42 -27.46 35.06
N GLU D 386 17.20 -27.72 34.62
CA GLU D 386 16.92 -28.65 33.54
C GLU D 386 16.91 -27.96 32.17
N ARG D 387 17.63 -28.50 31.20
CA ARG D 387 17.77 -27.84 29.91
C ARG D 387 16.52 -28.04 29.02
N VAL D 388 15.70 -27.01 28.92
CA VAL D 388 14.40 -27.12 28.27
C VAL D 388 14.39 -26.77 26.77
N LEU D 389 15.25 -25.85 26.36
CA LEU D 389 15.24 -25.34 25.00
C LEU D 389 16.67 -25.15 24.52
N SER D 390 16.86 -25.26 23.20
CA SER D 390 18.18 -25.04 22.61
C SER D 390 18.45 -23.55 22.56
N PRO D 391 19.74 -23.16 22.58
CA PRO D 391 20.06 -21.73 22.62
C PRO D 391 19.67 -21.09 21.31
N GLU D 392 19.61 -21.89 20.27
CA GLU D 392 19.18 -21.41 18.97
C GLU D 392 17.71 -21.01 19.03
N ALA D 393 16.91 -21.77 19.78
CA ALA D 393 15.51 -21.49 19.93
C ALA D 393 15.34 -20.25 20.80
N VAL D 394 16.13 -20.18 21.85
CA VAL D 394 15.96 -19.13 22.82
C VAL D 394 16.41 -17.83 22.19
N ARG D 395 17.48 -17.88 21.42
CA ARG D 395 17.96 -16.67 20.75
C ARG D 395 16.92 -16.16 19.78
N ASN D 396 16.39 -17.09 18.98
CA ASN D 396 15.47 -16.76 17.89
C ASN D 396 14.21 -16.10 18.40
N THR D 397 13.74 -16.54 19.55
CA THR D 397 12.48 -16.08 20.10
C THR D 397 12.62 -14.69 20.67
N LEU D 398 13.63 -14.52 21.51
CA LEU D 398 13.93 -13.20 22.03
C LEU D 398 14.08 -12.20 20.90
N SER D 399 14.63 -12.65 19.77
CA SER D 399 14.80 -11.75 18.65
C SER D 399 13.46 -11.21 18.16
N LEU D 400 12.48 -12.10 18.02
CA LEU D 400 11.25 -11.74 17.36
C LEU D 400 10.29 -11.12 18.37
N MET D 401 10.41 -11.52 19.62
CA MET D 401 9.68 -10.83 20.69
C MET D 401 10.10 -9.37 20.71
N HIS D 402 11.37 -9.11 20.37
CA HIS D 402 11.96 -7.77 20.44
C HIS D 402 11.32 -6.80 19.47
N SER D 403 10.94 -7.30 18.31
CA SER D 403 10.50 -6.43 17.23
C SER D 403 9.04 -6.65 16.81
N CYS D 404 8.42 -7.69 17.36
CA CYS D 404 7.08 -8.09 16.91
C CYS D 404 6.17 -8.45 18.06
N GLY D 405 6.53 -8.06 19.27
CA GLY D 405 5.89 -8.66 20.43
C GLY D 405 4.66 -7.96 20.94
N MET D 406 4.61 -6.64 20.74
CA MET D 406 3.53 -5.88 21.34
C MET D 406 2.55 -5.34 20.30
N TYR D 407 2.17 -6.22 19.37
CA TYR D 407 1.35 -5.87 18.20
C TYR D 407 1.83 -4.61 17.47
N ASP D 408 0.96 -3.62 17.35
CA ASP D 408 1.34 -2.34 16.69
C ASP D 408 2.23 -1.40 17.50
N PHE D 409 2.37 -1.72 18.80
CA PHE D 409 3.15 -0.90 19.69
C PHE D 409 4.58 -1.39 19.72
N SER D 410 4.84 -2.48 19.00
CA SER D 410 6.17 -3.10 18.87
C SER D 410 7.34 -2.12 18.67
N GLY D 411 7.22 -1.21 17.71
CA GLY D 411 8.29 -0.25 17.46
C GLY D 411 8.56 0.68 18.62
N GLN D 412 7.47 1.20 19.19
CA GLN D 412 7.52 2.11 20.33
C GLN D 412 8.10 1.47 21.58
N PHE D 413 7.67 0.24 21.83
CA PHE D 413 8.08 -0.51 22.98
C PHE D 413 9.57 -0.80 22.86
N ALA D 414 10.00 -1.21 21.67
CA ALA D 414 11.40 -1.58 21.45
C ALA D 414 12.34 -0.40 21.63
N PHE D 415 11.88 0.78 21.23
CA PHE D 415 12.65 2.00 21.41
C PHE D 415 12.70 2.46 22.87
N HIS D 416 11.54 2.53 23.51
CA HIS D 416 11.47 3.05 24.86
C HIS D 416 11.82 1.99 25.91
N VAL D 417 11.26 0.80 25.80
CA VAL D 417 11.55 -0.21 26.79
C VAL D 417 12.77 -1.06 26.43
N GLY D 418 12.89 -1.47 25.17
CA GLY D 418 14.06 -2.21 24.76
C GLY D 418 14.25 -3.59 25.39
N LEU D 419 13.15 -4.19 25.83
CA LEU D 419 13.18 -5.58 26.29
C LEU D 419 12.26 -6.43 25.42
N PRO D 420 12.60 -7.71 25.23
CA PRO D 420 11.68 -8.64 24.58
C PRO D 420 10.41 -8.84 25.38
N ALA D 421 9.25 -8.78 24.74
CA ALA D 421 8.00 -8.95 25.46
C ALA D 421 6.97 -9.56 24.57
N LYS D 422 5.95 -10.17 25.14
CA LYS D 422 4.81 -10.60 24.34
C LYS D 422 3.52 -10.41 25.10
N SER D 423 2.63 -9.64 24.50
CA SER D 423 1.37 -9.32 25.15
C SER D 423 0.25 -10.22 24.65
N GLY D 424 -0.83 -10.30 25.42
CA GLY D 424 -1.99 -11.10 25.04
C GLY D 424 -3.25 -10.35 25.42
N VAL D 425 -4.37 -10.74 24.82
CA VAL D 425 -5.65 -10.02 24.96
C VAL D 425 -6.31 -10.22 26.36
N ALA D 426 -5.83 -11.25 27.06
CA ALA D 426 -6.19 -11.49 28.45
C ALA D 426 -5.55 -10.50 29.41
N GLY D 427 -4.68 -9.62 28.90
CA GLY D 427 -4.00 -8.62 29.72
C GLY D 427 -2.61 -8.98 30.28
N GLY D 428 -2.02 -10.07 29.81
CA GLY D 428 -0.69 -10.46 30.25
C GLY D 428 0.41 -9.82 29.43
N ILE D 429 1.56 -9.62 30.04
CA ILE D 429 2.76 -9.24 29.30
C ILE D 429 3.95 -10.10 29.73
N LEU D 430 4.40 -10.96 28.86
CA LEU D 430 5.53 -11.82 29.16
C LEU D 430 6.85 -11.08 28.90
N LEU D 431 7.60 -10.78 29.94
CA LEU D 431 8.77 -9.91 29.81
C LEU D 431 10.10 -10.64 30.07
N VAL D 432 11.12 -10.34 29.27
CA VAL D 432 12.40 -10.98 29.49
C VAL D 432 13.51 -9.92 29.60
N VAL D 433 14.30 -10.01 30.66
CA VAL D 433 15.53 -9.25 30.77
C VAL D 433 16.64 -10.29 30.67
N PRO D 434 17.19 -10.49 29.48
CA PRO D 434 18.17 -11.55 29.21
C PRO D 434 19.30 -11.51 30.21
N ASN D 435 19.73 -12.68 30.67
CA ASN D 435 20.88 -12.85 31.58
C ASN D 435 20.56 -12.34 32.98
N VAL D 436 19.29 -11.99 33.20
CA VAL D 436 18.85 -11.44 34.47
C VAL D 436 17.55 -12.08 34.97
N MET D 437 16.43 -11.85 34.31
CA MET D 437 15.17 -12.35 34.83
C MET D 437 14.02 -12.41 33.83
N GLY D 438 12.97 -13.12 34.25
CA GLY D 438 11.74 -13.21 33.50
C GLY D 438 10.65 -12.57 34.32
N MET D 439 9.52 -12.27 33.68
CA MET D 439 8.40 -11.59 34.32
C MET D 439 7.07 -11.83 33.63
N MET D 440 6.01 -11.94 34.42
CA MET D 440 4.68 -11.80 33.88
C MET D 440 3.97 -10.70 34.64
N CYS D 441 3.49 -9.69 33.90
CA CYS D 441 2.55 -8.70 34.43
C CYS D 441 1.16 -9.07 33.98
N TRP D 442 0.17 -8.83 34.82
CA TRP D 442 -1.18 -9.13 34.42
C TRP D 442 -2.16 -8.11 34.97
N SER D 443 -3.08 -7.71 34.10
CA SER D 443 -4.06 -6.67 34.34
C SER D 443 -4.93 -6.64 33.08
N PRO D 444 -6.16 -7.15 33.18
CA PRO D 444 -7.12 -7.36 32.09
C PRO D 444 -7.48 -6.17 31.19
N PRO D 445 -7.54 -4.92 31.73
CA PRO D 445 -7.91 -3.82 30.80
C PRO D 445 -6.83 -3.49 29.77
N LEU D 446 -7.19 -3.50 28.49
CA LEU D 446 -6.25 -3.23 27.39
C LEU D 446 -6.36 -1.79 26.93
N ASP D 447 -5.34 -1.26 26.25
CA ASP D 447 -5.47 0.03 25.58
C ASP D 447 -5.95 -0.15 24.14
N LYS D 448 -6.02 0.94 23.38
CA LYS D 448 -6.48 0.85 21.99
C LYS D 448 -5.59 -0.05 21.12
N MET D 449 -4.37 -0.27 21.58
CA MET D 449 -3.40 -1.08 20.88
C MET D 449 -3.56 -2.58 21.15
N GLY D 450 -4.14 -2.92 22.29
CA GLY D 450 -4.34 -4.32 22.67
C GLY D 450 -3.54 -4.76 23.91
N ASN D 451 -2.76 -3.82 24.43
CA ASN D 451 -1.84 -4.07 25.52
C ASN D 451 -2.39 -3.69 26.89
N SER D 452 -2.14 -4.54 27.87
CA SER D 452 -2.49 -4.22 29.24
C SER D 452 -1.90 -2.86 29.65
N VAL D 453 -2.79 -1.95 30.06
CA VAL D 453 -2.42 -0.60 30.45
C VAL D 453 -1.46 -0.56 31.63
N LYS D 454 -1.79 -1.27 32.70
CA LYS D 454 -0.90 -1.32 33.85
C LYS D 454 0.38 -2.00 33.43
N GLY D 455 0.28 -3.03 32.61
CA GLY D 455 1.44 -3.74 32.12
C GLY D 455 2.42 -2.76 31.53
N ILE D 456 1.98 -2.06 30.48
CA ILE D 456 2.82 -1.10 29.77
C ILE D 456 3.47 -0.09 30.69
N HIS D 457 2.66 0.55 31.51
CA HIS D 457 3.16 1.50 32.49
C HIS D 457 4.32 0.90 33.27
N PHE D 458 4.13 -0.32 33.77
CA PHE D 458 5.14 -0.99 34.58
C PHE D 458 6.44 -1.16 33.81
N CYS D 459 6.35 -1.56 32.54
CA CYS D 459 7.55 -1.80 31.74
C CYS D 459 8.37 -0.54 31.52
N HIS D 460 7.71 0.59 31.30
CA HIS D 460 8.43 1.83 31.14
C HIS D 460 9.13 2.21 32.44
N ASP D 461 8.41 2.10 33.55
CA ASP D 461 8.97 2.48 34.84
C ASP D 461 10.16 1.64 35.21
N LEU D 462 10.06 0.34 34.96
CA LEU D 462 11.18 -0.57 35.19
C LEU D 462 12.44 -0.08 34.52
N VAL D 463 12.33 0.31 33.26
CA VAL D 463 13.53 0.66 32.53
C VAL D 463 13.92 2.12 32.80
N SER D 464 12.98 2.94 33.27
CA SER D 464 13.34 4.27 33.77
C SER D 464 14.32 4.11 34.90
N LEU D 465 14.01 3.16 35.78
CA LEU D 465 14.70 2.94 37.04
C LEU D 465 15.99 2.17 36.88
N CYS D 466 15.98 1.11 36.06
CA CYS D 466 17.14 0.23 35.95
C CYS D 466 17.75 0.22 34.55
N ASN D 467 19.06 0.03 34.47
CA ASN D 467 19.73 -0.10 33.17
C ASN D 467 19.46 -1.47 32.52
N PHE D 468 18.20 -1.79 32.30
CA PHE D 468 17.87 -3.07 31.71
C PHE D 468 17.56 -2.98 30.22
N HIS D 469 17.38 -1.76 29.72
CA HIS D 469 17.24 -1.54 28.29
C HIS D 469 18.40 -2.23 27.57
N ASN D 470 18.07 -2.95 26.51
CA ASN D 470 19.03 -3.59 25.63
C ASN D 470 20.32 -2.81 25.30
N TYR D 471 20.20 -1.48 25.21
CA TYR D 471 21.33 -0.65 24.81
C TYR D 471 21.67 0.40 25.87
N ASP D 472 21.25 0.11 27.10
CA ASP D 472 21.77 0.84 28.25
C ASP D 472 23.21 0.37 28.39
N ASN D 473 24.10 1.22 28.88
CA ASN D 473 25.47 0.78 29.11
C ASN D 473 25.66 0.21 30.51
N LEU D 474 26.41 -0.89 30.62
CA LEU D 474 26.64 -1.49 31.94
C LEU D 474 27.68 -0.71 32.76
N ARG D 475 28.52 0.09 32.11
CA ARG D 475 29.52 0.89 32.83
C ARG D 475 29.11 2.36 33.01
N HIS D 476 28.41 2.93 32.04
CA HIS D 476 27.95 4.30 32.17
C HIS D 476 26.44 4.41 31.96
N PHE D 477 25.72 4.49 33.08
CA PHE D 477 24.27 4.55 33.00
C PHE D 477 23.68 5.72 33.76
N ALA D 478 24.46 6.77 33.89
CA ALA D 478 23.94 8.00 34.48
C ALA D 478 23.30 7.76 35.85
N LYS D 479 22.04 8.19 35.97
CA LYS D 479 21.33 8.20 37.24
C LYS D 479 20.44 6.98 37.42
N LYS D 480 20.54 6.02 36.50
CA LYS D 480 19.82 4.76 36.69
C LYS D 480 20.44 3.94 37.82
N LEU D 481 19.72 2.92 38.23
CA LEU D 481 20.13 1.99 39.26
C LEU D 481 20.53 0.67 38.60
N ASP D 482 21.58 -0.01 39.06
CA ASP D 482 21.91 -1.32 38.49
C ASP D 482 21.81 -2.41 39.55
N PRO D 483 20.79 -3.29 39.45
CA PRO D 483 20.57 -4.31 40.48
C PRO D 483 21.59 -5.44 40.45
N ARG D 484 22.48 -5.44 39.46
CA ARG D 484 23.50 -6.47 39.38
C ARG D 484 24.75 -6.20 40.22
N ARG D 485 24.83 -5.05 40.87
CA ARG D 485 26.01 -4.71 41.68
C ARG D 485 25.68 -4.49 43.16
N GLU D 486 26.68 -4.67 44.02
CA GLU D 486 26.50 -4.43 45.46
C GLU D 486 26.53 -2.93 45.80
N GLY D 487 27.29 -2.59 46.84
CA GLY D 487 27.39 -1.22 47.36
C GLY D 487 28.19 -0.29 46.43
#